data_6UH5
#
_entry.id   6UH5
#
_cell.length_a   1.00
_cell.length_b   1.00
_cell.length_c   1.00
_cell.angle_alpha   90.00
_cell.angle_beta   90.00
_cell.angle_gamma   90.00
#
_symmetry.space_group_name_H-M   'P 1'
#
loop_
_entity.id
_entity.type
_entity.pdbx_description
1 polymer 'Histone H3'
2 polymer 'Histone H4'
3 polymer 'Histone H2A'
4 polymer 'Histone H2B'
5 polymer 'Histone H2B'
6 polymer 'DNA (146-MER)'
7 polymer 'DNA (146-MER)'
8 polymer Swd3
9 polymer 'Histone-lysine N-methyltransferase, H3 lysine-4 specific'
10 polymer Swd1
11 polymer Ubiquitin
12 polymer 'H3 N-terminus'
13 polymer Spp1
14 polymer Bre2
15 polymer Sdc1
16 non-polymer 'ZINC ION'
17 non-polymer S-ADENOSYLMETHIONINE
#
loop_
_entity_poly.entity_id
_entity_poly.type
_entity_poly.pdbx_seq_one_letter_code
_entity_poly.pdbx_strand_id
1 'polypeptide(L)'
;ARTKQTARKSTGGKAPRKQLATKAARKSAPATGGVKKPHRYRPGTVALREIRRYQKSTELLIRKLPFQRLVREIAQDFKT
DLRFQSSAVMALQEASEAYLVGLFEDTNLCGIHAKRVTIMPKDIQLARRIRGERA
;
A,E
2 'polypeptide(L)'
;SGRGKGGKGLGKGGAKRHRKVLRDNIQGITKPAIRRLARRGGVKRISGLIYEETRGVLKVFLENVIRDAVTYTEHAKRKT
VTAMDVVYALKRQGRTLYGFGG
;
B,F
3 'polypeptide(L)'
;AKAKTRSSRAGLQFPVGRVHRLLRKGNYAERVGAGAPVYLAAVLEYLTAEILELAGNAARDNKKTRIIPRHLQLAVRNDE
ELNKLLGRVTIAQGGVLPNIQSVLLPK
;
C,G
4 'polypeptide(L)'
;PEPAKSAPAPKKGSKKAVTKTQKKDGKKRRKTRKESYAIYVYKVLKQVHPDTGISSKAMSIMNSFVNDVFERIAGEASRL
AHYNKRSTITSREIQTAVRLLLPGELAKHAVSEGTKAVTKYTSAK
;
D
5 'polypeptide(L)'
;PEPAKSAPAPKKGSKKAVTKTQKKDGKKRRKTRKESYAIYVYKVLKQVHPDTGISSKAMSIMNSFVNDVFERIAGEASRL
AHYNKRSTITSREIQTAVRLLLPGELAKHAVSEGTKAVTCYTSAK
;
H
6 'polydeoxyribonucleotide'
;(DT)(DC)(DG)(DA)(DG)(DA)(DA)(DT)(DC)(DC)(DC)(DG)(DG)(DT)(DG)(DC)(DC)(DG)(DA)(DG)
(DG)(DC)(DC)(DG)(DC)(DT)(DC)(DA)(DA)(DT)(DT)(DG)(DG)(DT)(DC)(DG)(DT)(DA)(DG)(DA)
(DC)(DA)(DG)(DC)(DT)(DC)(DT)(DA)(DG)(DC)(DA)(DC)(DC)(DG)(DC)(DT)(DT)(DA)(DA)(DA)
(DC)(DG)(DC)(DA)(DC)(DG)(DT)(DA)(DC)(DG)(DC)(DG)(DC)(DT)(DG)(DT)(DC)(DC)(DC)(DC)
(DC)(DG)(DC)(DG)(DT)(DT)(DT)(DT)(DA)(DA)(DC)(DC)(DG)(DC)(DC)(DA)(DA)(DG)(DG)(DG)
(DG)(DA)(DT)(DT)(DA)(DC)(DT)(DC)(DC)(DC)(DT)(DA)(DG)(DT)(DC)(DT)(DC)(DC)(DA)(DG)
(DG)(DC)(DA)(DC)(DG)(DT)(DG)(DT)(DC)(DA)(DG)(DA)(DT)(DA)(DT)(DA)(DT)(DA)(DC)(DA)
(DT)(DC)(DC)(DG)(DA)(DT)
;
I
7 'polydeoxyribonucleotide'
;(DA)(DT)(DC)(DG)(DG)(DA)(DT)(DG)(DT)(DA)(DT)(DA)(DT)(DA)(DT)(DC)(DT)(DG)(DA)(DC)
(DA)(DC)(DG)(DT)(DG)(DC)(DC)(DT)(DG)(DG)(DA)(DG)(DA)(DC)(DT)(DA)(DG)(DG)(DG)(DA)
(DG)(DT)(DA)(DA)(DT)(DC)(DC)(DC)(DC)(DT)(DT)(DG)(DG)(DC)(DG)(DG)(DT)(DT)(DA)(DA)
(DA)(DA)(DC)(DG)(DC)(DG)(DG)(DG)(DG)(DG)(DA)(DC)(DA)(DG)(DC)(DG)(DC)(DG)(DT)(DA)
(DC)(DG)(DT)(DG)(DC)(DG)(DT)(DT)(DT)(DA)(DA)(DG)(DC)(DG)(DG)(DT)(DG)(DC)(DT)(DA)
(DG)(DA)(DG)(DC)(DT)(DG)(DT)(DC)(DT)(DA)(DC)(DG)(DA)(DC)(DC)(DA)(DA)(DT)(DT)(DG)
(DA)(DG)(DC)(DG)(DG)(DC)(DC)(DT)(DC)(DG)(DG)(DC)(DA)(DC)(DC)(DG)(DG)(DG)(DA)(DT)
(DT)(DC)(DT)(DC)(DG)(DA)
;
J
8 'polypeptide(L)'
;MCDLDSVSDLTLTLRMLQFDKQVLPASGKISTSCQISPDGELIAICQNTDMLVYEISSSKMMKLTTTHKECINCLCWSPD
SKCIASGSEDFTVEITHIIYGRIRRLMGHTAPVISICYNNKGNILCSSSMDESIKEWHVLSGTALKTMSAHSDAVVSIDI
PKFDSSILSSGSYDGLIRIFDTESGHCLKTLTYDKDWIAEDGVVPISTVKFSRNGKFLLVKSLDNVVKLWEYTRGTVVRT
FLWPHQETKAKLKYNCGLELIYPQGKDPLVISGNDSGSMCVWNVYSKNLVQKIDEKHRNSPLISISASYDKVATLSLNGE
CNLFRVH
;
K
9 'polypeptide(L)'
;YQQIEQNGIIRDNQIALNEKEFDSTLASTTGSFIAEGFKKIPDKLKSSYLLHHRRLAQPLNTVHNHQEQNFMALNGTEST
NQEADLEQDNHNASSRLNRVFQRRFQQDIEAQRAAIGFESDLLSLNQLTKRKKPVTFARSAIHNWGLYALEPIAAKEMII
EYVGESIRQPVAEMREKRYIKSGIGSSYLFRIDENTVIDATKRGGIARFINHCCEPSCTAKIIKVDGRKRIVIYALRDIG
TNEELTYDYKFERETDEGERLPCLCGAPSCKGFLN
;
M
10 'polypeptide(L)'
;MANLLLQDPFGVLKEYPEKLTHTLEVPVAAVCVKFSPRGDYLAVGCSNGAIIIYDMDSLKPIAMLGTHSGAHTRSVQSVC
WSNDGRYLWSSGRDWYAKLWDMTQPTKCFQQYKFDGPLWSCHVVRWNVCIVTVVEEPTAYVLTLTDRQNAFHCFPLLEQD
QDISGHGYTLVACPHPTIESIIITGTSKGWINAFQLDLESGFEDKIRCCYEEKIANANIKQIIISPSGTRIAINGSDRTI
RQYQLIVEDNESEGGSSHSVSIELEHKYQDIINRLQWNTIFFSNHSGEYLVASAHGSSAHDLYLWETSSGSLVRVLEGAD
EELLDIDWNFYSMRIASNGFESGWVYMWSIVIPPKWSALAPDFEEVEENIDYQEKENEFDIMDDDNNLQAMTEAEEIAID
LCTPEKYDVRGNDISMPSFVIPIDYEGVIIQQHWAHQEQ
;
N
11 'polypeptide(L)' MQIFVKTLTGKTITLEVEPSDTIENVKAKIQDKEGIPPDQQRLIFAGKQLEDGRTLSDYNIQKESTLHLVLRLRGC Q
12 'polypeptide(L)' ARTMQTAR R
13 'polypeptide(L)'
;MSLPSWCPRYDSRKHDPKTGEEVYCICKKPDTGELMVGCDGCDDWFHFSCLKIPEKYRDLVFSFYCSYCSAGITGPALIN
GGKLPKTLWKRKCRLPECYTECDANSRSKYCSKKHAVQYVQSIVDKLNLPGVDKIALLRQLLNETTSLEEFKTLGRDKLP
EVTSPLSKDQYSKLLENDQHLNKLINEHDELVSVKLSKLNEEDAVIEKYVNWIGEVNERLSPHFNQPTGRKKSKSASKVT
ICGYHNEFTIPRSVEEFLDKLLQLKEDENSNITSVDGVCVKTKCAKHQDWITLSQNDLSEQKDSLENVKRRLDLLISVRT
NQLRISFFEQEMSNRVLPGVKT
;
X
14 'polypeptide(L)'
;MSVPVIPYLDYDIVDLGSDIKKPDFPQLSESHRINEQQYYITEDTPLNKRNFMYQPCAANLMLDKLKYCGTDYFDKSSIN
LMDRSDKLAFSLDDHSVSVSENCGWRSVRSDVCMKEGKIYWEVEVKNVSDTSHIRCGISRREASTETPVGCDFYGYSIRD
KGLQVIHEGRLHTVLKPHEMQAGDRIGFLLTLPSLQSQSEQAMDYSLKRIQELNNDDSRTNKRNKKFNKEFYKFLLRSCE
PTNVVRDQIAIRYKNQLFYESTDYVKTTKPEYYDNRDDMQKFYELENSSFEVFVNGVSHGIAFEGLTPFLPPFSELQYNE
KFYLHHWNKRNVTKGIEIRNKYVNNNRLGYYATLSSFQGGTASIITEAMELKFLPKDVDIKTLNDIYNEQIASDIVWDLI
DEIDT
;
L
15 'polypeptide(L)'
;MSEPVMENMAPEDVVKLEKEEHIVPDIGVSSISTTEPLSPSGIPRESSGTVTSATAATTEREVSPKKELQIDHDRVDPVA
MIGGSTTRRYLNEHVTKHLLEGMKLIAREKPEDPLRVLGQFLIDASEMNQKPSS
;
O,P
#
# COMPACT_ATOMS: atom_id res chain seq x y z
N LYS A 37 -13.92 -18.95 -51.66
CA LYS A 37 -12.65 -18.75 -50.98
C LYS A 37 -12.79 -18.95 -49.48
N PRO A 38 -11.98 -19.85 -48.91
CA PRO A 38 -12.13 -20.19 -47.49
C PRO A 38 -11.69 -19.10 -46.53
N HIS A 39 -11.68 -19.43 -45.24
CA HIS A 39 -11.15 -18.54 -44.23
C HIS A 39 -9.63 -18.55 -44.27
N ARG A 40 -9.05 -17.60 -44.99
CA ARG A 40 -7.61 -17.41 -45.02
C ARG A 40 -7.23 -16.30 -44.05
N TYR A 41 -6.24 -16.57 -43.20
CA TYR A 41 -5.72 -15.53 -42.34
C TYR A 41 -4.83 -14.60 -43.14
N ARG A 42 -4.89 -13.31 -42.83
CA ARG A 42 -4.04 -12.29 -43.44
C ARG A 42 -2.58 -12.58 -43.14
N PRO A 43 -1.65 -12.15 -43.99
CA PRO A 43 -0.24 -12.39 -43.68
C PRO A 43 0.27 -11.50 -42.56
N GLY A 44 0.50 -12.11 -41.41
CA GLY A 44 0.93 -11.35 -40.26
C GLY A 44 0.23 -11.74 -38.99
N THR A 45 -1.00 -12.23 -39.08
CA THR A 45 -1.81 -12.49 -37.90
C THR A 45 -1.75 -13.96 -37.53
N VAL A 46 -0.76 -14.66 -38.03
CA VAL A 46 -0.30 -15.89 -37.42
C VAL A 46 1.07 -15.69 -36.81
N ALA A 47 1.84 -14.72 -37.29
CA ALA A 47 3.05 -14.29 -36.63
C ALA A 47 2.70 -13.76 -35.24
N LEU A 48 1.88 -12.71 -35.17
CA LEU A 48 1.48 -12.14 -33.89
C LEU A 48 0.60 -13.04 -33.03
N ARG A 49 0.27 -14.24 -33.50
CA ARG A 49 -0.23 -15.24 -32.60
C ARG A 49 0.89 -16.14 -32.10
N GLU A 50 1.78 -16.54 -32.99
CA GLU A 50 2.88 -17.40 -32.59
C GLU A 50 3.88 -16.67 -31.71
N ILE A 51 3.97 -15.35 -31.84
CA ILE A 51 4.71 -14.56 -30.86
C ILE A 51 4.07 -14.73 -29.49
N ARG A 52 2.81 -14.36 -29.34
CA ARG A 52 2.17 -14.34 -28.03
C ARG A 52 1.98 -15.74 -27.46
N ARG A 53 2.03 -16.77 -28.29
CA ARG A 53 2.00 -18.11 -27.74
C ARG A 53 3.36 -18.51 -27.17
N TYR A 54 4.43 -18.25 -27.92
CA TYR A 54 5.73 -18.78 -27.54
C TYR A 54 6.36 -17.97 -26.43
N GLN A 55 6.13 -16.65 -26.39
CA GLN A 55 6.60 -15.84 -25.29
C GLN A 55 5.94 -16.23 -23.97
N LYS A 56 4.79 -16.88 -24.02
CA LYS A 56 3.99 -17.21 -22.86
C LYS A 56 4.23 -18.64 -22.40
N SER A 57 5.18 -19.32 -23.00
CA SER A 57 5.50 -20.68 -22.58
C SER A 57 7.00 -20.82 -22.48
N THR A 58 7.43 -21.91 -21.83
CA THR A 58 8.77 -22.00 -21.27
C THR A 58 9.54 -23.15 -21.86
N GLU A 59 8.83 -24.04 -22.55
CA GLU A 59 9.37 -25.31 -23.03
C GLU A 59 10.55 -25.11 -23.98
N LEU A 60 11.32 -26.17 -24.15
CA LEU A 60 12.46 -26.10 -25.04
C LEU A 60 12.01 -26.10 -26.49
N LEU A 61 12.68 -25.31 -27.31
CA LEU A 61 12.20 -25.04 -28.66
C LEU A 61 13.04 -25.68 -29.74
N ILE A 62 14.03 -26.47 -29.39
CA ILE A 62 14.83 -27.21 -30.35
C ILE A 62 14.73 -28.66 -29.93
N ARG A 63 14.30 -29.53 -30.85
CA ARG A 63 14.09 -30.95 -30.56
C ARG A 63 15.36 -31.58 -30.03
N LYS A 64 15.19 -32.43 -29.02
CA LYS A 64 16.30 -32.83 -28.16
C LYS A 64 17.29 -33.74 -28.88
N LEU A 65 16.82 -34.61 -29.74
CA LEU A 65 17.71 -35.52 -30.44
C LEU A 65 18.53 -34.80 -31.52
N PRO A 66 18.00 -33.89 -32.37
CA PRO A 66 18.90 -33.12 -33.23
C PRO A 66 19.75 -32.07 -32.52
N PHE A 67 19.62 -31.94 -31.20
CA PHE A 67 20.56 -31.15 -30.45
C PHE A 67 21.58 -31.99 -29.73
N GLN A 68 21.20 -33.15 -29.21
CA GLN A 68 22.18 -34.03 -28.62
C GLN A 68 23.17 -34.51 -29.68
N ARG A 69 22.68 -34.81 -30.87
CA ARG A 69 23.59 -35.19 -31.94
C ARG A 69 24.37 -34.04 -32.53
N LEU A 70 24.13 -32.80 -32.10
CA LEU A 70 24.96 -31.68 -32.52
C LEU A 70 26.08 -31.42 -31.55
N VAL A 71 25.79 -31.52 -30.25
CA VAL A 71 26.80 -31.31 -29.23
C VAL A 71 27.89 -32.37 -29.34
N ARG A 72 27.49 -33.63 -29.56
CA ARG A 72 28.46 -34.70 -29.61
C ARG A 72 29.33 -34.62 -30.85
N GLU A 73 28.85 -34.00 -31.91
CA GLU A 73 29.71 -33.69 -33.04
C GLU A 73 30.74 -32.63 -32.67
N ILE A 74 30.30 -31.51 -32.10
CA ILE A 74 31.22 -30.42 -31.80
C ILE A 74 32.16 -30.79 -30.67
N ALA A 75 31.77 -31.70 -29.80
CA ALA A 75 32.69 -32.11 -28.76
C ALA A 75 33.75 -33.07 -29.26
N GLN A 76 33.53 -33.69 -30.43
CA GLN A 76 34.51 -34.61 -30.97
C GLN A 76 35.83 -33.92 -31.30
N ASP A 77 35.76 -32.67 -31.76
CA ASP A 77 36.95 -31.95 -32.21
C ASP A 77 37.94 -31.62 -31.10
N PHE A 78 37.59 -31.85 -29.85
CA PHE A 78 38.44 -31.54 -28.72
C PHE A 78 38.83 -32.76 -27.93
N LYS A 79 37.97 -33.75 -27.84
CA LYS A 79 38.37 -35.02 -27.28
C LYS A 79 37.58 -36.06 -28.03
N THR A 80 38.17 -37.23 -28.20
CA THR A 80 37.43 -38.36 -28.73
C THR A 80 36.94 -39.18 -27.56
N ASP A 81 35.80 -39.84 -27.77
CA ASP A 81 35.16 -40.73 -26.80
C ASP A 81 34.77 -39.99 -25.53
N LEU A 82 33.82 -39.06 -25.68
CA LEU A 82 33.26 -38.31 -24.56
C LEU A 82 31.85 -38.76 -24.32
N ARG A 83 31.60 -39.29 -23.14
CA ARG A 83 30.23 -39.43 -22.69
C ARG A 83 29.74 -38.10 -22.14
N PHE A 84 28.46 -37.84 -22.31
CA PHE A 84 27.85 -36.62 -21.80
C PHE A 84 26.83 -37.02 -20.76
N GLN A 85 26.89 -36.39 -19.59
CA GLN A 85 25.81 -36.50 -18.64
C GLN A 85 24.53 -36.02 -19.27
N SER A 86 23.44 -36.73 -19.02
CA SER A 86 22.15 -36.41 -19.59
C SER A 86 21.70 -35.01 -19.23
N SER A 87 21.98 -34.59 -18.00
CA SER A 87 21.70 -33.23 -17.59
C SER A 87 22.54 -32.22 -18.34
N ALA A 88 23.77 -32.56 -18.67
CA ALA A 88 24.69 -31.59 -19.25
C ALA A 88 24.52 -31.45 -20.74
N VAL A 89 23.53 -32.10 -21.32
CA VAL A 89 23.07 -31.71 -22.64
C VAL A 89 21.90 -30.76 -22.53
N MET A 90 21.03 -31.02 -21.56
CA MET A 90 19.99 -30.06 -21.21
C MET A 90 20.60 -28.75 -20.77
N ALA A 91 21.62 -28.82 -19.92
CA ALA A 91 22.33 -27.62 -19.45
C ALA A 91 23.02 -26.88 -20.56
N LEU A 92 23.36 -27.54 -21.65
CA LEU A 92 23.85 -26.83 -22.81
C LEU A 92 22.72 -26.23 -23.60
N GLN A 93 21.61 -26.96 -23.68
CA GLN A 93 20.49 -26.54 -24.49
C GLN A 93 19.80 -25.34 -23.87
N GLU A 94 19.77 -25.27 -22.55
CA GLU A 94 19.07 -24.18 -21.90
C GLU A 94 19.82 -22.86 -22.00
N ALA A 95 21.10 -22.90 -22.30
CA ALA A 95 21.86 -21.67 -22.45
C ALA A 95 22.00 -21.24 -23.89
N SER A 96 21.96 -22.18 -24.83
CA SER A 96 22.05 -21.80 -26.22
C SER A 96 20.74 -21.20 -26.68
N GLU A 97 19.63 -21.82 -26.33
CA GLU A 97 18.31 -21.27 -26.65
C GLU A 97 17.99 -20.00 -25.92
N ALA A 98 18.72 -19.64 -24.89
CA ALA A 98 18.52 -18.36 -24.26
C ALA A 98 19.57 -17.37 -24.73
N TYR A 99 20.53 -17.81 -25.52
CA TYR A 99 21.40 -16.89 -26.23
C TYR A 99 20.69 -16.34 -27.45
N LEU A 100 20.21 -17.24 -28.30
CA LEU A 100 19.60 -16.85 -29.57
C LEU A 100 18.36 -16.00 -29.36
N VAL A 101 17.54 -16.34 -28.37
CA VAL A 101 16.39 -15.53 -28.04
C VAL A 101 16.82 -14.15 -27.58
N GLY A 102 17.86 -14.10 -26.74
CA GLY A 102 18.42 -12.81 -26.38
C GLY A 102 19.14 -12.14 -27.53
N LEU A 103 19.49 -12.89 -28.57
CA LEU A 103 20.02 -12.28 -29.77
C LEU A 103 18.93 -11.78 -30.68
N PHE A 104 17.82 -12.48 -30.76
CA PHE A 104 16.76 -12.08 -31.67
C PHE A 104 15.97 -10.91 -31.12
N GLU A 105 15.95 -10.73 -29.81
CA GLU A 105 15.49 -9.47 -29.25
C GLU A 105 16.41 -8.34 -29.65
N ASP A 106 17.72 -8.57 -29.55
CA ASP A 106 18.69 -7.57 -29.95
C ASP A 106 18.77 -7.41 -31.44
N THR A 107 18.46 -8.44 -32.22
CA THR A 107 18.43 -8.33 -33.67
C THR A 107 17.28 -7.44 -34.12
N ASN A 108 16.06 -7.79 -33.68
CA ASN A 108 14.84 -7.14 -34.14
C ASN A 108 14.81 -5.65 -33.84
N LEU A 109 15.55 -5.21 -32.83
CA LEU A 109 15.67 -3.78 -32.60
C LEU A 109 16.41 -3.09 -33.72
N CYS A 110 17.34 -3.79 -34.37
CA CYS A 110 18.08 -3.15 -35.44
C CYS A 110 17.23 -3.02 -36.68
N GLY A 111 16.42 -4.02 -36.98
CA GLY A 111 15.48 -4.00 -38.08
C GLY A 111 14.53 -2.83 -37.95
N ILE A 112 13.86 -2.74 -36.81
CA ILE A 112 12.97 -1.63 -36.48
C ILE A 112 13.69 -0.29 -36.58
N HIS A 113 14.96 -0.27 -36.20
CA HIS A 113 15.74 0.96 -36.31
C HIS A 113 16.03 1.30 -37.76
N ALA A 114 16.06 0.32 -38.65
CA ALA A 114 16.33 0.59 -40.04
C ALA A 114 15.07 0.80 -40.86
N LYS A 115 13.93 0.97 -40.17
CA LYS A 115 12.59 1.06 -40.76
C LYS A 115 12.30 -0.15 -41.64
N ARG A 116 12.28 -1.29 -40.99
CA ARG A 116 11.91 -2.55 -41.59
C ARG A 116 11.06 -3.29 -40.58
N VAL A 117 10.55 -4.45 -40.98
CA VAL A 117 9.96 -5.41 -40.05
C VAL A 117 10.51 -6.79 -40.38
N THR A 118 11.58 -6.84 -41.15
CA THR A 118 12.16 -8.10 -41.58
C THR A 118 13.60 -8.14 -41.09
N ILE A 119 13.97 -9.19 -40.37
CA ILE A 119 15.36 -9.30 -39.97
C ILE A 119 16.15 -10.04 -41.04
N MET A 120 17.28 -9.49 -41.40
CA MET A 120 18.12 -9.99 -42.48
C MET A 120 19.50 -10.18 -41.88
N PRO A 121 20.39 -10.92 -42.54
CA PRO A 121 21.70 -11.13 -41.91
C PRO A 121 22.58 -9.90 -41.85
N LYS A 122 22.18 -8.76 -42.36
CA LYS A 122 22.89 -7.54 -42.03
C LYS A 122 22.37 -6.92 -40.75
N ASP A 123 21.50 -7.63 -40.03
CA ASP A 123 21.01 -7.22 -38.72
C ASP A 123 21.61 -8.06 -37.61
N ILE A 124 21.68 -9.38 -37.79
CA ILE A 124 22.43 -10.22 -36.86
C ILE A 124 23.87 -9.75 -36.74
N GLN A 125 24.50 -9.48 -37.86
CA GLN A 125 25.89 -9.05 -37.82
C GLN A 125 26.06 -7.61 -37.43
N LEU A 126 25.03 -6.94 -36.99
CA LEU A 126 25.27 -5.70 -36.30
C LEU A 126 25.15 -5.89 -34.80
N ALA A 127 24.13 -6.62 -34.35
CA ALA A 127 23.98 -6.93 -32.94
C ALA A 127 25.18 -7.69 -32.38
N ARG A 128 25.81 -8.52 -33.19
CA ARG A 128 27.01 -9.17 -32.72
C ARG A 128 28.19 -8.23 -32.74
N ARG A 129 28.22 -7.32 -33.71
CA ARG A 129 29.34 -6.40 -33.78
C ARG A 129 29.26 -5.38 -32.66
N ILE A 130 28.07 -4.91 -32.32
CA ILE A 130 27.95 -3.89 -31.28
C ILE A 130 28.20 -4.48 -29.91
N ARG A 131 27.74 -5.70 -29.66
CA ARG A 131 28.02 -6.34 -28.39
C ARG A 131 29.45 -6.83 -28.24
N GLY A 132 30.28 -6.70 -29.27
CA GLY A 132 31.63 -7.19 -29.19
C GLY A 132 31.87 -8.68 -29.24
N GLU A 133 31.16 -9.35 -30.11
CA GLU A 133 31.38 -10.76 -30.37
C GLU A 133 32.05 -11.14 -31.67
N ARG A 134 31.88 -10.34 -32.73
CA ARG A 134 32.59 -10.53 -33.98
C ARG A 134 33.09 -9.19 -34.50
N LYS B 20 30.71 -44.24 -34.41
CA LYS B 20 30.91 -43.67 -35.73
C LYS B 20 31.19 -42.19 -35.60
N VAL B 21 31.78 -41.60 -36.63
CA VAL B 21 32.05 -40.16 -36.65
C VAL B 21 31.09 -39.51 -37.65
N LEU B 22 30.33 -38.53 -37.17
CA LEU B 22 29.30 -37.90 -37.98
C LEU B 22 29.70 -36.50 -38.44
N ARG B 23 28.98 -36.02 -39.44
CA ARG B 23 29.15 -34.68 -39.99
C ARG B 23 27.79 -34.10 -40.29
N ASP B 24 27.69 -32.77 -40.19
CA ASP B 24 26.54 -32.00 -40.65
C ASP B 24 25.27 -32.39 -39.88
N ASN B 25 25.37 -32.43 -38.56
CA ASN B 25 24.18 -32.57 -37.75
C ASN B 25 23.50 -31.23 -37.56
N ILE B 26 24.19 -30.14 -37.90
CA ILE B 26 23.66 -28.81 -37.68
C ILE B 26 22.45 -28.51 -38.55
N GLN B 27 22.22 -29.26 -39.61
CA GLN B 27 20.96 -29.12 -40.33
C GLN B 27 19.81 -29.77 -39.59
N GLY B 28 20.06 -30.37 -38.43
CA GLY B 28 19.01 -30.80 -37.55
C GLY B 28 18.47 -29.63 -36.75
N ILE B 29 19.23 -28.54 -36.67
CA ILE B 29 18.67 -27.33 -36.09
C ILE B 29 17.83 -26.72 -37.20
N THR B 30 16.57 -27.09 -37.22
CA THR B 30 15.76 -27.02 -38.42
C THR B 30 15.06 -25.68 -38.53
N LYS B 31 14.64 -25.37 -39.76
CA LYS B 31 14.05 -24.08 -40.13
C LYS B 31 12.84 -23.65 -39.30
N PRO B 32 11.94 -24.52 -38.85
CA PRO B 32 10.95 -24.03 -37.89
C PRO B 32 11.57 -23.77 -36.55
N ALA B 33 12.45 -24.64 -36.08
CA ALA B 33 13.06 -24.46 -34.77
C ALA B 33 13.99 -23.26 -34.71
N ILE B 34 14.32 -22.66 -35.83
CA ILE B 34 14.90 -21.33 -35.82
C ILE B 34 13.81 -20.27 -35.76
N ARG B 35 12.70 -20.48 -36.46
CA ARG B 35 11.71 -19.43 -36.43
C ARG B 35 10.91 -19.42 -35.14
N ARG B 36 10.81 -20.55 -34.44
CA ARG B 36 10.17 -20.57 -33.13
C ARG B 36 10.96 -19.77 -32.12
N LEU B 37 12.28 -19.97 -32.09
CA LEU B 37 13.15 -19.14 -31.27
C LEU B 37 13.01 -17.69 -31.63
N ALA B 38 12.93 -17.42 -32.93
CA ALA B 38 12.73 -16.06 -33.41
C ALA B 38 11.41 -15.49 -32.95
N ARG B 39 10.35 -16.29 -33.01
CA ARG B 39 9.03 -15.88 -32.54
C ARG B 39 9.07 -15.50 -31.07
N ARG B 40 9.66 -16.38 -30.25
CA ARG B 40 9.78 -16.11 -28.82
C ARG B 40 10.57 -14.85 -28.53
N GLY B 41 11.59 -14.56 -29.33
CA GLY B 41 12.26 -13.29 -29.18
C GLY B 41 11.51 -12.16 -29.84
N GLY B 42 10.27 -12.38 -30.23
CA GLY B 42 9.50 -11.28 -30.73
C GLY B 42 9.84 -10.66 -32.05
N VAL B 43 10.03 -11.47 -33.07
CA VAL B 43 10.25 -10.92 -34.40
C VAL B 43 9.16 -11.46 -35.32
N LYS B 44 8.78 -10.63 -36.28
CA LYS B 44 7.56 -10.81 -37.03
C LYS B 44 7.76 -11.36 -38.42
N ARG B 45 8.76 -10.91 -39.15
CA ARG B 45 9.04 -11.44 -40.48
C ARG B 45 10.52 -11.77 -40.56
N ILE B 46 10.82 -12.95 -41.06
CA ILE B 46 12.17 -13.50 -41.05
C ILE B 46 12.59 -13.72 -42.49
N SER B 47 13.63 -13.01 -42.92
CA SER B 47 14.22 -13.27 -44.22
C SER B 47 14.81 -14.67 -44.29
N GLY B 48 14.60 -15.35 -45.41
CA GLY B 48 15.09 -16.70 -45.61
C GLY B 48 16.58 -16.93 -45.55
N LEU B 49 17.38 -15.87 -45.59
CA LEU B 49 18.82 -16.01 -45.44
C LEU B 49 19.24 -16.18 -43.99
N ILE B 50 18.33 -15.93 -43.05
CA ILE B 50 18.64 -16.03 -41.64
C ILE B 50 18.97 -17.46 -41.25
N TYR B 51 18.18 -18.42 -41.73
CA TYR B 51 18.21 -19.80 -41.24
C TYR B 51 19.53 -20.51 -41.38
N GLU B 52 20.46 -19.97 -42.15
CA GLU B 52 21.82 -20.48 -42.17
C GLU B 52 22.78 -19.58 -41.41
N GLU B 53 22.45 -18.30 -41.28
CA GLU B 53 23.25 -17.42 -40.45
C GLU B 53 23.15 -17.81 -38.98
N THR B 54 21.96 -18.19 -38.53
CA THR B 54 21.78 -18.59 -37.14
C THR B 54 22.49 -19.89 -36.85
N ARG B 55 22.45 -20.83 -37.77
CA ARG B 55 23.28 -22.02 -37.62
C ARG B 55 24.77 -21.72 -37.68
N GLY B 56 25.16 -20.55 -38.17
CA GLY B 56 26.54 -20.16 -38.13
C GLY B 56 26.89 -19.31 -36.93
N VAL B 57 25.90 -18.91 -36.15
CA VAL B 57 26.13 -18.30 -34.86
C VAL B 57 26.08 -19.34 -33.75
N LEU B 58 25.11 -20.23 -33.83
CA LEU B 58 24.95 -21.26 -32.82
C LEU B 58 26.11 -22.25 -32.84
N LYS B 59 26.77 -22.41 -33.98
CA LYS B 59 27.96 -23.26 -33.94
C LYS B 59 29.12 -22.54 -33.29
N VAL B 60 29.19 -21.22 -33.43
CA VAL B 60 30.27 -20.47 -32.81
C VAL B 60 30.12 -20.44 -31.30
N PHE B 61 28.90 -20.22 -30.83
CA PHE B 61 28.63 -20.24 -29.39
C PHE B 61 28.94 -21.60 -28.78
N LEU B 62 28.34 -22.65 -29.32
CA LEU B 62 28.55 -24.00 -28.80
C LEU B 62 29.99 -24.46 -28.89
N GLU B 63 30.76 -23.92 -29.82
CA GLU B 63 32.17 -24.28 -29.90
C GLU B 63 32.90 -23.81 -28.67
N ASN B 64 32.69 -22.54 -28.29
CA ASN B 64 33.38 -21.97 -27.14
C ASN B 64 33.00 -22.65 -25.85
N VAL B 65 31.71 -22.86 -25.64
CA VAL B 65 31.22 -23.36 -24.36
C VAL B 65 31.67 -24.80 -24.15
N ILE B 66 31.68 -25.60 -25.22
CA ILE B 66 32.11 -26.98 -25.07
C ILE B 66 33.63 -27.06 -24.95
N ARG B 67 34.35 -26.17 -25.63
CA ARG B 67 35.81 -26.19 -25.57
C ARG B 67 36.30 -25.89 -24.16
N ASP B 68 35.69 -24.90 -23.50
CA ASP B 68 36.00 -24.69 -22.09
C ASP B 68 35.44 -25.80 -21.22
N ALA B 69 34.36 -26.46 -21.63
CA ALA B 69 33.76 -27.43 -20.74
C ALA B 69 34.55 -28.71 -20.74
N VAL B 70 35.05 -29.12 -21.90
CA VAL B 70 35.88 -30.32 -21.96
C VAL B 70 37.17 -30.10 -21.21
N THR B 71 37.66 -28.86 -21.19
CA THR B 71 38.90 -28.54 -20.51
C THR B 71 38.76 -28.69 -19.01
N TYR B 72 37.60 -28.37 -18.46
CA TYR B 72 37.34 -28.67 -17.06
C TYR B 72 37.25 -30.16 -16.83
N THR B 73 36.67 -30.89 -17.78
CA THR B 73 36.56 -32.33 -17.63
C THR B 73 37.92 -32.99 -17.72
N GLU B 74 38.64 -32.73 -18.82
CA GLU B 74 40.01 -33.19 -19.03
C GLU B 74 40.92 -32.97 -17.85
N HIS B 75 40.80 -31.81 -17.20
CA HIS B 75 41.61 -31.54 -16.01
C HIS B 75 41.28 -32.47 -14.87
N ALA B 76 40.02 -32.85 -14.71
CA ALA B 76 39.65 -33.66 -13.57
C ALA B 76 39.99 -35.12 -13.75
N LYS B 77 40.71 -35.46 -14.82
CA LYS B 77 40.99 -36.82 -15.26
C LYS B 77 39.72 -37.65 -15.31
N ARG B 78 38.72 -37.07 -15.95
CA ARG B 78 37.41 -37.67 -16.05
C ARG B 78 37.06 -37.74 -17.53
N LYS B 79 36.11 -38.59 -17.86
CA LYS B 79 35.74 -38.79 -19.25
C LYS B 79 34.30 -38.51 -19.55
N THR B 80 33.68 -37.65 -18.76
CA THR B 80 32.23 -37.43 -18.83
C THR B 80 31.99 -35.96 -18.51
N VAL B 81 31.36 -35.25 -19.43
CA VAL B 81 31.16 -33.82 -19.26
C VAL B 81 30.00 -33.60 -18.33
N THR B 82 30.25 -33.43 -17.04
CA THR B 82 29.13 -33.31 -16.12
C THR B 82 28.50 -31.93 -16.21
N ALA B 83 27.42 -31.75 -15.47
CA ALA B 83 26.63 -30.53 -15.59
C ALA B 83 27.32 -29.35 -14.96
N MET B 84 28.17 -29.58 -13.97
CA MET B 84 28.92 -28.49 -13.37
C MET B 84 29.90 -27.87 -14.36
N ASP B 85 30.48 -28.68 -15.24
CA ASP B 85 31.43 -28.17 -16.22
C ASP B 85 30.76 -27.20 -17.16
N VAL B 86 29.62 -27.60 -17.72
CA VAL B 86 28.86 -26.71 -18.58
C VAL B 86 28.43 -25.46 -17.81
N VAL B 87 28.08 -25.62 -16.54
CA VAL B 87 27.77 -24.44 -15.73
C VAL B 87 29.00 -23.61 -15.46
N TYR B 88 30.15 -24.25 -15.22
CA TYR B 88 31.36 -23.45 -14.99
C TYR B 88 31.88 -22.84 -16.27
N ALA B 89 31.70 -23.52 -17.40
CA ALA B 89 32.15 -22.92 -18.65
C ALA B 89 31.28 -21.75 -19.04
N LEU B 90 30.02 -21.75 -18.63
CA LEU B 90 29.12 -20.67 -18.94
C LEU B 90 29.30 -19.51 -17.98
N LYS B 91 29.54 -19.82 -16.71
CA LYS B 91 29.90 -18.80 -15.73
C LYS B 91 31.18 -18.08 -16.10
N ARG B 92 32.11 -18.76 -16.74
CA ARG B 92 33.39 -18.19 -17.07
C ARG B 92 33.26 -17.13 -18.15
N GLN B 93 32.45 -17.40 -19.16
CA GLN B 93 32.26 -16.44 -20.23
C GLN B 93 31.22 -15.41 -19.92
N GLY B 94 30.82 -15.28 -18.66
CA GLY B 94 29.83 -14.31 -18.26
C GLY B 94 28.40 -14.56 -18.71
N ARG B 95 27.95 -15.80 -18.60
CA ARG B 95 26.59 -16.19 -18.96
C ARG B 95 26.06 -17.17 -17.94
N THR B 96 26.17 -16.79 -16.66
CA THR B 96 25.88 -17.65 -15.50
C THR B 96 24.53 -18.33 -15.62
N LEU B 97 24.48 -19.61 -15.29
CA LEU B 97 23.28 -20.42 -15.47
C LEU B 97 22.81 -20.90 -14.12
N TYR B 98 21.71 -20.34 -13.65
CA TYR B 98 21.07 -20.86 -12.44
C TYR B 98 20.25 -22.08 -12.81
N GLY B 99 20.34 -23.13 -12.04
CA GLY B 99 19.41 -24.20 -12.35
C GLY B 99 19.97 -25.58 -12.23
N PHE B 100 21.28 -25.71 -12.26
CA PHE B 100 21.90 -27.02 -12.21
C PHE B 100 22.90 -27.15 -11.09
N GLY B 101 22.96 -26.18 -10.19
CA GLY B 101 23.80 -26.24 -9.02
C GLY B 101 24.77 -25.07 -8.97
N ALA C 1 75.79 -23.25 -0.52
CA ALA C 1 76.27 -21.87 -0.61
C ALA C 1 76.29 -21.38 -2.05
N LYS C 2 76.05 -22.30 -2.98
CA LYS C 2 75.94 -21.99 -4.40
C LYS C 2 74.50 -21.63 -4.76
N ALA C 3 74.00 -20.55 -4.16
CA ALA C 3 72.60 -20.21 -4.26
C ALA C 3 72.23 -19.67 -5.63
N LYS C 4 71.82 -20.57 -6.52
CA LYS C 4 71.36 -20.16 -7.83
C LYS C 4 69.89 -19.75 -7.77
N THR C 5 69.60 -18.59 -8.34
CA THR C 5 68.24 -18.12 -8.45
C THR C 5 67.43 -19.09 -9.31
N ARG C 6 66.20 -19.36 -8.87
CA ARG C 6 65.30 -20.22 -9.59
C ARG C 6 64.96 -19.66 -10.97
N SER C 7 64.96 -18.32 -11.08
CA SER C 7 64.78 -17.66 -12.38
C SER C 7 65.85 -18.07 -13.35
N SER C 8 67.08 -18.20 -12.87
CA SER C 8 68.17 -18.64 -13.73
C SER C 8 68.08 -20.14 -14.00
N ARG C 9 67.78 -20.91 -12.95
CA ARG C 9 67.84 -22.37 -13.01
C ARG C 9 66.86 -22.95 -14.00
N ALA C 10 65.71 -22.30 -14.17
CA ALA C 10 64.74 -22.76 -15.15
C ALA C 10 65.02 -22.18 -16.52
N GLY C 11 65.65 -21.02 -16.60
CA GLY C 11 65.89 -20.36 -17.85
C GLY C 11 65.00 -19.18 -18.09
N LEU C 12 64.60 -18.48 -17.05
CA LEU C 12 63.64 -17.41 -17.20
C LEU C 12 64.33 -16.08 -16.96
N GLN C 13 63.57 -15.01 -17.09
CA GLN C 13 64.07 -13.67 -16.82
C GLN C 13 63.16 -12.92 -15.86
N PHE C 14 62.04 -13.52 -15.46
CA PHE C 14 60.99 -13.14 -14.52
C PHE C 14 61.20 -13.85 -13.19
N PRO C 15 60.94 -13.18 -12.09
CA PRO C 15 61.42 -13.67 -10.79
C PRO C 15 60.54 -14.77 -10.23
N VAL C 16 61.02 -16.01 -10.31
CA VAL C 16 60.26 -17.16 -9.84
C VAL C 16 60.12 -17.13 -8.32
N GLY C 17 61.02 -16.44 -7.65
CA GLY C 17 60.84 -16.16 -6.25
C GLY C 17 59.68 -15.24 -5.98
N ARG C 18 59.63 -14.11 -6.68
CA ARG C 18 58.58 -13.13 -6.46
C ARG C 18 57.24 -13.56 -7.01
N VAL C 19 57.15 -14.68 -7.70
CA VAL C 19 55.88 -15.25 -8.07
C VAL C 19 55.40 -16.19 -6.99
N HIS C 20 56.29 -17.05 -6.48
CA HIS C 20 55.98 -17.95 -5.39
C HIS C 20 55.61 -17.24 -4.11
N ARG C 21 55.94 -15.98 -3.95
CA ARG C 21 55.45 -15.21 -2.83
C ARG C 21 54.09 -14.62 -3.10
N LEU C 22 53.83 -14.23 -4.33
CA LEU C 22 52.56 -13.60 -4.64
C LEU C 22 51.48 -14.62 -4.89
N LEU C 23 51.85 -15.85 -5.23
CA LEU C 23 50.88 -16.93 -5.20
C LEU C 23 50.48 -17.33 -3.79
N ARG C 24 51.18 -16.88 -2.75
CA ARG C 24 50.85 -17.25 -1.39
C ARG C 24 50.29 -16.09 -0.61
N LYS C 25 50.88 -14.92 -0.70
CA LYS C 25 50.38 -13.78 0.04
C LYS C 25 49.01 -13.28 -0.43
N GLY C 26 48.53 -13.76 -1.57
CA GLY C 26 47.28 -13.23 -2.10
C GLY C 26 46.15 -14.10 -1.63
N ASN C 27 46.51 -15.28 -1.14
CA ASN C 27 45.65 -16.38 -0.69
C ASN C 27 44.80 -17.02 -1.79
N TYR C 28 45.48 -17.36 -2.88
CA TYR C 28 44.77 -17.99 -3.97
C TYR C 28 44.36 -19.42 -3.63
N ALA C 29 45.15 -20.13 -2.86
CA ALA C 29 44.80 -21.45 -2.37
C ALA C 29 45.72 -21.78 -1.22
N GLU C 30 45.56 -22.99 -0.68
CA GLU C 30 46.26 -23.34 0.54
C GLU C 30 47.72 -23.66 0.31
N ARG C 31 48.01 -24.54 -0.64
CA ARG C 31 49.36 -25.06 -0.79
C ARG C 31 49.79 -24.84 -2.23
N VAL C 32 50.44 -23.70 -2.47
CA VAL C 32 51.09 -23.48 -3.75
C VAL C 32 52.18 -24.52 -3.94
N GLY C 33 52.06 -25.30 -5.01
CA GLY C 33 53.05 -26.33 -5.27
C GLY C 33 54.36 -25.73 -5.68
N ALA C 34 55.43 -26.52 -5.73
CA ALA C 34 56.71 -25.95 -6.12
C ALA C 34 56.87 -25.91 -7.62
N GLY C 35 56.18 -26.80 -8.33
CA GLY C 35 56.18 -26.74 -9.78
C GLY C 35 55.39 -25.57 -10.31
N ALA C 36 54.43 -25.07 -9.54
CA ALA C 36 53.55 -23.98 -9.95
C ALA C 36 54.28 -22.69 -10.35
N PRO C 37 54.99 -21.99 -9.45
CA PRO C 37 55.34 -20.59 -9.74
C PRO C 37 56.31 -20.41 -10.88
N VAL C 38 57.00 -21.47 -11.27
CA VAL C 38 57.78 -21.53 -12.49
C VAL C 38 56.85 -21.32 -13.67
N TYR C 39 55.82 -22.15 -13.76
CA TYR C 39 54.93 -22.20 -14.90
C TYR C 39 54.23 -20.88 -15.12
N LEU C 40 53.86 -20.18 -14.04
CA LEU C 40 53.44 -18.80 -14.16
C LEU C 40 54.51 -17.94 -14.77
N ALA C 41 55.73 -18.01 -14.23
CA ALA C 41 56.78 -17.09 -14.63
C ALA C 41 57.16 -17.28 -16.08
N ALA C 42 57.01 -18.48 -16.62
CA ALA C 42 57.20 -18.70 -18.04
C ALA C 42 56.12 -18.01 -18.85
N VAL C 43 54.87 -18.25 -18.48
CA VAL C 43 53.72 -17.80 -19.27
C VAL C 43 53.65 -16.29 -19.30
N LEU C 44 53.85 -15.64 -18.15
CA LEU C 44 54.03 -14.20 -18.11
C LEU C 44 55.19 -13.76 -18.98
N GLU C 45 56.30 -14.50 -18.95
CA GLU C 45 57.48 -14.10 -19.73
C GLU C 45 57.23 -14.26 -21.21
N TYR C 46 56.43 -15.24 -21.58
CA TYR C 46 56.09 -15.42 -22.98
C TYR C 46 55.24 -14.28 -23.49
N LEU C 47 54.20 -13.90 -22.75
CA LEU C 47 53.29 -12.86 -23.20
C LEU C 47 53.97 -11.51 -23.27
N THR C 48 54.77 -11.18 -22.25
CA THR C 48 55.45 -9.88 -22.26
C THR C 48 56.48 -9.80 -23.37
N ALA C 49 56.98 -10.94 -23.85
CA ALA C 49 57.79 -10.97 -25.04
C ALA C 49 56.95 -10.55 -26.22
N GLU C 50 55.84 -11.27 -26.41
CA GLU C 50 55.03 -11.15 -27.62
C GLU C 50 54.38 -9.78 -27.76
N ILE C 51 54.19 -9.04 -26.68
CA ILE C 51 53.64 -7.71 -26.88
C ILE C 51 54.79 -6.74 -27.10
N LEU C 52 55.96 -7.01 -26.52
CA LEU C 52 57.08 -6.12 -26.74
C LEU C 52 57.70 -6.33 -28.11
N GLU C 53 57.57 -7.53 -28.68
CA GLU C 53 58.03 -7.75 -30.04
C GLU C 53 57.23 -6.91 -31.02
N LEU C 54 55.91 -7.00 -30.93
CA LEU C 54 55.06 -6.24 -31.84
C LEU C 54 55.12 -4.75 -31.55
N ALA C 55 55.40 -4.37 -30.30
CA ALA C 55 55.56 -2.96 -29.99
C ALA C 55 56.80 -2.39 -30.66
N GLY C 56 57.93 -3.09 -30.50
CA GLY C 56 59.18 -2.74 -31.16
C GLY C 56 59.06 -2.64 -32.66
N ASN C 57 58.41 -3.63 -33.27
CA ASN C 57 58.07 -3.57 -34.70
C ASN C 57 57.21 -2.36 -35.04
N ALA C 58 56.36 -1.92 -34.13
CA ALA C 58 55.61 -0.71 -34.41
C ALA C 58 56.48 0.53 -34.19
N ALA C 59 57.52 0.42 -33.37
CA ALA C 59 58.40 1.57 -33.17
C ALA C 59 59.26 1.83 -34.39
N ARG C 60 59.69 0.78 -35.09
CA ARG C 60 60.50 0.95 -36.28
C ARG C 60 59.73 1.63 -37.39
N ASP C 61 58.53 1.11 -37.69
CA ASP C 61 57.69 1.68 -38.73
C ASP C 61 57.24 3.10 -38.41
N ASN C 62 57.31 3.53 -37.17
CA ASN C 62 57.05 4.91 -36.81
C ASN C 62 58.34 5.68 -36.65
N LYS C 63 59.48 5.01 -36.85
CA LYS C 63 60.83 5.60 -36.82
C LYS C 63 61.11 6.28 -35.49
N LYS C 64 61.01 5.48 -34.43
CA LYS C 64 61.26 5.94 -33.08
C LYS C 64 61.98 4.81 -32.36
N THR C 65 62.72 5.17 -31.31
CA THR C 65 63.51 4.19 -30.59
C THR C 65 63.15 4.06 -29.13
N ARG C 66 62.05 4.68 -28.71
CA ARG C 66 61.51 4.47 -27.38
C ARG C 66 60.05 4.08 -27.52
N ILE C 67 59.70 2.90 -26.99
CA ILE C 67 58.32 2.41 -27.06
C ILE C 67 57.43 3.30 -26.21
N ILE C 68 56.36 3.80 -26.79
CA ILE C 68 55.47 4.74 -26.11
C ILE C 68 54.15 4.00 -25.98
N PRO C 69 53.14 4.47 -25.21
CA PRO C 69 51.85 3.77 -25.18
C PRO C 69 51.16 3.60 -26.51
N ARG C 70 51.31 4.58 -27.40
CA ARG C 70 50.76 4.52 -28.74
C ARG C 70 51.28 3.31 -29.50
N HIS C 71 52.54 2.94 -29.30
CA HIS C 71 53.01 1.70 -29.91
C HIS C 71 52.47 0.48 -29.20
N LEU C 72 52.11 0.60 -27.92
CA LEU C 72 51.54 -0.54 -27.23
C LEU C 72 50.09 -0.76 -27.65
N GLN C 73 49.35 0.33 -27.86
CA GLN C 73 48.01 0.22 -28.43
C GLN C 73 48.06 -0.36 -29.83
N LEU C 74 49.09 0.01 -30.60
CA LEU C 74 49.16 -0.44 -31.97
C LEU C 74 49.66 -1.86 -32.05
N ALA C 75 50.37 -2.32 -31.02
CA ALA C 75 50.80 -3.72 -31.00
C ALA C 75 49.67 -4.65 -30.63
N VAL C 76 48.77 -4.20 -29.76
CA VAL C 76 47.67 -5.06 -29.33
C VAL C 76 46.61 -5.11 -30.40
N ARG C 77 46.04 -3.95 -30.72
CA ARG C 77 44.81 -3.88 -31.50
C ARG C 77 45.00 -4.39 -32.92
N ASN C 78 46.22 -4.30 -33.45
CA ASN C 78 46.49 -4.82 -34.79
C ASN C 78 46.53 -6.34 -34.80
N ASP C 79 46.98 -6.95 -33.71
CA ASP C 79 47.01 -8.40 -33.64
C ASP C 79 45.58 -8.93 -33.50
N GLU C 80 45.42 -10.21 -33.76
CA GLU C 80 44.11 -10.84 -33.65
C GLU C 80 43.93 -11.61 -32.36
N GLU C 81 44.97 -12.24 -31.82
CA GLU C 81 44.81 -13.03 -30.62
C GLU C 81 45.04 -12.22 -29.35
N LEU C 82 46.01 -11.29 -29.35
CA LEU C 82 46.17 -10.40 -28.20
C LEU C 82 44.98 -9.48 -28.04
N ASN C 83 44.49 -8.91 -29.12
CA ASN C 83 43.34 -8.02 -29.03
C ASN C 83 42.09 -8.77 -28.61
N LYS C 84 42.04 -10.07 -28.85
CA LYS C 84 41.02 -10.90 -28.25
C LYS C 84 41.21 -11.02 -26.75
N LEU C 85 42.47 -11.05 -26.29
CA LEU C 85 42.74 -11.25 -24.88
C LEU C 85 42.55 -9.96 -24.09
N LEU C 86 43.23 -8.89 -24.50
CA LEU C 86 43.06 -7.59 -23.87
C LEU C 86 41.86 -6.88 -24.50
N GLY C 87 40.70 -7.47 -24.31
CA GLY C 87 39.54 -7.02 -25.03
C GLY C 87 38.93 -5.78 -24.42
N ARG C 88 38.50 -5.88 -23.17
CA ARG C 88 37.84 -4.75 -22.53
C ARG C 88 38.82 -3.69 -22.06
N VAL C 89 40.11 -4.04 -22.03
CA VAL C 89 41.14 -3.19 -21.45
C VAL C 89 41.29 -1.91 -22.23
N THR C 90 41.33 -0.80 -21.52
CA THR C 90 41.71 0.48 -22.09
C THR C 90 43.17 0.71 -21.76
N ILE C 91 43.96 1.01 -22.78
CA ILE C 91 45.35 1.40 -22.60
C ILE C 91 45.35 2.91 -22.60
N ALA C 92 45.77 3.49 -21.48
CA ALA C 92 45.78 4.93 -21.31
C ALA C 92 46.72 5.55 -22.32
N GLN C 93 46.30 6.68 -22.88
CA GLN C 93 47.02 7.49 -23.87
C GLN C 93 47.28 6.76 -25.17
N GLY C 94 46.62 5.65 -25.42
CA GLY C 94 47.01 4.87 -26.58
C GLY C 94 46.29 5.21 -27.84
N GLY C 95 45.26 6.03 -27.77
CA GLY C 95 44.58 6.34 -29.01
C GLY C 95 43.81 5.16 -29.60
N VAL C 96 43.58 5.24 -30.91
CA VAL C 96 42.66 4.36 -31.62
C VAL C 96 43.34 3.90 -32.90
N LEU C 97 43.10 2.64 -33.29
CA LEU C 97 43.48 2.15 -34.61
C LEU C 97 42.85 3.00 -35.70
N PRO C 98 43.65 3.58 -36.59
CA PRO C 98 43.10 4.34 -37.71
C PRO C 98 42.28 3.52 -38.69
N ASN C 99 41.01 3.82 -38.79
CA ASN C 99 40.13 3.22 -39.79
C ASN C 99 38.95 4.14 -40.01
N ILE C 100 38.58 4.31 -41.27
CA ILE C 100 37.34 4.95 -41.62
C ILE C 100 36.44 3.84 -42.14
N GLN C 101 35.13 4.04 -42.09
CA GLN C 101 34.28 3.09 -42.79
C GLN C 101 34.21 3.45 -44.26
N SER C 102 33.85 2.45 -45.07
CA SER C 102 33.95 2.59 -46.52
C SER C 102 32.85 3.48 -47.07
N VAL C 103 31.75 3.61 -46.32
CA VAL C 103 30.66 4.48 -46.75
C VAL C 103 31.11 5.95 -46.71
N LEU C 104 31.92 6.32 -45.71
CA LEU C 104 32.22 7.72 -45.51
C LEU C 104 33.17 8.29 -46.55
N LEU C 105 33.95 7.45 -47.24
CA LEU C 105 34.87 7.95 -48.25
C LEU C 105 34.10 8.39 -49.48
N PRO C 106 34.55 9.44 -50.15
CA PRO C 106 33.81 9.94 -51.32
C PRO C 106 34.22 9.30 -52.62
N LYS C 107 33.61 9.71 -53.71
CA LYS C 107 33.89 9.15 -55.04
C LYS C 107 34.89 10.00 -55.82
N THR D 32 58.60 4.11 1.78
CA THR D 32 58.76 2.67 1.67
C THR D 32 58.91 2.23 0.22
N ARG D 33 59.52 1.07 0.01
CA ARG D 33 59.69 0.55 -1.33
C ARG D 33 58.36 0.09 -1.92
N LYS D 34 58.16 0.39 -3.20
CA LYS D 34 57.01 -0.09 -3.96
C LYS D 34 57.54 -0.96 -5.07
N GLU D 35 57.21 -2.26 -5.02
CA GLU D 35 57.72 -3.21 -6.00
C GLU D 35 57.05 -2.97 -7.35
N SER D 36 57.56 -3.67 -8.36
CA SER D 36 57.11 -3.61 -9.75
C SER D 36 57.86 -4.67 -10.53
N TYR D 37 57.38 -4.91 -11.75
CA TYR D 37 58.15 -5.72 -12.70
C TYR D 37 58.95 -4.85 -13.64
N ALA D 38 59.39 -3.68 -13.18
CA ALA D 38 59.95 -2.67 -14.07
C ALA D 38 61.31 -3.09 -14.64
N ILE D 39 62.04 -3.91 -13.91
CA ILE D 39 63.35 -4.30 -14.43
C ILE D 39 63.19 -5.54 -15.29
N TYR D 40 62.38 -6.50 -14.86
CA TYR D 40 62.22 -7.74 -15.61
C TYR D 40 61.52 -7.54 -16.94
N VAL D 41 60.81 -6.45 -17.12
CA VAL D 41 60.33 -6.17 -18.46
C VAL D 41 61.48 -5.71 -19.32
N TYR D 42 62.38 -4.91 -18.75
CA TYR D 42 63.47 -4.29 -19.49
C TYR D 42 64.45 -5.33 -20.01
N LYS D 43 64.64 -6.43 -19.27
CA LYS D 43 65.44 -7.53 -19.77
C LYS D 43 64.82 -8.16 -21.00
N VAL D 44 63.52 -8.47 -20.95
CA VAL D 44 62.86 -9.11 -22.07
C VAL D 44 62.70 -8.13 -23.23
N LEU D 45 62.76 -6.84 -22.96
CA LEU D 45 62.80 -5.86 -24.04
C LEU D 45 64.11 -5.96 -24.80
N LYS D 46 65.23 -5.99 -24.07
CA LYS D 46 66.52 -6.09 -24.70
C LYS D 46 66.80 -7.46 -25.28
N GLN D 47 66.08 -8.48 -24.82
CA GLN D 47 66.30 -9.82 -25.35
C GLN D 47 65.74 -9.96 -26.76
N VAL D 48 64.64 -9.28 -27.07
CA VAL D 48 64.05 -9.41 -28.39
C VAL D 48 64.58 -8.23 -29.18
N HIS D 49 64.56 -7.03 -28.60
CA HIS D 49 64.94 -5.81 -29.31
C HIS D 49 66.06 -4.98 -28.70
N PRO D 50 67.33 -5.32 -28.94
CA PRO D 50 68.42 -4.80 -28.11
C PRO D 50 68.75 -3.32 -28.23
N ASP D 51 67.95 -2.57 -28.99
CA ASP D 51 68.21 -1.18 -29.24
C ASP D 51 67.08 -0.23 -28.86
N THR D 52 65.85 -0.72 -28.77
CA THR D 52 64.68 0.14 -28.52
C THR D 52 64.44 0.18 -27.03
N GLY D 53 64.71 1.32 -26.41
CA GLY D 53 64.32 1.54 -25.03
C GLY D 53 62.81 1.65 -24.88
N ILE D 54 62.38 1.73 -23.64
CA ILE D 54 60.97 1.88 -23.35
C ILE D 54 60.79 3.18 -22.58
N SER D 55 59.58 3.73 -22.64
CA SER D 55 59.33 5.03 -22.02
C SER D 55 59.15 4.85 -20.52
N SER D 56 58.68 5.89 -19.85
CA SER D 56 58.26 5.74 -18.47
C SER D 56 56.82 5.26 -18.40
N LYS D 57 55.93 5.96 -19.10
CA LYS D 57 54.51 5.61 -19.10
C LYS D 57 54.30 4.23 -19.70
N ALA D 58 55.01 3.94 -20.78
CA ALA D 58 54.89 2.64 -21.42
C ALA D 58 55.59 1.53 -20.66
N MET D 59 56.21 1.80 -19.53
CA MET D 59 56.60 0.77 -18.59
C MET D 59 55.53 0.55 -17.56
N SER D 60 54.82 1.61 -17.18
CA SER D 60 53.72 1.48 -16.24
C SER D 60 52.57 0.69 -16.82
N ILE D 61 52.37 0.75 -18.14
CA ILE D 61 51.40 -0.11 -18.80
C ILE D 61 51.85 -1.56 -18.73
N MET D 62 53.09 -1.81 -19.11
CA MET D 62 53.62 -3.16 -19.05
C MET D 62 53.82 -3.65 -17.62
N ASN D 63 53.74 -2.75 -16.65
CA ASN D 63 53.70 -3.17 -15.28
C ASN D 63 52.27 -3.52 -14.87
N SER D 64 51.29 -2.76 -15.37
CA SER D 64 49.89 -3.09 -15.10
C SER D 64 49.49 -4.38 -15.77
N PHE D 65 49.96 -4.60 -16.99
CA PHE D 65 49.52 -5.75 -17.76
C PHE D 65 50.05 -7.04 -17.17
N VAL D 66 51.22 -7.02 -16.57
CA VAL D 66 51.76 -8.23 -15.96
C VAL D 66 50.99 -8.56 -14.70
N ASN D 67 50.66 -7.54 -13.92
CA ASN D 67 49.87 -7.75 -12.72
C ASN D 67 48.47 -8.24 -13.05
N ASP D 68 47.94 -7.83 -14.19
CA ASP D 68 46.59 -8.24 -14.59
C ASP D 68 46.53 -9.70 -14.94
N VAL D 69 47.40 -10.16 -15.83
CA VAL D 69 47.37 -11.54 -16.28
C VAL D 69 47.74 -12.47 -15.16
N PHE D 70 48.58 -12.02 -14.24
CA PHE D 70 48.84 -12.76 -13.03
C PHE D 70 47.59 -12.95 -12.19
N GLU D 71 46.73 -11.93 -12.14
CA GLU D 71 45.47 -12.09 -11.43
C GLU D 71 44.55 -13.07 -12.13
N ARG D 72 44.50 -13.02 -13.47
CA ARG D 72 43.58 -13.88 -14.19
C ARG D 72 44.02 -15.32 -14.21
N ILE D 73 45.30 -15.57 -14.43
CA ILE D 73 45.78 -16.94 -14.50
C ILE D 73 45.78 -17.60 -13.14
N ALA D 74 46.17 -16.86 -12.11
CA ALA D 74 46.13 -17.47 -10.80
C ALA D 74 44.73 -17.44 -10.21
N GLY D 75 43.88 -16.54 -10.66
CA GLY D 75 42.48 -16.60 -10.33
C GLY D 75 41.86 -17.89 -10.81
N GLU D 76 42.04 -18.19 -12.10
CA GLU D 76 41.49 -19.40 -12.69
C GLU D 76 42.10 -20.66 -12.11
N ALA D 77 43.40 -20.64 -11.80
CA ALA D 77 43.99 -21.80 -11.17
C ALA D 77 43.58 -21.95 -9.73
N SER D 78 42.95 -20.95 -9.14
CA SER D 78 42.44 -21.07 -7.79
C SER D 78 41.05 -21.66 -7.78
N ARG D 79 40.16 -21.12 -8.62
CA ARG D 79 38.82 -21.65 -8.76
C ARG D 79 38.77 -23.03 -9.36
N LEU D 80 39.85 -23.52 -9.93
CA LEU D 80 39.86 -24.83 -10.56
C LEU D 80 40.53 -25.88 -9.71
N ALA D 81 41.32 -25.46 -8.74
CA ALA D 81 41.81 -26.35 -7.71
C ALA D 81 40.92 -26.31 -6.50
N HIS D 82 39.71 -25.80 -6.67
CA HIS D 82 38.68 -25.82 -5.66
C HIS D 82 37.48 -26.61 -6.12
N TYR D 83 37.12 -26.51 -7.41
CA TYR D 83 36.06 -27.32 -7.99
C TYR D 83 36.35 -28.80 -7.88
N ASN D 84 37.61 -29.19 -7.84
CA ASN D 84 37.99 -30.58 -7.67
C ASN D 84 38.25 -30.92 -6.22
N LYS D 85 37.98 -29.96 -5.33
CA LYS D 85 38.17 -30.10 -3.89
C LYS D 85 39.58 -30.57 -3.55
N ARG D 86 40.54 -29.94 -4.21
CA ARG D 86 41.94 -30.07 -3.87
C ARG D 86 42.33 -28.88 -3.04
N SER D 87 43.59 -28.84 -2.64
CA SER D 87 44.08 -27.72 -1.87
C SER D 87 45.41 -27.28 -2.41
N THR D 88 45.65 -27.45 -3.69
CA THR D 88 46.97 -27.18 -4.24
C THR D 88 46.86 -26.53 -5.61
N ILE D 89 47.55 -25.42 -5.78
CA ILE D 89 47.78 -24.91 -7.12
C ILE D 89 48.98 -25.67 -7.64
N THR D 90 48.76 -26.82 -8.24
CA THR D 90 49.89 -27.53 -8.80
C THR D 90 50.25 -26.91 -10.13
N SER D 91 51.34 -27.39 -10.73
CA SER D 91 51.72 -26.91 -12.05
C SER D 91 50.78 -27.46 -13.12
N ARG D 92 49.93 -28.40 -12.75
CA ARG D 92 48.93 -28.88 -13.68
C ARG D 92 47.79 -27.90 -13.81
N GLU D 93 47.48 -27.18 -12.73
CA GLU D 93 46.36 -26.25 -12.75
C GLU D 93 46.64 -25.05 -13.63
N ILE D 94 47.88 -24.54 -13.62
CA ILE D 94 48.18 -23.39 -14.45
C ILE D 94 48.16 -23.74 -15.94
N GLN D 95 48.45 -24.99 -16.28
CA GLN D 95 48.30 -25.39 -17.67
C GLN D 95 46.85 -25.44 -18.07
N THR D 96 45.97 -25.72 -17.13
CA THR D 96 44.54 -25.71 -17.39
C THR D 96 43.92 -24.41 -16.94
N ALA D 97 44.74 -23.43 -16.62
CA ALA D 97 44.25 -22.07 -16.51
C ALA D 97 44.66 -21.23 -17.68
N VAL D 98 45.80 -21.52 -18.28
CA VAL D 98 46.17 -20.86 -19.51
C VAL D 98 45.29 -21.34 -20.65
N ARG D 99 44.97 -22.63 -20.68
CA ARG D 99 44.16 -23.22 -21.74
C ARG D 99 42.72 -22.77 -21.71
N LEU D 100 42.33 -21.97 -20.71
CA LEU D 100 41.03 -21.35 -20.65
C LEU D 100 41.09 -19.88 -21.04
N LEU D 101 42.01 -19.12 -20.46
CA LEU D 101 42.06 -17.70 -20.79
C LEU D 101 42.65 -17.44 -22.16
N LEU D 102 43.80 -18.01 -22.46
CA LEU D 102 44.55 -17.55 -23.61
C LEU D 102 43.95 -18.09 -24.90
N PRO D 103 43.61 -17.25 -25.83
CA PRO D 103 42.79 -17.66 -26.96
C PRO D 103 43.50 -18.43 -28.05
N GLY D 104 43.60 -19.74 -27.93
CA GLY D 104 43.87 -20.49 -29.14
C GLY D 104 45.33 -20.60 -29.48
N GLU D 105 45.80 -19.67 -30.30
CA GLU D 105 47.17 -19.71 -30.80
C GLU D 105 48.15 -19.53 -29.66
N LEU D 106 47.97 -18.48 -28.86
CA LEU D 106 48.75 -18.29 -27.64
C LEU D 106 48.59 -19.42 -26.64
N ALA D 107 47.49 -20.18 -26.71
CA ALA D 107 47.32 -21.27 -25.77
C ALA D 107 48.32 -22.39 -26.04
N LYS D 108 48.61 -22.65 -27.31
CA LYS D 108 49.57 -23.70 -27.60
C LYS D 108 50.98 -23.26 -27.29
N HIS D 109 51.31 -22.01 -27.55
CA HIS D 109 52.69 -21.58 -27.36
C HIS D 109 53.02 -21.42 -25.90
N ALA D 110 52.13 -20.81 -25.13
CA ALA D 110 52.41 -20.53 -23.74
C ALA D 110 52.40 -21.79 -22.88
N VAL D 111 51.94 -22.92 -23.41
CA VAL D 111 52.13 -24.16 -22.71
C VAL D 111 53.45 -24.81 -23.13
N SER D 112 53.83 -24.68 -24.40
CA SER D 112 55.15 -25.09 -24.85
C SER D 112 56.22 -24.28 -24.13
N GLU D 113 56.15 -22.95 -24.22
CA GLU D 113 56.98 -22.06 -23.41
C GLU D 113 56.84 -22.27 -21.92
N GLY D 114 55.73 -22.85 -21.46
CA GLY D 114 55.62 -23.19 -20.07
C GLY D 114 56.35 -24.46 -19.71
N THR D 115 55.98 -25.57 -20.35
CA THR D 115 56.53 -26.87 -19.99
C THR D 115 58.01 -27.00 -20.32
N LYS D 116 58.55 -26.12 -21.16
CA LYS D 116 59.99 -25.94 -21.25
C LYS D 116 60.55 -25.60 -19.88
N ALA D 117 60.01 -24.55 -19.27
CA ALA D 117 60.56 -24.02 -18.02
C ALA D 117 60.49 -25.02 -16.88
N VAL D 118 59.35 -25.69 -16.70
CA VAL D 118 59.23 -26.60 -15.57
C VAL D 118 60.00 -27.88 -15.81
N THR D 119 60.30 -28.20 -17.07
CA THR D 119 61.24 -29.29 -17.34
C THR D 119 62.65 -28.88 -16.97
N LYS D 120 63.11 -27.76 -17.53
CA LYS D 120 64.45 -27.26 -17.27
C LYS D 120 64.65 -26.77 -15.85
N TYR D 121 63.62 -26.70 -15.03
CA TYR D 121 63.80 -26.42 -13.62
C TYR D 121 64.02 -27.67 -12.80
N THR D 122 63.24 -28.71 -13.07
CA THR D 122 63.36 -29.93 -12.29
C THR D 122 64.67 -30.62 -12.56
N SER D 123 65.03 -30.78 -13.84
CA SER D 123 66.24 -31.52 -14.19
C SER D 123 67.49 -30.73 -13.83
N ALA D 124 67.60 -29.51 -14.34
CA ALA D 124 68.81 -28.70 -14.15
C ALA D 124 68.88 -28.08 -12.76
N ARG E 40 37.18 27.65 -50.05
CA ARG E 40 36.04 26.89 -49.54
C ARG E 40 36.05 25.45 -50.03
N TYR E 41 36.26 24.50 -49.12
CA TYR E 41 36.19 23.11 -49.48
C TYR E 41 34.75 22.68 -49.71
N ARG E 42 34.61 21.52 -50.32
CA ARG E 42 33.34 20.82 -50.35
C ARG E 42 32.94 20.50 -48.90
N PRO E 43 31.70 20.77 -48.51
CA PRO E 43 31.21 20.30 -47.20
C PRO E 43 31.34 18.80 -47.03
N GLY E 44 32.04 18.39 -45.99
CA GLY E 44 32.26 17.00 -45.71
C GLY E 44 33.65 16.49 -46.00
N THR E 45 34.55 17.34 -46.49
CA THR E 45 35.92 16.91 -46.75
C THR E 45 36.91 17.45 -45.74
N VAL E 46 36.59 18.57 -45.11
CA VAL E 46 37.33 18.98 -43.92
C VAL E 46 37.16 17.95 -42.80
N ALA E 47 35.97 17.33 -42.72
CA ALA E 47 35.68 16.24 -41.81
C ALA E 47 36.65 15.08 -41.97
N LEU E 48 36.80 14.57 -43.19
CA LEU E 48 37.76 13.50 -43.43
C LEU E 48 39.20 13.97 -43.28
N ARG E 49 39.45 15.26 -43.40
CA ARG E 49 40.76 15.78 -43.06
C ARG E 49 40.91 15.97 -41.57
N GLU E 50 39.82 15.91 -40.82
CA GLU E 50 39.82 16.05 -39.38
C GLU E 50 39.72 14.71 -38.67
N ILE E 51 39.05 13.73 -39.30
CA ILE E 51 39.03 12.36 -38.78
C ILE E 51 40.44 11.79 -38.70
N ARG E 52 41.17 11.81 -39.83
CA ARG E 52 42.52 11.28 -39.87
C ARG E 52 43.46 11.96 -38.90
N ARG E 53 43.25 13.26 -38.67
CA ARG E 53 44.13 14.01 -37.79
C ARG E 53 43.98 13.57 -36.33
N TYR E 54 42.74 13.38 -35.88
CA TYR E 54 42.55 13.02 -34.48
C TYR E 54 42.88 11.56 -34.24
N GLN E 55 42.50 10.69 -35.18
CA GLN E 55 42.79 9.26 -35.05
C GLN E 55 44.27 8.96 -35.08
N LYS E 56 45.09 9.86 -35.63
CA LYS E 56 46.52 9.65 -35.66
C LYS E 56 47.22 10.11 -34.40
N SER E 57 46.57 10.93 -33.59
CA SER E 57 47.20 11.44 -32.39
C SER E 57 46.50 10.92 -31.14
N THR E 58 47.14 11.15 -29.99
CA THR E 58 46.71 10.53 -28.74
C THR E 58 46.49 11.52 -27.62
N GLU E 59 46.46 12.83 -27.89
CA GLU E 59 46.24 13.77 -26.80
C GLU E 59 44.78 13.70 -26.38
N LEU E 60 44.47 14.34 -25.27
CA LEU E 60 43.14 14.26 -24.72
C LEU E 60 42.28 15.34 -25.34
N LEU E 61 41.04 14.97 -25.65
CA LEU E 61 40.20 15.79 -26.49
C LEU E 61 39.25 16.68 -25.72
N ILE E 62 38.86 16.31 -24.53
CA ILE E 62 38.14 17.22 -23.67
C ILE E 62 39.18 18.08 -22.98
N ARG E 63 38.86 19.36 -22.80
CA ARG E 63 39.75 20.23 -22.03
C ARG E 63 39.85 19.73 -20.60
N LYS E 64 41.00 19.99 -19.97
CA LYS E 64 41.23 19.45 -18.64
C LYS E 64 40.33 20.08 -17.60
N LEU E 65 40.46 21.39 -17.40
CA LEU E 65 39.73 22.08 -16.32
C LEU E 65 38.21 22.03 -16.42
N PRO E 66 37.57 22.16 -17.59
CA PRO E 66 36.12 21.89 -17.62
C PRO E 66 35.74 20.46 -17.32
N PHE E 67 36.68 19.53 -17.33
CA PHE E 67 36.38 18.18 -16.91
C PHE E 67 36.63 17.98 -15.42
N GLN E 68 37.76 18.47 -14.92
CA GLN E 68 38.10 18.28 -13.51
C GLN E 68 37.11 18.98 -12.60
N ARG E 69 36.42 19.97 -13.11
CA ARG E 69 35.34 20.59 -12.36
C ARG E 69 34.10 19.75 -12.39
N LEU E 70 33.83 19.09 -13.51
CA LEU E 70 32.66 18.22 -13.60
C LEU E 70 32.77 17.04 -12.68
N VAL E 71 33.98 16.50 -12.51
CA VAL E 71 34.17 15.37 -11.61
C VAL E 71 33.90 15.78 -10.16
N ARG E 72 34.32 16.98 -9.79
CA ARG E 72 34.08 17.44 -8.42
C ARG E 72 32.62 17.80 -8.20
N GLU E 73 31.92 18.29 -9.23
CA GLU E 73 30.49 18.50 -9.13
C GLU E 73 29.75 17.19 -8.88
N ILE E 74 30.14 16.14 -9.59
CA ILE E 74 29.46 14.87 -9.43
C ILE E 74 29.91 14.18 -8.15
N ALA E 75 31.16 14.37 -7.75
CA ALA E 75 31.58 13.82 -6.47
C ALA E 75 31.02 14.57 -5.28
N GLN E 76 30.34 15.69 -5.49
CA GLN E 76 29.67 16.36 -4.38
C GLN E 76 28.55 15.52 -3.80
N ASP E 77 27.82 14.80 -4.64
CA ASP E 77 26.67 14.04 -4.17
C ASP E 77 27.02 12.94 -3.20
N PHE E 78 28.10 12.22 -3.44
CA PHE E 78 28.35 10.97 -2.74
C PHE E 78 29.17 11.15 -1.48
N LYS E 79 29.74 12.34 -1.29
CA LYS E 79 30.58 12.67 -0.16
C LYS E 79 30.78 14.17 -0.28
N THR E 80 31.00 14.88 0.81
CA THR E 80 31.17 16.31 0.70
C THR E 80 32.61 16.68 1.02
N ASP E 81 33.13 17.61 0.21
CA ASP E 81 34.50 18.12 0.28
C ASP E 81 35.52 16.98 0.21
N LEU E 82 35.53 16.35 -0.95
CA LEU E 82 36.54 15.36 -1.27
C LEU E 82 37.74 16.04 -1.88
N ARG E 83 38.89 15.40 -1.72
CA ARG E 83 40.04 15.82 -2.48
C ARG E 83 40.28 14.80 -3.57
N PHE E 84 40.90 15.23 -4.65
CA PHE E 84 41.12 14.36 -5.79
C PHE E 84 42.59 14.40 -6.06
N GLN E 85 43.27 13.34 -5.64
CA GLN E 85 44.66 13.12 -5.99
C GLN E 85 44.81 13.26 -7.49
N SER E 86 45.61 14.23 -7.92
CA SER E 86 45.36 14.87 -9.20
C SER E 86 45.80 14.03 -10.39
N SER E 87 46.26 12.82 -10.17
CA SER E 87 46.33 11.86 -11.26
C SER E 87 45.09 10.99 -11.32
N ALA E 88 44.20 11.09 -10.33
CA ALA E 88 42.93 10.38 -10.41
C ALA E 88 41.84 11.20 -11.02
N VAL E 89 42.18 12.21 -11.80
CA VAL E 89 41.28 12.78 -12.76
C VAL E 89 41.71 12.43 -14.17
N MET E 90 43.02 12.37 -14.39
CA MET E 90 43.58 11.82 -15.61
C MET E 90 43.16 10.38 -15.80
N ALA E 91 43.05 9.64 -14.70
CA ALA E 91 42.49 8.30 -14.77
C ALA E 91 41.00 8.30 -15.07
N LEU E 92 40.33 9.44 -15.04
CA LEU E 92 38.93 9.50 -15.43
C LEU E 92 38.68 10.15 -16.77
N GLN E 93 39.56 11.02 -17.25
CA GLN E 93 39.45 11.43 -18.65
C GLN E 93 39.73 10.24 -19.54
N GLU E 94 40.86 9.59 -19.32
CA GLU E 94 41.30 8.47 -20.13
C GLU E 94 40.40 7.27 -20.09
N ALA E 95 39.45 7.23 -19.17
CA ALA E 95 38.46 6.18 -19.17
C ALA E 95 37.08 6.66 -19.56
N SER E 96 36.86 7.96 -19.66
CA SER E 96 35.61 8.45 -20.21
C SER E 96 35.73 8.79 -21.68
N GLU E 97 36.84 9.41 -22.08
CA GLU E 97 37.13 9.61 -23.49
C GLU E 97 37.20 8.30 -24.23
N ALA E 98 37.87 7.31 -23.65
CA ALA E 98 37.94 6.03 -24.33
C ALA E 98 36.67 5.23 -24.22
N TYR E 99 35.67 5.72 -23.51
CA TYR E 99 34.36 5.10 -23.51
C TYR E 99 33.45 5.74 -24.54
N LEU E 100 33.48 7.07 -24.64
CA LEU E 100 32.67 7.78 -25.62
C LEU E 100 33.09 7.44 -27.03
N VAL E 101 34.39 7.28 -27.24
CA VAL E 101 34.90 6.96 -28.56
C VAL E 101 34.54 5.54 -28.96
N GLY E 102 34.58 4.61 -28.01
CA GLY E 102 34.08 3.28 -28.34
C GLY E 102 32.58 3.24 -28.47
N LEU E 103 31.88 4.23 -27.93
CA LEU E 103 30.45 4.31 -28.17
C LEU E 103 30.14 4.92 -29.53
N PHE E 104 30.91 5.93 -29.94
CA PHE E 104 30.69 6.55 -31.23
C PHE E 104 31.08 5.64 -32.37
N GLU E 105 32.03 4.74 -32.15
CA GLU E 105 32.31 3.72 -33.16
C GLU E 105 31.15 2.75 -33.27
N ASP E 106 30.44 2.54 -32.18
CA ASP E 106 29.24 1.71 -32.19
C ASP E 106 27.99 2.51 -32.52
N THR E 107 28.05 3.82 -32.51
CA THR E 107 26.92 4.60 -32.97
C THR E 107 26.94 4.73 -34.47
N ASN E 108 28.11 5.10 -35.00
CA ASN E 108 28.33 5.26 -36.42
C ASN E 108 28.13 3.99 -37.20
N LEU E 109 28.25 2.82 -36.58
CA LEU E 109 27.88 1.60 -37.27
C LEU E 109 26.39 1.44 -37.36
N CYS E 110 25.66 2.03 -36.42
CA CYS E 110 24.21 1.91 -36.47
C CYS E 110 23.61 2.91 -37.43
N GLY E 111 24.16 4.12 -37.48
CA GLY E 111 23.69 5.13 -38.41
C GLY E 111 23.91 4.67 -39.85
N ILE E 112 25.10 4.14 -40.14
CA ILE E 112 25.42 3.52 -41.41
C ILE E 112 24.44 2.40 -41.73
N HIS E 113 24.06 1.63 -40.72
CA HIS E 113 23.14 0.53 -40.94
C HIS E 113 21.74 1.00 -41.25
N ALA E 114 21.36 2.20 -40.81
CA ALA E 114 20.07 2.75 -41.19
C ALA E 114 20.14 3.52 -42.49
N LYS E 115 21.19 3.31 -43.28
CA LYS E 115 21.39 3.87 -44.61
C LYS E 115 21.39 5.39 -44.59
N ARG E 116 22.35 5.93 -43.85
CA ARG E 116 22.64 7.36 -43.80
C ARG E 116 24.00 7.55 -43.15
N VAL E 117 24.50 8.78 -43.12
CA VAL E 117 25.86 9.04 -42.70
C VAL E 117 25.86 10.04 -41.57
N THR E 118 24.74 10.21 -40.90
CA THR E 118 24.62 11.20 -39.84
C THR E 118 24.11 10.51 -38.59
N ILE E 119 24.96 10.41 -37.58
CA ILE E 119 24.50 9.91 -36.30
C ILE E 119 23.47 10.84 -35.69
N MET E 120 22.54 10.25 -34.96
CA MET E 120 21.41 10.93 -34.36
C MET E 120 21.14 10.27 -33.03
N PRO E 121 20.42 10.93 -32.12
CA PRO E 121 20.18 10.30 -30.82
C PRO E 121 19.31 9.05 -30.82
N LYS E 122 18.67 8.73 -31.92
CA LYS E 122 18.00 7.45 -32.01
C LYS E 122 18.94 6.35 -32.47
N ASP E 123 20.22 6.67 -32.65
CA ASP E 123 21.25 5.66 -32.86
C ASP E 123 21.95 5.34 -31.55
N ILE E 124 22.42 6.38 -30.84
CA ILE E 124 23.10 6.28 -29.55
C ILE E 124 22.28 5.46 -28.58
N GLN E 125 20.98 5.72 -28.53
CA GLN E 125 20.11 4.96 -27.65
C GLN E 125 19.94 3.53 -28.11
N LEU E 126 20.21 3.25 -29.38
CA LEU E 126 20.18 1.86 -29.78
C LEU E 126 21.44 1.13 -29.38
N ALA E 127 22.60 1.76 -29.62
CA ALA E 127 23.88 1.15 -29.28
C ALA E 127 23.99 0.88 -27.80
N ARG E 128 23.43 1.75 -26.98
CA ARG E 128 23.43 1.47 -25.55
C ARG E 128 22.45 0.36 -25.20
N ARG E 129 21.36 0.24 -25.95
CA ARG E 129 20.39 -0.78 -25.62
C ARG E 129 20.88 -2.16 -26.00
N ILE E 130 21.72 -2.26 -27.03
CA ILE E 130 22.20 -3.56 -27.46
C ILE E 130 23.34 -4.06 -26.60
N ARG E 131 24.22 -3.18 -26.14
CA ARG E 131 25.31 -3.58 -25.26
C ARG E 131 24.84 -3.98 -23.87
N GLY E 132 23.66 -3.57 -23.45
CA GLY E 132 23.14 -3.87 -22.14
C GLY E 132 23.01 -2.67 -21.23
N GLU E 133 23.65 -1.55 -21.58
CA GLU E 133 23.82 -0.41 -20.70
C GLU E 133 22.55 0.30 -20.25
N ARG E 134 21.48 0.24 -21.04
CA ARG E 134 20.29 1.05 -20.74
C ARG E 134 19.01 0.24 -20.69
N ARG F 17 36.69 27.58 4.30
CA ARG F 17 36.34 28.98 4.10
C ARG F 17 35.11 29.11 3.20
N HIS F 18 35.35 29.10 1.90
CA HIS F 18 34.31 29.41 0.92
C HIS F 18 33.39 28.24 0.60
N ARG F 19 32.14 28.58 0.26
CA ARG F 19 31.09 27.58 0.11
C ARG F 19 30.38 27.75 -1.23
N LYS F 20 30.70 26.87 -2.19
CA LYS F 20 30.00 26.83 -3.46
C LYS F 20 29.46 25.43 -3.72
N VAL F 21 28.17 25.34 -4.01
CA VAL F 21 27.60 24.18 -4.68
C VAL F 21 27.60 24.49 -6.18
N LEU F 22 28.21 23.61 -6.97
CA LEU F 22 28.43 23.85 -8.39
C LEU F 22 27.11 23.77 -9.16
N ARG F 23 27.01 24.52 -10.26
CA ARG F 23 25.84 24.42 -11.09
C ARG F 23 26.24 24.51 -12.56
N ASP F 24 25.87 23.47 -13.32
CA ASP F 24 25.99 23.37 -14.77
C ASP F 24 27.43 23.54 -15.28
N ASN F 25 28.28 22.62 -14.83
CA ASN F 25 29.57 22.40 -15.46
C ASN F 25 29.52 21.28 -16.47
N ILE F 26 28.37 20.63 -16.62
CA ILE F 26 28.21 19.67 -17.69
C ILE F 26 28.21 20.38 -19.04
N GLN F 27 27.97 21.69 -19.05
CA GLN F 27 28.19 22.53 -20.22
C GLN F 27 29.68 22.81 -20.47
N GLY F 28 30.58 22.16 -19.75
CA GLY F 28 31.99 22.23 -20.05
C GLY F 28 32.37 21.16 -21.03
N ILE F 29 31.62 20.05 -21.05
CA ILE F 29 31.80 19.07 -22.11
C ILE F 29 31.19 19.72 -23.34
N THR F 30 32.03 20.36 -24.11
CA THR F 30 31.60 21.43 -24.98
C THR F 30 31.19 20.86 -26.32
N LYS F 31 30.34 21.59 -27.02
CA LYS F 31 29.90 21.20 -28.35
C LYS F 31 31.05 20.97 -29.35
N PRO F 32 32.14 21.75 -29.35
CA PRO F 32 33.27 21.31 -30.19
C PRO F 32 33.98 20.10 -29.62
N ALA F 33 33.95 19.90 -28.32
CA ALA F 33 34.67 18.78 -27.72
C ALA F 33 34.02 17.45 -28.07
N ILE F 34 32.69 17.38 -28.05
CA ILE F 34 31.95 16.20 -28.46
C ILE F 34 32.10 15.98 -29.96
N ARG F 35 32.53 17.00 -30.67
CA ARG F 35 32.81 16.83 -32.08
C ARG F 35 34.14 16.15 -32.28
N ARG F 36 35.19 16.65 -31.62
CA ARG F 36 36.52 16.03 -31.66
C ARG F 36 36.48 14.59 -31.17
N LEU F 37 35.74 14.34 -30.10
CA LEU F 37 35.56 12.97 -29.60
C LEU F 37 34.91 12.09 -30.63
N ALA F 38 33.99 12.65 -31.41
CA ALA F 38 33.32 11.87 -32.44
C ALA F 38 34.24 11.59 -33.61
N ARG F 39 35.14 12.53 -33.91
CA ARG F 39 36.07 12.36 -35.01
C ARG F 39 36.97 11.15 -34.82
N ARG F 40 37.60 11.05 -33.64
CA ARG F 40 38.34 9.84 -33.31
C ARG F 40 37.47 8.59 -33.37
N GLY F 41 36.18 8.72 -33.11
CA GLY F 41 35.28 7.62 -33.38
C GLY F 41 34.90 7.49 -34.82
N GLY F 42 35.52 8.26 -35.70
CA GLY F 42 35.29 8.09 -37.11
C GLY F 42 33.98 8.47 -37.76
N VAL F 43 33.38 9.57 -37.37
CA VAL F 43 32.09 9.92 -37.92
C VAL F 43 32.23 11.24 -38.69
N LYS F 44 31.34 11.42 -39.65
CA LYS F 44 31.38 12.53 -40.58
C LYS F 44 30.39 13.63 -40.22
N ARG F 45 29.15 13.28 -39.96
CA ARG F 45 28.10 14.25 -39.74
C ARG F 45 27.44 14.00 -38.41
N ILE F 46 27.46 14.98 -37.53
CA ILE F 46 26.87 14.86 -36.21
C ILE F 46 25.64 15.74 -36.19
N SER F 47 24.47 15.13 -36.02
CA SER F 47 23.24 15.88 -35.83
C SER F 47 23.33 16.78 -34.62
N GLY F 48 22.65 17.92 -34.65
CA GLY F 48 22.77 18.88 -33.56
C GLY F 48 22.15 18.43 -32.25
N LEU F 49 21.34 17.39 -32.27
CA LEU F 49 20.73 16.87 -31.07
C LEU F 49 21.60 15.86 -30.35
N ILE F 50 22.74 15.51 -30.92
CA ILE F 50 23.70 14.66 -30.23
C ILE F 50 24.23 15.35 -28.98
N TYR F 51 24.54 16.63 -29.09
CA TYR F 51 25.31 17.33 -28.08
C TYR F 51 24.59 17.49 -26.75
N GLU F 52 23.31 17.18 -26.68
CA GLU F 52 22.66 17.06 -25.39
C GLU F 52 22.31 15.64 -25.06
N GLU F 53 22.82 14.69 -25.82
CA GLU F 53 22.62 13.28 -25.56
C GLU F 53 23.87 12.61 -25.04
N THR F 54 25.01 12.95 -25.65
CA THR F 54 26.30 12.51 -25.16
C THR F 54 26.55 13.00 -23.75
N ARG F 55 26.27 14.28 -23.50
CA ARG F 55 26.26 14.84 -22.15
C ARG F 55 25.37 14.04 -21.22
N GLY F 56 24.25 13.54 -21.72
CA GLY F 56 23.44 12.64 -20.93
C GLY F 56 24.14 11.32 -20.68
N VAL F 57 24.83 10.81 -21.69
CA VAL F 57 25.49 9.51 -21.57
C VAL F 57 26.69 9.62 -20.64
N LEU F 58 27.48 10.68 -20.80
CA LEU F 58 28.70 10.84 -20.03
C LEU F 58 28.41 11.05 -18.55
N LYS F 59 27.38 11.83 -18.24
CA LYS F 59 26.96 12.09 -16.87
C LYS F 59 26.46 10.85 -16.18
N VAL F 60 26.07 9.84 -16.91
CA VAL F 60 25.68 8.58 -16.31
C VAL F 60 26.88 7.69 -16.09
N PHE F 61 27.81 7.70 -17.04
CA PHE F 61 29.06 6.97 -16.88
C PHE F 61 29.89 7.48 -15.73
N LEU F 62 29.99 8.80 -15.59
CA LEU F 62 30.82 9.36 -14.53
C LEU F 62 30.26 9.08 -13.16
N GLU F 63 28.94 9.02 -13.03
CA GLU F 63 28.33 8.74 -11.75
C GLU F 63 28.70 7.35 -11.25
N ASN F 64 28.49 6.33 -12.07
CA ASN F 64 28.73 4.97 -11.64
C ASN F 64 30.19 4.70 -11.33
N VAL F 65 31.10 5.41 -11.97
CA VAL F 65 32.50 5.21 -11.66
C VAL F 65 32.92 5.97 -10.42
N ILE F 66 32.37 7.17 -10.21
CA ILE F 66 32.73 7.94 -9.02
C ILE F 66 32.10 7.35 -7.78
N ARG F 67 30.86 6.88 -7.89
CA ARG F 67 30.21 6.22 -6.77
C ARG F 67 30.93 4.96 -6.33
N ASP F 68 31.59 4.26 -7.23
CA ASP F 68 32.43 3.17 -6.78
C ASP F 68 33.82 3.67 -6.40
N ALA F 69 34.29 4.75 -7.00
CA ALA F 69 35.56 5.33 -6.57
C ALA F 69 35.49 5.83 -5.16
N VAL F 70 34.36 6.39 -4.77
CA VAL F 70 34.22 6.99 -3.46
C VAL F 70 34.08 5.92 -2.40
N THR F 71 33.19 4.95 -2.63
CA THR F 71 32.92 3.81 -1.77
C THR F 71 34.19 3.06 -1.39
N TYR F 72 35.18 3.02 -2.28
CA TYR F 72 36.45 2.44 -1.92
C TYR F 72 37.23 3.34 -0.98
N THR F 73 37.23 4.66 -1.22
CA THR F 73 37.99 5.55 -0.34
C THR F 73 37.36 5.62 1.03
N GLU F 74 36.08 5.94 1.08
CA GLU F 74 35.25 5.95 2.27
C GLU F 74 35.34 4.68 3.10
N HIS F 75 35.62 3.54 2.47
CA HIS F 75 35.97 2.37 3.26
C HIS F 75 37.33 2.53 3.89
N ALA F 76 38.30 2.98 3.12
CA ALA F 76 39.65 3.10 3.66
C ALA F 76 39.83 4.30 4.54
N LYS F 77 38.78 5.08 4.79
CA LYS F 77 38.76 6.24 5.68
C LYS F 77 39.75 7.29 5.20
N ARG F 78 39.45 7.86 4.04
CA ARG F 78 40.28 8.91 3.50
C ARG F 78 39.38 10.03 2.99
N LYS F 79 40.00 11.15 2.64
CA LYS F 79 39.28 12.24 2.01
C LYS F 79 39.91 12.61 0.67
N THR F 80 40.80 11.75 0.16
CA THR F 80 41.34 11.94 -1.17
C THR F 80 41.05 10.71 -2.00
N VAL F 81 40.52 10.94 -3.19
CA VAL F 81 40.11 9.84 -4.08
C VAL F 81 41.33 9.52 -4.93
N THR F 82 42.17 8.62 -4.43
CA THR F 82 43.44 8.38 -5.07
C THR F 82 43.31 7.61 -6.37
N ALA F 83 44.40 7.51 -7.10
CA ALA F 83 44.36 6.93 -8.43
C ALA F 83 44.15 5.44 -8.45
N MET F 84 44.51 4.73 -7.41
CA MET F 84 44.22 3.32 -7.44
C MET F 84 42.76 3.03 -7.17
N ASP F 85 42.08 3.91 -6.45
CA ASP F 85 40.67 3.67 -6.16
C ASP F 85 39.81 3.89 -7.39
N VAL F 86 40.14 4.88 -8.20
CA VAL F 86 39.50 5.07 -9.50
C VAL F 86 39.68 3.84 -10.37
N VAL F 87 40.87 3.26 -10.36
CA VAL F 87 41.19 2.11 -11.21
C VAL F 87 40.41 0.88 -10.76
N TYR F 88 40.23 0.70 -9.46
CA TYR F 88 39.46 -0.43 -8.98
C TYR F 88 37.98 -0.26 -9.28
N ALA F 89 37.52 0.98 -9.35
CA ALA F 89 36.15 1.23 -9.77
C ALA F 89 35.94 0.84 -11.22
N LEU F 90 36.93 1.11 -12.06
CA LEU F 90 36.85 0.72 -13.47
C LEU F 90 37.02 -0.77 -13.63
N LYS F 91 37.93 -1.38 -12.88
CA LYS F 91 38.19 -2.81 -12.95
C LYS F 91 37.00 -3.63 -12.50
N ARG F 92 36.09 -3.02 -11.78
CA ARG F 92 34.96 -3.76 -11.26
C ARG F 92 33.85 -3.86 -12.29
N GLN F 93 33.70 -2.84 -13.13
CA GLN F 93 32.69 -2.82 -14.16
C GLN F 93 33.16 -3.43 -15.47
N GLY F 94 34.30 -4.11 -15.46
CA GLY F 94 34.86 -4.68 -16.65
C GLY F 94 35.32 -3.62 -17.63
N ARG F 95 36.04 -2.63 -17.15
CA ARG F 95 36.63 -1.59 -17.99
C ARG F 95 37.64 -1.99 -16.93
N THR F 96 38.84 -2.39 -17.38
CA THR F 96 40.20 -2.35 -16.82
C THR F 96 41.04 -1.27 -17.47
N LEU F 97 41.79 -0.53 -16.66
CA LEU F 97 42.53 0.61 -17.15
C LEU F 97 43.99 0.41 -16.87
N TYR F 98 44.80 0.30 -17.92
CA TYR F 98 46.23 0.13 -17.77
C TYR F 98 47.49 0.95 -17.63
N GLY F 99 47.36 2.22 -17.31
CA GLY F 99 48.52 3.07 -17.15
C GLY F 99 48.74 3.60 -15.75
N PHE F 100 47.81 3.33 -14.85
CA PHE F 100 47.93 3.82 -13.47
C PHE F 100 48.34 2.82 -12.40
N GLY F 101 48.69 1.60 -12.81
CA GLY F 101 49.13 0.59 -11.87
C GLY F 101 48.15 -0.46 -11.37
N GLY F 102 48.73 -1.54 -10.86
CA GLY F 102 48.05 -2.71 -10.31
C GLY F 102 46.86 -3.31 -11.04
N ALA G 1 16.39 -13.92 21.13
CA ALA G 1 15.42 -14.90 20.67
C ALA G 1 15.67 -16.25 21.30
N LYS G 2 16.95 -16.59 21.44
CA LYS G 2 17.41 -17.90 21.88
C LYS G 2 18.89 -17.76 22.23
N ALA G 3 19.57 -18.88 22.50
CA ALA G 3 20.97 -18.75 22.86
C ALA G 3 21.84 -19.79 22.17
N LYS G 4 21.23 -20.85 21.68
CA LYS G 4 21.91 -21.87 20.91
C LYS G 4 21.81 -21.49 19.45
N THR G 5 22.60 -22.16 18.61
CA THR G 5 22.46 -22.17 17.15
C THR G 5 22.53 -20.78 16.56
N ARG G 6 23.73 -20.19 16.46
CA ARG G 6 24.03 -18.76 16.41
C ARG G 6 23.14 -17.87 15.54
N SER G 7 22.44 -18.47 14.59
CA SER G 7 21.44 -17.81 13.77
C SER G 7 20.21 -17.46 14.59
N SER G 8 19.93 -18.29 15.59
CA SER G 8 18.84 -18.01 16.51
C SER G 8 19.08 -16.73 17.29
N ARG G 9 20.34 -16.48 17.64
CA ARG G 9 20.66 -15.30 18.44
C ARG G 9 20.49 -14.02 17.65
N ALA G 10 20.79 -14.06 16.37
CA ALA G 10 20.50 -12.91 15.53
C ALA G 10 19.05 -12.90 15.10
N GLY G 11 18.34 -14.00 15.26
CA GLY G 11 16.96 -14.08 14.85
C GLY G 11 16.81 -14.17 13.35
N LEU G 12 17.55 -15.06 12.72
CA LEU G 12 17.48 -15.24 11.29
C LEU G 12 17.06 -16.67 10.98
N GLN G 13 16.91 -16.92 9.69
CA GLN G 13 16.63 -18.25 9.20
C GLN G 13 17.83 -18.88 8.52
N PHE G 14 18.61 -18.09 7.80
CA PHE G 14 19.79 -18.59 7.12
C PHE G 14 20.87 -18.90 8.13
N PRO G 15 21.60 -19.98 7.94
CA PRO G 15 22.50 -20.44 8.98
C PRO G 15 23.73 -19.57 9.02
N VAL G 16 24.24 -19.38 10.23
CA VAL G 16 25.53 -18.74 10.41
C VAL G 16 26.56 -19.77 10.81
N GLY G 17 26.16 -21.03 10.87
CA GLY G 17 27.13 -22.07 11.10
C GLY G 17 27.73 -22.42 9.77
N ARG G 18 26.86 -22.63 8.79
CA ARG G 18 27.27 -23.01 7.46
C ARG G 18 28.05 -21.89 6.78
N VAL G 19 27.62 -20.65 6.96
CA VAL G 19 28.27 -19.52 6.28
C VAL G 19 29.66 -19.31 6.85
N HIS G 20 29.80 -19.33 8.17
CA HIS G 20 31.08 -19.10 8.79
C HIS G 20 32.07 -20.22 8.49
N ARG G 21 31.57 -21.42 8.23
CA ARG G 21 32.44 -22.45 7.68
C ARG G 21 32.86 -22.08 6.29
N LEU G 22 31.90 -21.76 5.43
CA LEU G 22 32.19 -21.46 4.03
C LEU G 22 32.93 -20.16 3.79
N LEU G 23 33.15 -19.35 4.80
CA LEU G 23 34.02 -18.20 4.60
C LEU G 23 35.46 -18.50 4.96
N ARG G 24 35.74 -19.66 5.53
CA ARG G 24 37.11 -20.02 5.85
C ARG G 24 37.65 -21.15 5.00
N LYS G 25 36.79 -22.03 4.52
CA LYS G 25 37.20 -23.05 3.58
C LYS G 25 36.87 -22.65 2.17
N GLY G 26 36.94 -21.36 1.91
CA GLY G 26 36.70 -20.83 0.59
C GLY G 26 37.86 -19.96 0.18
N ASN G 27 38.71 -19.65 1.16
CA ASN G 27 39.92 -18.86 1.00
C ASN G 27 39.62 -17.47 0.45
N TYR G 28 38.79 -16.77 1.19
CA TYR G 28 38.54 -15.40 0.81
C TYR G 28 39.55 -14.48 1.46
N ALA G 29 39.84 -14.72 2.73
CA ALA G 29 40.96 -14.06 3.39
C ALA G 29 41.38 -14.94 4.53
N GLU G 30 42.33 -14.44 5.31
CA GLU G 30 43.00 -15.28 6.27
C GLU G 30 42.11 -15.56 7.48
N ARG G 31 41.59 -14.52 8.10
CA ARG G 31 40.86 -14.65 9.34
C ARG G 31 39.49 -14.02 9.19
N VAL G 32 38.44 -14.80 9.35
CA VAL G 32 37.09 -14.30 9.17
C VAL G 32 36.60 -13.71 10.47
N GLY G 33 36.17 -12.45 10.44
CA GLY G 33 35.60 -11.79 11.59
C GLY G 33 34.41 -12.53 12.14
N ALA G 34 34.20 -12.50 13.44
CA ALA G 34 33.10 -13.28 13.99
C ALA G 34 31.77 -12.59 13.80
N GLY G 35 31.79 -11.30 13.54
CA GLY G 35 30.58 -10.61 13.18
C GLY G 35 30.21 -10.90 11.74
N ALA G 36 31.23 -11.07 10.89
CA ALA G 36 31.07 -11.16 9.43
C ALA G 36 30.06 -12.17 8.90
N PRO G 37 30.02 -13.44 9.30
CA PRO G 37 29.04 -14.34 8.69
C PRO G 37 27.61 -13.99 9.03
N VAL G 38 27.38 -13.34 10.16
CA VAL G 38 26.07 -12.87 10.56
C VAL G 38 25.54 -11.84 9.58
N TYR G 39 26.29 -10.76 9.38
CA TYR G 39 25.96 -9.75 8.38
C TYR G 39 25.83 -10.37 6.99
N LEU G 40 26.65 -11.36 6.68
CA LEU G 40 26.51 -11.97 5.36
C LEU G 40 25.25 -12.82 5.30
N ALA G 41 24.89 -13.48 6.38
CA ALA G 41 23.64 -14.24 6.36
C ALA G 41 22.43 -13.32 6.42
N ALA G 42 22.60 -12.09 6.89
CA ALA G 42 21.48 -11.17 6.89
C ALA G 42 21.19 -10.66 5.50
N VAL G 43 22.22 -10.43 4.70
CA VAL G 43 22.01 -9.97 3.34
C VAL G 43 21.44 -11.08 2.48
N LEU G 44 21.93 -12.29 2.67
CA LEU G 44 21.44 -13.43 1.90
C LEU G 44 19.99 -13.72 2.19
N GLU G 45 19.60 -13.64 3.46
CA GLU G 45 18.21 -13.93 3.79
C GLU G 45 17.29 -12.89 3.21
N TYR G 46 17.72 -11.64 3.22
CA TYR G 46 16.93 -10.55 2.69
C TYR G 46 16.67 -10.71 1.20
N LEU G 47 17.67 -11.14 0.45
CA LEU G 47 17.45 -11.32 -0.99
C LEU G 47 16.58 -12.53 -1.26
N THR G 48 16.84 -13.63 -0.57
CA THR G 48 15.98 -14.81 -0.68
C THR G 48 14.58 -14.51 -0.19
N ALA G 49 14.43 -13.58 0.74
CA ALA G 49 13.08 -13.20 1.10
C ALA G 49 12.46 -12.32 0.03
N GLU G 50 13.23 -11.42 -0.56
CA GLU G 50 12.63 -10.52 -1.54
C GLU G 50 12.31 -11.22 -2.84
N ILE G 51 13.08 -12.22 -3.22
CA ILE G 51 12.83 -12.85 -4.50
C ILE G 51 11.80 -13.94 -4.33
N LEU G 52 11.63 -14.46 -3.11
CA LEU G 52 10.54 -15.40 -2.92
C LEU G 52 9.22 -14.70 -2.70
N GLU G 53 9.24 -13.42 -2.34
CA GLU G 53 8.00 -12.70 -2.17
C GLU G 53 7.38 -12.36 -3.51
N LEU G 54 8.18 -11.80 -4.42
CA LEU G 54 7.67 -11.46 -5.74
C LEU G 54 7.42 -12.68 -6.59
N ALA G 55 8.07 -13.79 -6.30
CA ALA G 55 7.73 -15.04 -6.97
C ALA G 55 6.35 -15.50 -6.56
N GLY G 56 6.12 -15.58 -5.26
CA GLY G 56 4.84 -16.05 -4.75
C GLY G 56 3.66 -15.18 -5.16
N ASN G 57 3.87 -13.87 -5.18
CA ASN G 57 2.88 -12.94 -5.69
C ASN G 57 2.49 -13.28 -7.12
N ALA G 58 3.47 -13.49 -7.98
CA ALA G 58 3.13 -13.87 -9.33
C ALA G 58 2.70 -15.32 -9.47
N ALA G 59 2.69 -16.11 -8.40
CA ALA G 59 2.11 -17.44 -8.50
C ALA G 59 0.63 -17.44 -8.18
N ARG G 60 0.20 -16.64 -7.22
CA ARG G 60 -1.23 -16.52 -7.02
C ARG G 60 -1.89 -15.73 -8.13
N ASP G 61 -1.20 -14.80 -8.76
CA ASP G 61 -1.81 -14.09 -9.87
C ASP G 61 -1.91 -14.94 -11.12
N ASN G 62 -1.29 -16.12 -11.13
CA ASN G 62 -1.56 -17.14 -12.13
C ASN G 62 -2.20 -18.37 -11.51
N LYS G 63 -2.87 -18.20 -10.39
CA LYS G 63 -3.80 -19.15 -9.78
C LYS G 63 -3.14 -20.40 -9.20
N LYS G 64 -1.82 -20.53 -9.33
CA LYS G 64 -1.15 -21.74 -8.86
C LYS G 64 -0.54 -21.54 -7.49
N THR G 65 -0.58 -22.60 -6.68
CA THR G 65 -0.06 -22.52 -5.32
C THR G 65 1.45 -22.53 -5.30
N ARG G 66 2.08 -23.59 -5.83
CA ARG G 66 3.52 -23.68 -5.75
C ARG G 66 4.18 -22.86 -6.84
N ILE G 67 5.50 -22.74 -6.74
CA ILE G 67 6.31 -21.81 -7.53
C ILE G 67 7.19 -22.61 -8.47
N ILE G 68 7.06 -22.34 -9.76
CA ILE G 68 7.84 -23.03 -10.78
C ILE G 68 8.70 -21.95 -11.43
N PRO G 69 9.81 -22.32 -12.12
CA PRO G 69 10.78 -21.28 -12.53
C PRO G 69 10.26 -20.17 -13.40
N ARG G 70 9.19 -20.43 -14.16
CA ARG G 70 8.50 -19.38 -14.91
C ARG G 70 8.04 -18.24 -14.02
N HIS G 71 7.75 -18.50 -12.75
CA HIS G 71 7.41 -17.40 -11.87
C HIS G 71 8.65 -16.63 -11.44
N LEU G 72 9.78 -17.32 -11.34
CA LEU G 72 10.99 -16.66 -10.88
C LEU G 72 11.54 -15.70 -11.91
N GLN G 73 11.37 -16.01 -13.20
CA GLN G 73 11.77 -15.06 -14.22
C GLN G 73 10.88 -13.84 -14.21
N LEU G 74 9.57 -14.05 -14.02
CA LEU G 74 8.65 -12.93 -13.93
C LEU G 74 8.87 -12.11 -12.67
N ALA G 75 9.34 -12.72 -11.61
CA ALA G 75 9.65 -11.93 -10.44
C ALA G 75 10.89 -11.08 -10.66
N VAL G 76 11.88 -11.61 -11.34
CA VAL G 76 13.13 -10.88 -11.50
C VAL G 76 12.96 -9.83 -12.57
N ARG G 77 12.62 -10.25 -13.79
CA ARG G 77 12.71 -9.35 -14.93
C ARG G 77 11.67 -8.25 -14.92
N ASN G 78 10.52 -8.46 -14.28
CA ASN G 78 9.57 -7.37 -14.14
C ASN G 78 9.99 -6.36 -13.10
N ASP G 79 10.88 -6.73 -12.20
CA ASP G 79 11.39 -5.79 -11.22
C ASP G 79 12.44 -4.89 -11.85
N GLU G 80 12.61 -3.72 -11.25
CA GLU G 80 13.51 -2.72 -11.80
C GLU G 80 14.95 -2.90 -11.34
N GLU G 81 15.14 -3.36 -10.12
CA GLU G 81 16.47 -3.42 -9.52
C GLU G 81 16.86 -4.81 -9.06
N LEU G 82 16.01 -5.80 -9.24
CA LEU G 82 16.43 -7.19 -9.16
C LEU G 82 16.80 -7.73 -10.52
N ASN G 83 16.22 -7.20 -11.58
CA ASN G 83 16.72 -7.51 -12.91
C ASN G 83 18.13 -6.99 -13.10
N LYS G 84 18.47 -5.85 -12.52
CA LYS G 84 19.78 -5.24 -12.72
C LYS G 84 20.88 -6.00 -11.98
N LEU G 85 20.56 -6.54 -10.82
CA LEU G 85 21.50 -7.39 -10.10
C LEU G 85 21.70 -8.69 -10.85
N LEU G 86 20.63 -9.24 -11.40
CA LEU G 86 20.68 -10.48 -12.15
C LEU G 86 20.74 -10.26 -13.65
N GLY G 87 21.41 -9.20 -14.11
CA GLY G 87 21.33 -8.83 -15.51
C GLY G 87 21.90 -9.86 -16.45
N ARG G 88 23.10 -10.34 -16.17
CA ARG G 88 23.76 -11.24 -17.09
C ARG G 88 23.30 -12.68 -16.97
N VAL G 89 22.63 -13.02 -15.89
CA VAL G 89 22.32 -14.41 -15.57
C VAL G 89 21.16 -14.94 -16.42
N THR G 90 20.95 -16.25 -16.41
CA THR G 90 19.92 -16.90 -17.18
C THR G 90 19.27 -17.97 -16.31
N ILE G 91 17.97 -17.83 -16.07
CA ILE G 91 17.23 -18.78 -15.25
C ILE G 91 16.75 -19.91 -16.13
N ALA G 92 17.14 -21.13 -15.79
CA ALA G 92 16.76 -22.30 -16.58
C ALA G 92 15.27 -22.52 -16.51
N GLN G 93 14.70 -23.03 -17.61
CA GLN G 93 13.29 -23.40 -17.74
C GLN G 93 12.39 -22.20 -17.50
N GLY G 94 12.83 -21.03 -17.91
CA GLY G 94 12.16 -19.88 -17.37
C GLY G 94 11.64 -18.87 -18.35
N GLY G 95 11.22 -19.29 -19.53
CA GLY G 95 10.50 -18.43 -20.46
C GLY G 95 11.13 -17.12 -20.84
N VAL G 96 10.31 -16.15 -21.27
CA VAL G 96 10.72 -14.79 -21.58
C VAL G 96 9.68 -13.89 -20.93
N LEU G 97 10.01 -12.62 -20.75
CA LEU G 97 9.02 -11.60 -20.46
C LEU G 97 8.24 -11.28 -21.70
N PRO G 98 6.92 -11.38 -21.67
CA PRO G 98 6.12 -11.02 -22.85
C PRO G 98 6.19 -9.54 -23.17
N ASN G 99 6.76 -9.23 -24.33
CA ASN G 99 6.63 -7.91 -24.92
C ASN G 99 6.70 -8.07 -26.43
N ILE G 100 6.03 -7.16 -27.12
CA ILE G 100 6.04 -7.07 -28.57
C ILE G 100 6.33 -5.62 -28.89
N GLN G 101 7.38 -5.37 -29.69
CA GLN G 101 7.68 -4.00 -30.10
C GLN G 101 6.52 -3.42 -30.90
N SER G 102 6.40 -2.09 -30.86
CA SER G 102 5.15 -1.41 -31.17
C SER G 102 4.76 -1.56 -32.64
N VAL G 103 5.74 -1.45 -33.54
CA VAL G 103 5.48 -1.44 -34.98
C VAL G 103 5.07 -2.80 -35.50
N LEU G 104 5.14 -3.82 -34.65
CA LEU G 104 4.72 -5.16 -35.02
C LEU G 104 3.22 -5.37 -34.85
N LEU G 105 2.61 -4.67 -33.90
CA LEU G 105 1.16 -4.62 -33.82
C LEU G 105 0.58 -4.02 -35.10
N PRO G 106 -0.61 -4.46 -35.53
CA PRO G 106 -1.21 -3.86 -36.72
C PRO G 106 -1.79 -2.49 -36.41
N LYS G 107 -2.27 -1.80 -37.44
CA LYS G 107 -2.78 -0.44 -37.28
C LYS G 107 -3.66 -0.06 -38.46
N THR H 32 25.82 -39.80 -0.04
CA THR H 32 26.57 -39.03 0.95
C THR H 32 25.90 -37.69 1.24
N ARG H 33 26.32 -37.06 2.33
CA ARG H 33 25.82 -35.76 2.74
C ARG H 33 26.40 -34.63 1.91
N LYS H 34 25.57 -33.99 1.10
CA LYS H 34 25.96 -32.94 0.16
C LYS H 34 25.09 -31.73 0.46
N GLU H 35 25.63 -30.79 1.24
CA GLU H 35 24.80 -29.75 1.83
C GLU H 35 24.35 -28.71 0.81
N SER H 36 23.18 -28.14 1.07
CA SER H 36 22.55 -27.16 0.21
C SER H 36 21.61 -26.34 1.06
N TYR H 37 21.03 -25.32 0.45
CA TYR H 37 20.20 -24.40 1.23
C TYR H 37 18.73 -24.70 1.02
N ALA H 38 18.39 -25.99 0.93
CA ALA H 38 17.03 -26.38 0.59
C ALA H 38 16.05 -25.98 1.68
N ILE H 39 16.37 -26.30 2.92
CA ILE H 39 15.46 -26.02 4.03
C ILE H 39 15.41 -24.53 4.34
N TYR H 40 16.57 -23.88 4.36
CA TYR H 40 16.65 -22.47 4.75
C TYR H 40 15.95 -21.55 3.78
N VAL H 41 15.78 -21.98 2.54
CA VAL H 41 14.93 -21.25 1.62
C VAL H 41 13.47 -21.53 1.91
N TYR H 42 13.16 -22.77 2.28
CA TYR H 42 11.78 -23.12 2.61
C TYR H 42 11.30 -22.39 3.85
N LYS H 43 12.14 -22.30 4.87
CA LYS H 43 11.77 -21.58 6.09
C LYS H 43 11.56 -20.10 5.88
N VAL H 44 12.02 -19.53 4.77
CA VAL H 44 11.71 -18.15 4.45
C VAL H 44 10.47 -18.07 3.57
N LEU H 45 10.16 -19.14 2.83
CA LEU H 45 8.93 -19.16 2.07
C LEU H 45 7.73 -19.21 3.00
N LYS H 46 7.84 -19.94 4.08
CA LYS H 46 6.80 -19.95 5.09
C LYS H 46 6.74 -18.69 5.89
N GLN H 47 7.56 -17.67 5.68
CA GLN H 47 7.48 -16.44 6.43
C GLN H 47 6.92 -15.28 5.64
N VAL H 48 7.04 -15.30 4.33
CA VAL H 48 6.37 -14.28 3.56
C VAL H 48 5.03 -14.77 3.04
N HIS H 49 4.97 -15.98 2.52
CA HIS H 49 3.77 -16.53 1.88
C HIS H 49 3.48 -17.88 2.49
N PRO H 50 2.77 -17.92 3.60
CA PRO H 50 2.74 -19.13 4.44
C PRO H 50 1.87 -20.25 3.91
N ASP H 51 1.26 -20.06 2.75
CA ASP H 51 0.36 -21.04 2.20
C ASP H 51 0.87 -21.71 0.95
N THR H 52 2.00 -21.27 0.41
CA THR H 52 2.50 -21.71 -0.88
C THR H 52 3.63 -22.70 -0.68
N GLY H 53 3.96 -23.41 -1.75
CA GLY H 53 5.05 -24.34 -1.72
C GLY H 53 5.98 -24.05 -2.87
N ILE H 54 6.91 -24.93 -3.19
CA ILE H 54 7.86 -24.62 -4.25
C ILE H 54 8.29 -25.89 -4.96
N SER H 55 8.32 -25.85 -6.28
CA SER H 55 8.70 -27.01 -7.05
C SER H 55 10.20 -27.19 -6.96
N SER H 56 10.64 -28.44 -7.03
CA SER H 56 12.05 -28.77 -6.81
C SER H 56 12.95 -28.14 -7.86
N LYS H 57 12.48 -28.03 -9.09
CA LYS H 57 13.28 -27.37 -10.13
C LYS H 57 13.43 -25.88 -9.84
N ALA H 58 12.48 -25.28 -9.16
CA ALA H 58 12.62 -23.90 -8.73
C ALA H 58 13.08 -23.81 -7.31
N MET H 59 13.58 -24.89 -6.74
CA MET H 59 14.36 -24.87 -5.53
C MET H 59 15.83 -24.97 -5.83
N SER H 60 16.18 -25.74 -6.86
CA SER H 60 17.55 -25.78 -7.34
C SER H 60 18.00 -24.44 -7.88
N ILE H 61 17.08 -23.61 -8.36
CA ILE H 61 17.44 -22.26 -8.75
C ILE H 61 17.81 -21.44 -7.54
N MET H 62 16.98 -21.47 -6.51
CA MET H 62 17.23 -20.67 -5.32
C MET H 62 18.43 -21.18 -4.55
N ASN H 63 18.60 -22.50 -4.49
CA ASN H 63 19.83 -23.12 -4.01
C ASN H 63 21.04 -22.59 -4.75
N SER H 64 20.91 -22.32 -6.04
CA SER H 64 22.01 -21.85 -6.84
C SER H 64 21.95 -20.36 -7.11
N PHE H 65 20.98 -19.66 -6.57
CA PHE H 65 21.01 -18.21 -6.63
C PHE H 65 21.78 -17.68 -5.45
N VAL H 66 21.61 -18.30 -4.29
CA VAL H 66 22.29 -17.84 -3.09
C VAL H 66 23.77 -18.18 -3.17
N ASN H 67 24.09 -19.36 -3.68
CA ASN H 67 25.47 -19.72 -3.94
C ASN H 67 26.16 -18.85 -4.97
N ASP H 68 25.43 -18.03 -5.71
CA ASP H 68 26.05 -17.05 -6.55
C ASP H 68 26.28 -15.75 -5.82
N VAL H 69 25.26 -15.25 -5.12
CA VAL H 69 25.38 -14.00 -4.38
C VAL H 69 26.35 -14.14 -3.23
N PHE H 70 26.48 -15.33 -2.65
CA PHE H 70 27.52 -15.59 -1.67
C PHE H 70 28.89 -15.39 -2.27
N GLU H 71 29.21 -16.15 -3.31
CA GLU H 71 30.51 -16.06 -3.95
C GLU H 71 30.72 -14.76 -4.70
N ARG H 72 29.69 -13.95 -4.86
CA ARG H 72 29.88 -12.63 -5.43
C ARG H 72 30.14 -11.58 -4.39
N ILE H 73 29.57 -11.71 -3.20
CA ILE H 73 29.78 -10.76 -2.11
C ILE H 73 31.04 -11.07 -1.34
N ALA H 74 31.27 -12.33 -1.02
CA ALA H 74 32.51 -12.70 -0.38
C ALA H 74 33.69 -12.60 -1.31
N GLY H 75 33.48 -12.59 -2.61
CA GLY H 75 34.54 -12.29 -3.53
C GLY H 75 34.94 -10.84 -3.41
N GLU H 76 33.99 -9.95 -3.66
CA GLU H 76 34.25 -8.51 -3.58
C GLU H 76 34.66 -8.08 -2.19
N ALA H 77 34.23 -8.78 -1.15
CA ALA H 77 34.70 -8.40 0.17
C ALA H 77 36.00 -9.06 0.53
N SER H 78 36.73 -9.54 -0.46
CA SER H 78 38.05 -10.06 -0.22
C SER H 78 39.08 -9.51 -1.17
N ARG H 79 38.68 -8.89 -2.27
CA ARG H 79 39.50 -7.90 -2.92
C ARG H 79 39.56 -6.63 -2.12
N LEU H 80 38.62 -6.44 -1.21
CA LEU H 80 38.50 -5.15 -0.56
C LEU H 80 39.22 -5.13 0.76
N ALA H 81 39.37 -6.28 1.40
CA ALA H 81 40.26 -6.45 2.53
C ALA H 81 41.71 -6.67 2.19
N HIS H 82 41.99 -6.85 0.94
CA HIS H 82 43.34 -6.89 0.41
C HIS H 82 43.93 -5.69 -0.30
N TYR H 83 43.10 -4.79 -0.80
CA TYR H 83 43.59 -3.51 -1.28
C TYR H 83 44.03 -2.63 -0.15
N ASN H 84 43.39 -2.77 1.00
CA ASN H 84 43.74 -1.97 2.16
C ASN H 84 44.68 -2.70 3.10
N LYS H 85 45.22 -3.83 2.66
CA LYS H 85 46.24 -4.61 3.35
C LYS H 85 45.79 -5.15 4.69
N ARG H 86 44.49 -5.20 4.93
CA ARG H 86 43.97 -5.97 6.05
C ARG H 86 44.14 -7.44 5.81
N SER H 87 43.89 -8.24 6.82
CA SER H 87 43.84 -9.66 6.63
C SER H 87 42.67 -10.25 7.37
N THR H 88 41.64 -9.45 7.60
CA THR H 88 40.43 -9.95 8.23
C THR H 88 39.23 -9.47 7.47
N ILE H 89 38.33 -10.39 7.19
CA ILE H 89 37.03 -10.00 6.68
C ILE H 89 36.18 -9.61 7.88
N THR H 90 36.08 -8.32 8.14
CA THR H 90 35.23 -7.85 9.22
C THR H 90 33.80 -7.81 8.74
N SER H 91 32.92 -7.23 9.52
CA SER H 91 31.60 -6.93 9.05
C SER H 91 31.51 -5.58 8.40
N ARG H 92 32.63 -4.90 8.27
CA ARG H 92 32.61 -3.61 7.62
C ARG H 92 32.96 -3.75 6.14
N GLU H 93 33.72 -4.78 5.79
CA GLU H 93 33.93 -5.11 4.39
C GLU H 93 32.65 -5.61 3.75
N ILE H 94 31.89 -6.46 4.45
CA ILE H 94 30.64 -7.02 3.93
C ILE H 94 29.59 -5.93 3.73
N GLN H 95 29.73 -4.76 4.33
CA GLN H 95 28.76 -3.75 3.98
C GLN H 95 29.27 -2.78 2.95
N THR H 96 30.57 -2.69 2.75
CA THR H 96 31.01 -1.95 1.59
C THR H 96 30.84 -2.81 0.36
N ALA H 97 31.03 -4.12 0.49
CA ALA H 97 30.78 -5.03 -0.60
C ALA H 97 29.33 -5.09 -1.00
N VAL H 98 28.42 -4.90 -0.08
CA VAL H 98 27.02 -4.88 -0.45
C VAL H 98 26.64 -3.52 -1.01
N ARG H 99 27.26 -2.46 -0.54
CA ARG H 99 26.97 -1.16 -1.12
C ARG H 99 27.59 -0.96 -2.49
N LEU H 100 28.39 -1.91 -2.97
CA LEU H 100 28.93 -1.90 -4.32
C LEU H 100 28.12 -2.77 -5.26
N LEU H 101 28.01 -4.06 -4.95
CA LEU H 101 27.28 -4.99 -5.80
C LEU H 101 25.81 -4.71 -5.91
N LEU H 102 25.12 -4.67 -4.79
CA LEU H 102 23.67 -4.53 -4.83
C LEU H 102 23.29 -3.12 -5.26
N PRO H 103 22.48 -2.97 -6.27
CA PRO H 103 22.27 -1.65 -6.84
C PRO H 103 21.12 -0.89 -6.22
N GLY H 104 21.32 0.40 -6.03
CA GLY H 104 20.23 1.29 -5.68
C GLY H 104 19.57 1.03 -4.34
N GLU H 105 18.34 0.55 -4.37
CA GLU H 105 17.55 0.42 -3.16
C GLU H 105 17.71 -0.95 -2.52
N LEU H 106 18.30 -1.89 -3.22
CA LEU H 106 18.71 -3.10 -2.54
C LEU H 106 19.94 -2.87 -1.70
N ALA H 107 20.72 -1.84 -2.01
CA ALA H 107 21.85 -1.51 -1.17
C ALA H 107 21.40 -0.99 0.17
N LYS H 108 20.51 0.02 0.17
CA LYS H 108 20.09 0.68 1.40
C LYS H 108 19.33 -0.27 2.30
N HIS H 109 18.53 -1.16 1.73
CA HIS H 109 17.78 -2.08 2.56
C HIS H 109 18.66 -3.17 3.13
N ALA H 110 19.55 -3.73 2.31
CA ALA H 110 20.36 -4.82 2.82
C ALA H 110 21.46 -4.34 3.74
N VAL H 111 21.75 -3.05 3.75
CA VAL H 111 22.55 -2.50 4.83
C VAL H 111 21.75 -2.43 6.11
N SER H 112 20.51 -1.94 6.02
CA SER H 112 19.67 -1.79 7.20
C SER H 112 19.33 -3.12 7.82
N GLU H 113 18.96 -4.10 7.01
CA GLU H 113 18.74 -5.42 7.58
C GLU H 113 20.06 -6.15 7.84
N GLY H 114 21.15 -5.59 7.36
CA GLY H 114 22.41 -6.16 7.77
C GLY H 114 22.70 -5.77 9.20
N THR H 115 22.84 -4.46 9.45
CA THR H 115 23.29 -3.98 10.75
C THR H 115 22.32 -4.33 11.86
N LYS H 116 21.03 -4.40 11.54
CA LYS H 116 20.04 -4.81 12.52
C LYS H 116 20.23 -6.27 12.95
N ALA H 117 20.89 -7.09 12.16
CA ALA H 117 21.04 -8.48 12.54
C ALA H 117 22.39 -8.77 13.14
N VAL H 118 23.34 -7.86 13.02
CA VAL H 118 24.59 -8.03 13.73
C VAL H 118 24.54 -7.37 15.11
N THR H 119 23.71 -6.35 15.28
CA THR H 119 23.54 -5.73 16.59
C THR H 119 22.87 -6.68 17.54
N CYS H 120 21.77 -7.30 17.11
CA CYS H 120 21.11 -8.39 17.83
C CYS H 120 22.01 -9.57 18.14
N TYR H 121 23.04 -9.79 17.34
CA TYR H 121 23.97 -10.86 17.66
C TYR H 121 24.87 -10.48 18.82
N THR H 122 25.43 -9.28 18.80
CA THR H 122 26.43 -8.92 19.80
C THR H 122 25.78 -8.69 21.15
N SER H 123 24.65 -7.98 21.17
CA SER H 123 23.91 -7.68 22.39
C SER H 123 23.50 -8.96 23.11
N ALA H 124 22.76 -9.83 22.45
CA ALA H 124 22.44 -11.12 23.03
C ALA H 124 23.59 -12.12 22.84
N MET K 16 -32.83 35.44 36.73
CA MET K 16 -31.78 34.61 36.16
C MET K 16 -31.16 35.30 34.95
N LEU K 17 -32.00 36.04 34.23
CA LEU K 17 -31.62 36.72 33.00
C LEU K 17 -32.71 37.73 32.65
N GLN K 18 -32.33 38.92 32.19
CA GLN K 18 -33.31 39.99 31.93
C GLN K 18 -32.69 40.95 30.92
N PHE K 19 -33.42 42.04 30.63
CA PHE K 19 -33.00 43.05 29.67
C PHE K 19 -32.23 44.15 30.39
N ASP K 20 -31.15 44.62 29.75
CA ASP K 20 -30.39 45.77 30.25
C ASP K 20 -30.70 47.03 29.46
N LYS K 21 -30.41 47.03 28.16
CA LYS K 21 -30.54 48.24 27.36
C LYS K 21 -30.62 47.89 25.88
N GLN K 22 -31.39 48.67 25.16
CA GLN K 22 -31.37 48.70 23.70
C GLN K 22 -30.78 50.03 23.27
N VAL K 23 -29.76 50.00 22.41
CA VAL K 23 -29.06 51.23 22.06
C VAL K 23 -29.16 51.53 20.57
N LEU K 24 -29.46 50.54 19.74
CA LEU K 24 -29.48 50.83 18.31
C LEU K 24 -30.90 50.97 17.80
N PRO K 25 -31.12 51.84 16.82
CA PRO K 25 -32.41 51.88 16.13
C PRO K 25 -32.46 50.75 15.11
N ALA K 26 -33.70 50.42 14.71
CA ALA K 26 -33.91 49.18 13.98
C ALA K 26 -33.49 49.30 12.52
N SER K 27 -34.22 50.09 11.75
CA SER K 27 -34.19 49.99 10.30
C SER K 27 -32.93 50.65 9.74
N GLY K 28 -32.87 50.74 8.41
CA GLY K 28 -31.65 51.09 7.71
C GLY K 28 -31.30 50.02 6.68
N LYS K 29 -30.01 49.79 6.53
CA LYS K 29 -29.53 48.82 5.55
C LYS K 29 -29.72 47.40 6.09
N ILE K 30 -29.32 46.43 5.27
CA ILE K 30 -29.40 45.03 5.65
C ILE K 30 -28.41 44.74 6.77
N SER K 31 -28.90 44.20 7.88
CA SER K 31 -28.07 43.81 9.00
C SER K 31 -27.90 42.29 8.97
N THR K 32 -26.65 41.84 8.93
CA THR K 32 -26.36 40.43 8.72
C THR K 32 -25.74 39.74 9.93
N SER K 33 -24.70 40.32 10.53
CA SER K 33 -23.97 39.65 11.60
C SER K 33 -23.73 40.60 12.77
N CYS K 34 -23.79 40.04 13.99
CA CYS K 34 -23.37 40.75 15.19
C CYS K 34 -22.40 39.85 15.95
N GLN K 35 -21.25 40.40 16.31
CA GLN K 35 -20.20 39.63 16.98
C GLN K 35 -19.53 40.49 18.04
N ILE K 36 -19.50 40.00 19.27
CA ILE K 36 -18.75 40.64 20.33
C ILE K 36 -17.37 40.03 20.37
N SER K 37 -16.34 40.87 20.51
CA SER K 37 -14.98 40.40 20.64
C SER K 37 -14.81 39.67 21.97
N PRO K 38 -13.89 38.70 22.06
CA PRO K 38 -13.74 37.92 23.30
C PRO K 38 -13.30 38.71 24.51
N ASP K 39 -12.72 39.91 24.34
CA ASP K 39 -12.46 40.75 25.51
C ASP K 39 -13.76 41.25 26.14
N GLY K 40 -14.86 41.24 25.39
CA GLY K 40 -16.15 41.50 25.96
C GLY K 40 -16.54 42.94 26.08
N GLU K 41 -15.86 43.83 25.35
CA GLU K 41 -16.19 45.25 25.35
C GLU K 41 -16.38 45.85 23.97
N LEU K 42 -15.93 45.21 22.91
CA LEU K 42 -15.98 45.79 21.56
C LEU K 42 -16.87 44.93 20.67
N ILE K 43 -17.95 45.54 20.18
CA ILE K 43 -18.96 44.84 19.38
C ILE K 43 -18.89 45.37 17.96
N ALA K 44 -18.91 44.49 16.99
CA ALA K 44 -18.93 44.85 15.58
C ALA K 44 -20.26 44.43 15.00
N ILE K 45 -21.06 45.40 14.59
CA ILE K 45 -22.33 45.14 13.92
C ILE K 45 -22.07 45.16 12.43
N CYS K 46 -22.36 44.04 11.78
CA CYS K 46 -22.06 43.89 10.35
C CYS K 46 -23.31 44.20 9.54
N GLN K 47 -23.25 45.29 8.78
CA GLN K 47 -24.24 45.62 7.78
C GLN K 47 -23.55 45.53 6.44
N ASN K 48 -24.26 45.92 5.38
CA ASN K 48 -23.67 45.88 4.04
C ASN K 48 -22.48 46.83 3.92
N THR K 49 -21.26 46.25 3.95
CA THR K 49 -19.97 46.88 3.67
C THR K 49 -19.56 47.92 4.72
N ASP K 50 -20.40 48.18 5.73
CA ASP K 50 -20.04 49.07 6.82
C ASP K 50 -20.07 48.31 8.14
N MET K 51 -19.12 48.60 9.01
CA MET K 51 -19.03 47.96 10.31
C MET K 51 -19.34 49.01 11.37
N LEU K 52 -20.43 48.81 12.09
CA LEU K 52 -20.72 49.66 13.25
C LEU K 52 -20.01 49.08 14.46
N VAL K 53 -19.16 49.89 15.07
CA VAL K 53 -18.44 49.49 16.28
C VAL K 53 -19.07 50.22 17.45
N TYR K 54 -19.36 49.48 18.50
CA TYR K 54 -20.12 49.98 19.64
C TYR K 54 -19.37 49.60 20.91
N GLU K 55 -18.76 50.58 21.55
CA GLU K 55 -18.09 50.37 22.82
C GLU K 55 -19.12 50.45 23.94
N ILE K 56 -19.18 49.41 24.77
CA ILE K 56 -20.27 49.27 25.74
C ILE K 56 -20.06 50.09 27.01
N SER K 57 -18.93 50.77 27.14
CA SER K 57 -18.57 51.45 28.39
C SER K 57 -19.48 52.63 28.69
N SER K 58 -19.46 53.66 27.83
CA SER K 58 -20.38 54.79 27.96
C SER K 58 -21.38 54.78 26.82
N SER K 59 -21.60 53.60 26.23
CA SER K 59 -22.45 53.39 25.05
C SER K 59 -21.98 54.25 23.89
N LYS K 60 -20.67 54.26 23.67
CA LYS K 60 -20.11 55.12 22.63
C LYS K 60 -20.39 54.52 21.26
N MET K 61 -20.22 55.34 20.24
CA MET K 61 -20.44 54.89 18.87
C MET K 61 -19.18 55.12 18.06
N MET K 62 -19.11 54.37 16.95
CA MET K 62 -17.96 54.38 16.05
C MET K 62 -18.37 53.77 14.73
N LYS K 63 -18.09 54.46 13.64
CA LYS K 63 -18.43 53.99 12.31
C LYS K 63 -17.17 53.53 11.59
N LEU K 64 -17.27 52.44 10.83
CA LEU K 64 -16.16 51.93 10.05
C LEU K 64 -16.69 51.34 8.75
N THR K 65 -15.86 51.37 7.71
CA THR K 65 -16.23 50.97 6.36
C THR K 65 -15.10 50.15 5.77
N THR K 66 -15.45 49.12 4.99
CA THR K 66 -14.48 48.20 4.41
C THR K 66 -14.31 48.44 2.91
N THR K 67 -13.50 47.57 2.29
CA THR K 67 -13.28 47.53 0.84
C THR K 67 -14.06 46.41 0.18
N HIS K 68 -15.24 46.11 0.70
CA HIS K 68 -16.08 45.07 0.16
C HIS K 68 -17.26 45.58 -0.66
N LYS K 69 -17.62 44.82 -1.68
CA LYS K 69 -18.80 45.12 -2.48
C LYS K 69 -20.23 44.61 -2.31
N GLU K 70 -20.38 43.39 -1.83
CA GLU K 70 -21.69 42.78 -1.75
C GLU K 70 -22.06 42.53 -0.30
N CYS K 71 -23.16 41.80 -0.10
CA CYS K 71 -23.64 41.47 1.22
C CYS K 71 -22.63 40.60 1.95
N ILE K 72 -22.07 41.12 3.03
CA ILE K 72 -21.09 40.38 3.80
C ILE K 72 -21.83 39.50 4.79
N ASN K 73 -21.82 38.21 4.52
CA ASN K 73 -22.57 37.26 5.31
C ASN K 73 -21.82 36.78 6.56
N CYS K 74 -20.53 37.06 6.64
CA CYS K 74 -19.69 36.54 7.70
C CYS K 74 -19.09 37.66 8.53
N LEU K 75 -18.58 37.26 9.70
CA LEU K 75 -17.85 38.14 10.60
C LEU K 75 -17.03 37.27 11.54
N CYS K 76 -15.79 37.68 11.82
CA CYS K 76 -14.94 36.95 12.75
C CYS K 76 -14.11 37.95 13.56
N TRP K 77 -14.11 37.76 14.88
CA TRP K 77 -13.31 38.64 15.72
C TRP K 77 -11.92 38.07 15.95
N SER K 78 -10.97 38.97 16.21
CA SER K 78 -9.65 38.55 16.64
C SER K 78 -9.71 38.09 18.09
N PRO K 79 -8.96 37.03 18.44
CA PRO K 79 -8.95 36.58 19.84
C PRO K 79 -8.32 37.56 20.81
N ASP K 80 -7.51 38.50 20.33
CA ASP K 80 -6.97 39.56 21.16
C ASP K 80 -7.56 40.92 20.82
N SER K 81 -8.63 40.94 20.01
CA SER K 81 -9.44 42.12 19.70
C SER K 81 -8.63 43.19 18.98
N LYS K 82 -7.93 42.78 17.92
CA LYS K 82 -7.07 43.71 17.20
C LYS K 82 -7.20 43.59 15.69
N CYS K 83 -8.17 42.83 15.19
CA CYS K 83 -8.35 42.63 13.76
C CYS K 83 -9.78 42.19 13.50
N ILE K 84 -10.28 42.50 12.30
CA ILE K 84 -11.54 41.95 11.80
C ILE K 84 -11.34 41.54 10.35
N ALA K 85 -11.67 40.30 10.04
CA ALA K 85 -11.64 39.84 8.67
C ALA K 85 -13.06 39.51 8.23
N SER K 86 -13.29 39.48 6.93
CA SER K 86 -14.61 39.16 6.41
C SER K 86 -14.49 38.62 4.99
N GLY K 87 -15.43 37.76 4.63
CA GLY K 87 -15.56 37.26 3.27
C GLY K 87 -16.97 37.48 2.76
N SER K 88 -17.09 37.79 1.47
CA SER K 88 -18.42 37.95 0.89
C SER K 88 -18.57 37.14 -0.39
N GLU K 89 -19.72 37.30 -1.06
CA GLU K 89 -20.11 36.40 -2.13
C GLU K 89 -19.33 36.65 -3.42
N ASP K 90 -18.64 37.78 -3.51
CA ASP K 90 -17.84 38.14 -4.67
C ASP K 90 -16.43 37.59 -4.60
N PHE K 91 -16.21 36.56 -3.78
CA PHE K 91 -14.98 35.80 -3.56
C PHE K 91 -13.91 36.58 -2.83
N THR K 92 -14.18 37.83 -2.42
CA THR K 92 -13.20 38.57 -1.67
C THR K 92 -13.10 38.03 -0.25
N VAL K 93 -11.87 37.86 0.22
CA VAL K 93 -11.59 37.43 1.58
C VAL K 93 -10.59 38.45 2.09
N GLU K 94 -11.07 39.46 2.81
CA GLU K 94 -10.26 40.60 3.19
C GLU K 94 -9.90 40.51 4.67
N ILE K 95 -8.70 40.94 5.00
CA ILE K 95 -8.22 41.01 6.38
C ILE K 95 -7.85 42.45 6.65
N THR K 96 -8.50 43.07 7.62
CA THR K 96 -8.39 44.50 7.86
C THR K 96 -8.16 44.78 9.35
N HIS K 97 -7.34 45.78 9.65
CA HIS K 97 -7.10 46.14 11.04
C HIS K 97 -8.23 47.04 11.55
N ILE K 98 -8.46 47.00 12.86
CA ILE K 98 -9.57 47.75 13.45
C ILE K 98 -9.29 49.24 13.43
N ILE K 99 -8.03 49.63 13.58
CA ILE K 99 -7.66 51.04 13.50
C ILE K 99 -6.73 51.33 12.35
N TYR K 100 -5.96 50.36 11.89
CA TYR K 100 -4.94 50.59 10.88
C TYR K 100 -5.38 50.10 9.51
N GLY K 101 -6.66 49.77 9.35
CA GLY K 101 -7.27 49.57 8.05
C GLY K 101 -6.88 48.27 7.38
N ARG K 102 -6.94 48.27 6.06
CA ARG K 102 -6.73 47.07 5.26
C ARG K 102 -5.27 46.65 5.28
N ILE K 103 -5.03 45.39 5.66
CA ILE K 103 -3.67 44.89 5.79
C ILE K 103 -3.41 43.72 4.85
N ARG K 104 -4.41 42.86 4.64
CA ARG K 104 -4.21 41.64 3.86
C ARG K 104 -5.49 41.35 3.07
N ARG K 105 -5.38 40.38 2.15
CA ARG K 105 -6.47 39.91 1.32
C ARG K 105 -6.07 38.59 0.66
N LEU K 106 -7.03 37.68 0.53
CA LEU K 106 -6.76 36.31 0.10
C LEU K 106 -7.28 35.81 -1.23
N MET K 107 -8.51 36.20 -1.61
CA MET K 107 -9.14 35.87 -2.91
C MET K 107 -9.17 34.53 -3.64
N GLY K 108 -9.58 33.48 -2.93
CA GLY K 108 -9.37 32.13 -3.41
C GLY K 108 -10.54 31.27 -3.84
N HIS K 109 -11.75 31.50 -3.31
CA HIS K 109 -12.83 30.53 -3.44
C HIS K 109 -13.49 30.58 -4.81
N THR K 110 -14.00 29.44 -5.25
CA THR K 110 -14.68 29.34 -6.54
C THR K 110 -16.21 29.43 -6.39
N ALA K 111 -16.72 29.45 -5.17
CA ALA K 111 -18.12 29.71 -4.88
C ALA K 111 -18.18 30.73 -3.76
N PRO K 112 -19.35 31.33 -3.49
CA PRO K 112 -19.47 32.25 -2.34
C PRO K 112 -19.07 31.65 -1.00
N VAL K 113 -18.85 32.55 -0.04
CA VAL K 113 -18.57 32.18 1.34
C VAL K 113 -19.70 32.71 2.22
N ILE K 114 -20.10 31.91 3.21
CA ILE K 114 -21.15 32.30 4.14
C ILE K 114 -20.55 32.67 5.49
N SER K 115 -19.75 31.77 6.06
CA SER K 115 -19.14 32.01 7.36
C SER K 115 -17.69 31.55 7.34
N ILE K 116 -16.93 32.08 8.30
CA ILE K 116 -15.52 31.75 8.50
C ILE K 116 -15.27 31.77 10.00
N CYS K 117 -14.11 31.31 10.43
CA CYS K 117 -13.75 31.45 11.83
C CYS K 117 -12.22 31.54 11.98
N TYR K 118 -11.78 32.31 12.96
CA TYR K 118 -10.38 32.31 13.34
C TYR K 118 -9.99 31.06 14.11
N ASN K 119 -8.71 30.72 14.00
CA ASN K 119 -8.06 29.75 14.87
C ASN K 119 -8.08 30.24 16.31
N ASN K 120 -7.93 29.32 17.27
CA ASN K 120 -7.71 29.82 18.64
C ASN K 120 -6.34 30.37 18.85
N LYS K 121 -5.47 30.29 17.86
CA LYS K 121 -4.23 31.02 17.85
C LYS K 121 -4.31 32.24 16.97
N GLY K 122 -5.31 32.32 16.11
CA GLY K 122 -5.52 33.48 15.28
C GLY K 122 -4.71 33.48 14.02
N ASN K 123 -4.11 32.36 13.67
CA ASN K 123 -3.17 32.30 12.56
C ASN K 123 -3.71 31.62 11.33
N ILE K 124 -4.68 30.73 11.46
CA ILE K 124 -5.29 30.07 10.32
C ILE K 124 -6.78 30.34 10.44
N LEU K 125 -7.28 31.27 9.63
CA LEU K 125 -8.73 31.42 9.55
C LEU K 125 -9.25 30.33 8.63
N CYS K 126 -10.20 29.56 9.15
CA CYS K 126 -10.89 28.61 8.30
C CYS K 126 -11.82 29.38 7.37
N SER K 127 -12.21 28.73 6.28
CA SER K 127 -12.97 29.41 5.25
C SER K 127 -13.75 28.44 4.39
N SER K 128 -15.04 28.68 4.23
CA SER K 128 -15.91 27.81 3.47
C SER K 128 -16.11 28.38 2.07
N SER K 129 -16.37 27.49 1.12
CA SER K 129 -16.97 27.87 -0.14
C SER K 129 -18.36 27.23 -0.21
N MET K 130 -19.12 27.58 -1.24
CA MET K 130 -20.42 26.94 -1.42
C MET K 130 -20.38 25.77 -2.40
N ASP K 131 -19.25 25.51 -3.05
CA ASP K 131 -19.15 24.44 -4.04
C ASP K 131 -18.59 23.18 -3.42
N GLU K 132 -19.01 22.91 -2.17
CA GLU K 132 -18.76 21.68 -1.45
C GLU K 132 -17.28 21.53 -1.12
N SER K 133 -16.68 22.60 -0.61
CA SER K 133 -15.25 22.63 -0.36
C SER K 133 -14.94 23.67 0.70
N ILE K 134 -14.25 23.26 1.75
CA ILE K 134 -13.70 24.17 2.75
C ILE K 134 -12.22 24.33 2.43
N LYS K 135 -11.72 25.56 2.48
CA LYS K 135 -10.33 25.79 2.15
C LYS K 135 -9.65 26.45 3.35
N GLU K 136 -8.33 26.42 3.35
CA GLU K 136 -7.56 26.84 4.51
C GLU K 136 -6.45 27.78 4.08
N TRP K 137 -6.24 28.80 4.88
CA TRP K 137 -5.29 29.86 4.58
C TRP K 137 -4.47 30.17 5.81
N HIS K 138 -3.16 30.23 5.65
CA HIS K 138 -2.33 30.87 6.66
C HIS K 138 -2.31 32.36 6.36
N VAL K 139 -2.66 33.18 7.37
CA VAL K 139 -2.91 34.60 7.14
C VAL K 139 -1.62 35.33 6.73
N LEU K 140 -0.50 35.05 7.41
CA LEU K 140 0.74 35.75 7.14
C LEU K 140 1.31 35.36 5.78
N SER K 141 1.27 34.07 5.45
CA SER K 141 1.73 33.66 4.14
C SER K 141 0.72 33.95 3.04
N GLY K 142 -0.56 34.11 3.39
CA GLY K 142 -1.60 34.43 2.43
C GLY K 142 -1.79 33.46 1.29
N THR K 143 -1.53 32.18 1.51
CA THR K 143 -1.64 31.18 0.46
C THR K 143 -2.60 30.09 0.91
N ALA K 144 -2.84 29.13 0.01
CA ALA K 144 -3.71 28.01 0.32
C ALA K 144 -3.11 26.74 0.90
N LEU K 145 -3.49 26.42 2.14
CA LEU K 145 -2.98 25.20 2.75
C LEU K 145 -3.59 23.84 2.46
N LYS K 146 -4.82 23.59 2.89
CA LYS K 146 -5.42 22.28 2.76
C LYS K 146 -6.85 22.49 2.29
N THR K 147 -7.27 21.67 1.34
CA THR K 147 -8.64 21.70 0.85
C THR K 147 -9.43 20.62 1.56
N MET K 148 -10.68 20.93 1.87
CA MET K 148 -11.52 20.02 2.65
C MET K 148 -12.85 19.96 1.91
N SER K 149 -12.93 19.04 0.95
CA SER K 149 -14.09 18.96 0.06
C SER K 149 -14.73 17.60 0.25
N ALA K 150 -15.56 17.49 1.28
CA ALA K 150 -16.21 16.24 1.65
C ALA K 150 -17.73 16.26 1.74
N HIS K 151 -18.34 17.33 1.23
CA HIS K 151 -19.72 17.70 1.46
C HIS K 151 -20.45 17.73 0.12
N SER K 152 -21.76 17.92 0.17
CA SER K 152 -22.60 17.88 -1.02
C SER K 152 -23.51 19.09 -1.15
N ASP K 153 -23.18 20.20 -0.51
CA ASP K 153 -24.04 21.37 -0.58
C ASP K 153 -23.24 22.63 -0.28
N ALA K 154 -23.95 23.74 -0.32
CA ALA K 154 -23.50 24.97 0.29
C ALA K 154 -23.28 24.77 1.77
N VAL K 155 -22.03 24.87 2.20
CA VAL K 155 -21.65 24.59 3.58
C VAL K 155 -21.77 25.89 4.36
N VAL K 156 -22.72 25.92 5.29
CA VAL K 156 -23.12 27.18 5.91
C VAL K 156 -22.15 27.62 7.01
N SER K 157 -21.93 26.78 8.01
CA SER K 157 -21.24 27.19 9.23
C SER K 157 -20.14 26.19 9.53
N ILE K 158 -18.92 26.70 9.70
CA ILE K 158 -17.78 25.89 10.09
C ILE K 158 -17.17 26.50 11.35
N ASP K 159 -17.31 25.79 12.47
CA ASP K 159 -16.94 26.34 13.76
C ASP K 159 -15.78 25.59 14.42
N ILE K 160 -14.94 26.34 15.13
CA ILE K 160 -13.77 25.88 15.86
C ILE K 160 -14.08 26.06 17.34
N PRO K 161 -13.75 25.11 18.22
CA PRO K 161 -13.94 25.34 19.66
C PRO K 161 -13.10 26.48 20.21
N LYS K 162 -13.60 27.09 21.29
CA LYS K 162 -12.98 28.27 21.89
C LYS K 162 -11.61 27.99 22.50
N PHE K 163 -11.37 26.77 22.97
CA PHE K 163 -10.20 26.57 23.82
C PHE K 163 -8.98 26.05 23.08
N ASP K 164 -9.09 24.95 22.34
CA ASP K 164 -7.95 24.49 21.55
C ASP K 164 -8.53 24.63 20.16
N SER K 165 -7.65 24.42 19.17
CA SER K 165 -7.94 24.71 17.77
C SER K 165 -7.72 23.39 17.05
N SER K 166 -8.05 22.28 17.71
CA SER K 166 -7.78 20.96 17.19
C SER K 166 -8.62 20.64 15.94
N ILE K 167 -9.94 20.78 16.05
CA ILE K 167 -10.90 20.17 15.13
C ILE K 167 -11.79 21.22 14.49
N LEU K 168 -12.41 20.85 13.37
CA LEU K 168 -13.31 21.72 12.60
C LEU K 168 -14.60 20.96 12.31
N SER K 169 -15.71 21.43 12.87
CA SER K 169 -17.02 20.85 12.59
C SER K 169 -17.66 21.51 11.38
N SER K 170 -18.21 20.71 10.49
CA SER K 170 -18.85 21.22 9.29
C SER K 170 -20.31 20.77 9.28
N GLY K 171 -21.21 21.71 9.53
CA GLY K 171 -22.63 21.52 9.27
C GLY K 171 -23.00 22.24 7.99
N SER K 172 -23.98 21.70 7.26
CA SER K 172 -24.28 22.26 5.96
C SER K 172 -25.75 22.12 5.60
N TYR K 173 -26.09 22.65 4.42
CA TYR K 173 -27.43 22.62 3.87
C TYR K 173 -27.86 21.25 3.37
N ASP K 174 -26.97 20.28 3.28
CA ASP K 174 -27.42 18.93 2.94
C ASP K 174 -27.82 18.12 4.15
N GLY K 175 -27.87 18.72 5.33
CA GLY K 175 -28.29 17.98 6.50
C GLY K 175 -27.23 17.16 7.15
N LEU K 176 -25.97 17.56 7.07
CA LEU K 176 -24.86 16.77 7.55
C LEU K 176 -24.17 17.45 8.71
N ILE K 177 -23.64 16.66 9.64
CA ILE K 177 -22.82 17.16 10.74
C ILE K 177 -21.52 16.37 10.68
N ARG K 178 -20.53 16.93 10.04
CA ARG K 178 -19.30 16.21 9.72
C ARG K 178 -18.14 16.96 10.34
N ILE K 179 -17.36 16.27 11.19
CA ILE K 179 -16.22 16.85 11.87
C ILE K 179 -14.97 16.60 11.04
N PHE K 180 -14.13 17.62 10.91
CA PHE K 180 -12.93 17.48 10.10
C PHE K 180 -11.68 17.54 10.95
N ASP K 181 -10.54 17.45 10.27
CA ASP K 181 -9.21 17.67 10.83
C ASP K 181 -8.77 19.06 10.43
N THR K 182 -7.96 19.68 11.28
CA THR K 182 -7.33 20.93 10.92
C THR K 182 -5.84 20.80 10.62
N GLU K 183 -5.22 19.72 11.07
CA GLU K 183 -3.79 19.53 10.79
C GLU K 183 -3.59 19.02 9.38
N SER K 184 -4.21 17.90 9.04
CA SER K 184 -4.11 17.33 7.71
C SER K 184 -5.38 17.46 6.88
N GLY K 185 -6.53 17.67 7.52
CA GLY K 185 -7.72 17.99 6.78
C GLY K 185 -8.45 16.80 6.17
N HIS K 186 -8.72 15.78 6.95
CA HIS K 186 -9.64 14.74 6.53
C HIS K 186 -10.88 14.84 7.39
N CYS K 187 -12.00 14.31 6.91
CA CYS K 187 -13.20 14.29 7.73
C CYS K 187 -13.02 13.20 8.77
N LEU K 188 -13.56 13.42 9.95
CA LEU K 188 -13.13 12.69 11.12
C LEU K 188 -14.25 11.97 11.87
N LYS K 189 -15.50 12.37 11.66
CA LYS K 189 -16.67 11.82 12.34
C LYS K 189 -17.89 12.39 11.63
N THR K 190 -18.94 11.60 11.51
CA THR K 190 -20.21 12.07 10.98
C THR K 190 -21.29 11.76 12.00
N LEU K 191 -22.31 12.61 12.10
CA LEU K 191 -23.31 12.47 13.14
C LEU K 191 -24.72 12.30 12.60
N THR K 192 -24.87 12.15 11.27
CA THR K 192 -26.15 12.08 10.58
C THR K 192 -26.01 11.79 9.09
N TYR K 193 -27.13 11.53 8.42
CA TYR K 193 -27.16 11.00 7.07
C TYR K 193 -27.49 12.11 6.05
N ASP K 194 -27.47 11.72 4.77
CA ASP K 194 -27.52 12.62 3.62
C ASP K 194 -28.78 12.38 2.78
N LYS K 195 -28.84 13.00 1.60
CA LYS K 195 -29.81 12.69 0.55
C LYS K 195 -29.86 11.20 0.28
N ASP K 196 -28.69 10.64 -0.04
CA ASP K 196 -28.51 9.20 -0.11
C ASP K 196 -28.43 8.63 1.31
N TRP K 197 -28.21 7.33 1.41
CA TRP K 197 -28.04 6.60 2.66
C TRP K 197 -29.10 6.77 3.75
N ILE K 198 -30.25 7.39 3.47
CA ILE K 198 -31.48 7.03 4.17
C ILE K 198 -32.63 7.09 3.17
N ALA K 199 -32.62 8.10 2.28
CA ALA K 199 -33.63 8.49 1.28
C ALA K 199 -34.89 9.14 1.86
N GLU K 200 -35.07 9.05 3.18
CA GLU K 200 -36.17 9.63 3.93
C GLU K 200 -36.28 11.14 3.75
N ASP K 201 -37.44 11.74 4.02
CA ASP K 201 -37.45 13.17 4.31
C ASP K 201 -37.07 13.43 5.76
N GLY K 202 -35.88 12.98 6.15
CA GLY K 202 -35.23 13.26 7.41
C GLY K 202 -33.87 13.87 7.14
N VAL K 203 -33.80 14.62 6.03
CA VAL K 203 -32.58 15.25 5.55
C VAL K 203 -32.77 16.74 5.76
N VAL K 204 -33.38 17.09 6.87
CA VAL K 204 -33.57 18.47 7.29
C VAL K 204 -32.21 19.17 7.31
N PRO K 205 -32.02 20.20 6.47
CA PRO K 205 -30.74 20.89 6.39
C PRO K 205 -30.33 21.51 7.72
N ILE K 206 -29.03 21.64 7.90
CA ILE K 206 -28.50 22.25 9.11
C ILE K 206 -28.15 23.70 8.83
N SER K 207 -28.54 24.59 9.73
CA SER K 207 -28.33 26.02 9.54
C SER K 207 -27.07 26.52 10.24
N THR K 208 -26.85 26.14 11.48
CA THR K 208 -25.75 26.70 12.24
C THR K 208 -25.25 25.68 13.25
N VAL K 209 -23.94 25.44 13.23
CA VAL K 209 -23.29 24.56 14.16
C VAL K 209 -22.33 25.39 15.01
N LYS K 210 -22.43 25.22 16.32
CA LYS K 210 -21.64 26.00 17.25
C LYS K 210 -21.04 25.06 18.27
N PHE K 211 -19.75 25.21 18.51
CA PHE K 211 -19.11 24.48 19.59
C PHE K 211 -19.37 25.16 20.92
N SER K 212 -18.88 24.53 21.98
CA SER K 212 -19.10 25.04 23.31
C SER K 212 -17.92 25.91 23.76
N ARG K 213 -17.92 26.27 25.05
CA ARG K 213 -16.81 27.05 25.60
C ARG K 213 -15.57 26.19 25.75
N ASN K 214 -15.72 24.99 26.31
CA ASN K 214 -14.57 24.10 26.42
C ASN K 214 -14.34 23.32 25.13
N GLY K 215 -15.40 23.05 24.38
CA GLY K 215 -15.24 22.43 23.09
C GLY K 215 -15.45 20.93 23.04
N LYS K 216 -16.04 20.34 24.07
CA LYS K 216 -16.28 18.91 24.07
C LYS K 216 -17.65 18.52 23.58
N PHE K 217 -18.60 19.45 23.56
CA PHE K 217 -19.98 19.21 23.13
C PHE K 217 -20.28 20.15 21.98
N LEU K 218 -21.03 19.68 21.00
CA LEU K 218 -21.46 20.52 19.88
C LEU K 218 -22.93 20.89 20.01
N LEU K 219 -23.28 22.04 19.41
CA LEU K 219 -24.66 22.51 19.31
C LEU K 219 -25.03 22.68 17.85
N VAL K 220 -26.21 22.21 17.47
CA VAL K 220 -26.66 22.29 16.08
C VAL K 220 -28.03 22.93 16.04
N LYS K 221 -28.33 23.59 14.92
CA LYS K 221 -29.68 24.06 14.66
C LYS K 221 -30.05 23.68 13.23
N SER K 222 -31.00 22.76 13.12
CA SER K 222 -31.47 22.28 11.85
C SER K 222 -32.54 23.22 11.30
N LEU K 223 -32.87 23.05 10.01
CA LEU K 223 -33.80 23.93 9.34
C LEU K 223 -35.24 23.77 9.79
N ASP K 224 -35.56 22.80 10.64
CA ASP K 224 -36.91 22.69 11.15
C ASP K 224 -37.08 23.34 12.52
N ASN K 225 -36.21 24.30 12.86
CA ASN K 225 -36.20 25.05 14.11
C ASN K 225 -36.04 24.16 15.35
N VAL K 226 -35.48 22.97 15.21
CA VAL K 226 -35.20 22.08 16.33
C VAL K 226 -33.71 22.11 16.62
N VAL K 227 -33.35 22.51 17.83
CA VAL K 227 -31.97 22.62 18.26
C VAL K 227 -31.59 21.39 19.08
N LYS K 228 -30.44 20.79 18.76
CA LYS K 228 -29.93 19.64 19.49
C LYS K 228 -28.50 19.89 19.91
N LEU K 229 -28.08 19.21 20.98
CA LEU K 229 -26.71 19.30 21.48
C LEU K 229 -26.06 17.93 21.41
N TRP K 230 -25.03 17.80 20.58
CA TRP K 230 -24.38 16.52 20.30
C TRP K 230 -23.18 16.27 21.19
N GLU K 231 -23.08 15.03 21.68
CA GLU K 231 -21.86 14.51 22.30
C GLU K 231 -21.08 13.69 21.29
N TYR K 232 -20.38 14.40 20.39
CA TYR K 232 -19.77 13.78 19.21
C TYR K 232 -18.75 12.71 19.52
N THR K 233 -18.09 12.80 20.69
CA THR K 233 -17.11 11.80 21.09
C THR K 233 -17.74 10.42 21.20
N ARG K 234 -18.95 10.35 21.75
CA ARG K 234 -19.74 9.13 21.67
C ARG K 234 -20.60 8.85 20.46
N GLY K 235 -20.83 9.87 19.63
CA GLY K 235 -21.68 9.73 18.47
C GLY K 235 -23.17 9.97 18.50
N THR K 236 -23.71 10.36 19.65
CA THR K 236 -25.14 10.50 19.81
C THR K 236 -25.46 11.79 20.56
N VAL K 237 -26.75 12.05 20.71
CA VAL K 237 -27.26 13.32 21.19
C VAL K 237 -27.67 13.16 22.65
N VAL K 238 -27.63 14.28 23.38
CA VAL K 238 -28.03 14.30 24.78
C VAL K 238 -29.04 15.37 25.10
N ARG K 239 -29.35 16.28 24.16
CA ARG K 239 -30.30 17.35 24.41
C ARG K 239 -31.06 17.64 23.14
N THR K 240 -32.33 18.03 23.29
CA THR K 240 -33.11 18.57 22.19
C THR K 240 -33.90 19.77 22.67
N PHE K 241 -34.11 20.73 21.77
CA PHE K 241 -34.75 21.99 22.09
C PHE K 241 -35.72 22.33 20.97
N LEU K 242 -36.99 22.49 21.32
CA LEU K 242 -38.02 22.84 20.35
C LEU K 242 -38.81 24.04 20.85
N TRP K 243 -39.61 24.59 19.96
CA TRP K 243 -40.39 25.78 20.24
C TRP K 243 -41.82 25.39 20.56
N PRO K 244 -42.43 25.95 21.61
CA PRO K 244 -43.84 25.68 21.93
C PRO K 244 -44.80 26.35 20.96
N LYS K 251 -40.46 24.31 10.27
CA LYS K 251 -39.84 24.72 9.02
C LYS K 251 -39.36 26.15 9.07
N LEU K 252 -38.12 26.36 8.68
CA LEU K 252 -37.49 27.68 8.66
C LEU K 252 -37.01 28.01 7.25
N LYS K 253 -36.86 29.30 6.99
CA LYS K 253 -36.25 29.79 5.76
C LYS K 253 -35.27 30.91 6.08
N TYR K 254 -34.63 30.81 7.23
CA TYR K 254 -33.65 31.79 7.68
C TYR K 254 -32.41 31.05 8.17
N ASN K 255 -31.25 31.63 7.94
CA ASN K 255 -30.03 31.11 8.55
C ASN K 255 -29.79 31.82 9.88
N CYS K 256 -30.74 31.60 10.79
CA CYS K 256 -30.79 32.36 12.03
C CYS K 256 -29.64 31.98 12.95
N GLY K 257 -29.27 32.92 13.82
CA GLY K 257 -28.15 32.70 14.69
C GLY K 257 -28.50 31.91 15.93
N LEU K 258 -27.48 31.25 16.45
CA LEU K 258 -27.56 30.48 17.67
C LEU K 258 -26.43 30.90 18.59
N GLU K 259 -26.67 30.76 19.89
CA GLU K 259 -25.61 30.91 20.89
C GLU K 259 -26.07 30.17 22.14
N LEU K 260 -25.17 30.08 23.11
CA LEU K 260 -25.47 29.52 24.41
C LEU K 260 -24.96 30.54 25.41
N ILE K 261 -25.88 31.21 26.11
CA ILE K 261 -25.50 32.32 26.99
C ILE K 261 -24.71 31.77 28.19
N TYR K 262 -23.90 32.64 28.78
CA TYR K 262 -23.02 32.29 29.88
C TYR K 262 -23.34 33.14 31.11
N PRO K 263 -24.33 32.75 31.91
CA PRO K 263 -24.51 33.39 33.21
C PRO K 263 -23.54 32.80 34.23
N GLN K 264 -23.30 33.59 35.27
CA GLN K 264 -22.45 33.14 36.36
C GLN K 264 -23.15 32.14 37.27
N GLY K 265 -24.46 31.96 37.11
CA GLY K 265 -25.12 30.80 37.69
C GLY K 265 -24.72 29.51 37.00
N LYS K 266 -25.13 28.40 37.63
CA LYS K 266 -24.67 27.08 37.20
C LYS K 266 -25.24 26.67 35.84
N ASP K 267 -26.44 27.12 35.51
CA ASP K 267 -27.13 26.65 34.30
C ASP K 267 -26.94 27.66 33.16
N PRO K 268 -26.12 27.37 32.14
CA PRO K 268 -25.97 28.30 31.03
C PRO K 268 -26.94 28.03 29.87
N LEU K 269 -27.68 29.04 29.44
CA LEU K 269 -28.88 28.81 28.64
C LEU K 269 -28.59 28.92 27.15
N VAL K 270 -29.14 27.99 26.37
CA VAL K 270 -29.09 28.09 24.91
C VAL K 270 -30.05 29.17 24.45
N ILE K 271 -29.70 29.85 23.37
CA ILE K 271 -30.55 30.87 22.76
C ILE K 271 -30.55 30.70 21.26
N SER K 272 -31.73 30.73 20.66
CA SER K 272 -31.89 30.84 19.22
C SER K 272 -33.07 31.77 18.94
N GLY K 273 -33.20 32.16 17.67
CA GLY K 273 -34.26 33.06 17.25
C GLY K 273 -35.20 32.32 16.31
N ASN K 274 -36.49 32.66 16.41
CA ASN K 274 -37.47 31.99 15.59
C ASN K 274 -37.46 32.60 14.18
N ASP K 275 -38.41 32.13 13.34
CA ASP K 275 -38.67 32.79 12.06
C ASP K 275 -39.05 34.25 12.27
N SER K 276 -39.84 34.52 13.29
CA SER K 276 -40.14 35.90 13.67
C SER K 276 -39.04 36.39 14.62
N GLY K 277 -39.25 37.55 15.22
CA GLY K 277 -38.29 38.07 16.18
C GLY K 277 -38.59 37.65 17.59
N SER K 278 -38.94 36.39 17.78
CA SER K 278 -39.19 35.81 19.10
C SER K 278 -37.99 34.95 19.48
N MET K 279 -37.43 35.18 20.67
CA MET K 279 -36.22 34.51 21.12
C MET K 279 -36.45 33.88 22.49
N CYS K 280 -36.63 32.57 22.54
CA CYS K 280 -36.76 31.93 23.83
C CYS K 280 -35.40 31.36 24.24
N VAL K 281 -35.24 31.12 25.55
CA VAL K 281 -33.97 30.64 26.09
C VAL K 281 -34.20 29.34 26.86
N TRP K 282 -33.49 28.29 26.44
CA TRP K 282 -33.73 26.93 26.90
C TRP K 282 -32.81 26.61 28.07
N ASN K 283 -33.37 26.02 29.11
CA ASN K 283 -32.59 25.41 30.19
C ASN K 283 -31.90 24.16 29.65
N VAL K 284 -30.58 24.22 29.48
CA VAL K 284 -29.83 23.12 28.89
C VAL K 284 -29.68 21.94 29.85
N TYR K 285 -29.78 22.17 31.17
CA TYR K 285 -29.72 21.04 32.09
C TYR K 285 -31.05 20.31 32.18
N SER K 286 -32.13 20.97 31.81
CA SER K 286 -33.36 20.29 31.47
C SER K 286 -33.43 20.11 29.95
N LYS K 287 -34.59 19.75 29.45
CA LYS K 287 -34.87 19.77 28.02
C LYS K 287 -35.89 20.83 27.66
N ASN K 288 -36.32 21.64 28.61
CA ASN K 288 -37.35 22.65 28.45
C ASN K 288 -36.77 24.05 28.61
N LEU K 289 -37.67 25.03 28.56
CA LEU K 289 -37.36 26.44 28.75
C LEU K 289 -37.49 26.82 30.20
N VAL K 290 -37.03 28.03 30.52
CA VAL K 290 -37.46 28.68 31.75
C VAL K 290 -37.99 30.07 31.40
N GLN K 291 -37.63 30.57 30.21
CA GLN K 291 -37.74 32.00 29.94
C GLN K 291 -37.79 32.24 28.44
N LYS K 292 -38.34 33.39 28.03
CA LYS K 292 -38.38 33.80 26.63
C LYS K 292 -38.26 35.31 26.54
N ILE K 293 -37.48 35.78 25.56
CA ILE K 293 -37.31 37.20 25.27
C ILE K 293 -38.10 37.51 24.01
N ASP K 294 -39.17 38.29 24.16
CA ASP K 294 -40.04 38.66 23.05
C ASP K 294 -40.33 40.16 22.98
N GLU K 295 -39.89 40.93 23.98
CA GLU K 295 -40.20 42.36 24.02
C GLU K 295 -39.37 43.18 23.04
N LYS K 296 -38.42 42.57 22.33
CA LYS K 296 -37.65 43.26 21.30
C LYS K 296 -37.65 42.43 20.04
N HIS K 297 -37.19 43.07 18.95
CA HIS K 297 -37.10 42.51 17.59
C HIS K 297 -38.44 42.03 17.04
N ARG K 298 -39.54 42.48 17.63
CA ARG K 298 -40.85 41.88 17.33
C ARG K 298 -41.38 42.25 15.95
N ASN K 299 -40.73 43.19 15.26
CA ASN K 299 -41.05 43.47 13.86
C ASN K 299 -40.22 42.62 12.91
N SER K 300 -38.91 42.53 13.13
CA SER K 300 -37.92 42.07 12.16
C SER K 300 -37.46 40.64 12.47
N PRO K 301 -37.14 39.84 11.44
CA PRO K 301 -36.72 38.46 11.66
C PRO K 301 -35.21 38.32 11.87
N LEU K 302 -34.83 37.44 12.82
CA LEU K 302 -33.44 37.37 13.22
C LEU K 302 -32.44 36.46 12.53
N ILE K 303 -31.39 37.07 12.01
CA ILE K 303 -30.28 36.35 11.38
C ILE K 303 -29.00 35.95 12.12
N SER K 304 -28.68 36.62 13.22
CA SER K 304 -27.47 36.28 13.96
C SER K 304 -27.54 36.77 15.39
N ILE K 305 -26.80 36.10 16.27
CA ILE K 305 -26.56 36.51 17.65
C ILE K 305 -25.12 36.16 18.01
N SER K 306 -24.67 36.67 19.16
CA SER K 306 -23.36 36.34 19.74
C SER K 306 -23.45 36.65 21.22
N ALA K 307 -22.33 36.58 21.93
CA ALA K 307 -22.34 36.91 23.35
C ALA K 307 -20.96 37.35 23.80
N SER K 308 -20.84 37.52 25.11
CA SER K 308 -19.59 37.80 25.80
C SER K 308 -19.78 37.29 27.22
N TYR K 309 -18.75 37.50 28.05
CA TYR K 309 -18.81 37.01 29.42
C TYR K 309 -20.13 37.40 30.08
N ASP K 310 -20.56 38.64 29.88
CA ASP K 310 -21.85 39.11 30.39
C ASP K 310 -22.62 39.97 29.42
N LYS K 311 -22.11 40.25 28.23
CA LYS K 311 -22.75 41.21 27.32
C LYS K 311 -23.07 40.53 25.99
N VAL K 312 -24.30 40.06 25.88
CA VAL K 312 -24.82 39.37 24.72
C VAL K 312 -25.51 40.37 23.82
N ALA K 313 -25.27 40.29 22.53
CA ALA K 313 -26.02 41.10 21.57
C ALA K 313 -27.04 40.25 20.84
N THR K 314 -27.93 40.93 20.13
CA THR K 314 -28.88 40.30 19.21
C THR K 314 -28.78 41.00 17.87
N LEU K 315 -29.43 40.42 16.87
CA LEU K 315 -29.52 41.06 15.56
C LEU K 315 -30.72 40.49 14.82
N SER K 316 -31.12 41.19 13.78
CA SER K 316 -32.12 40.77 12.81
C SER K 316 -31.79 41.51 11.52
N LEU K 317 -32.63 41.34 10.50
CA LEU K 317 -32.39 42.07 9.26
C LEU K 317 -32.34 43.58 9.50
N ASN K 318 -32.97 44.05 10.56
CA ASN K 318 -32.79 45.40 11.07
C ASN K 318 -32.04 45.30 12.40
N GLY K 319 -30.94 46.02 12.51
CA GLY K 319 -29.94 45.72 13.51
C GLY K 319 -30.16 46.25 14.91
N GLU K 320 -31.07 45.65 15.66
CA GLU K 320 -31.32 46.06 17.04
C GLU K 320 -30.48 45.16 17.93
N CYS K 321 -29.40 45.71 18.49
CA CYS K 321 -28.58 44.97 19.43
C CYS K 321 -29.15 45.15 20.83
N ASN K 322 -29.20 44.08 21.60
CA ASN K 322 -29.87 44.12 22.89
C ASN K 322 -28.95 43.49 23.91
N LEU K 323 -28.44 44.29 24.85
CA LEU K 323 -27.67 43.71 25.93
C LEU K 323 -28.58 43.00 26.90
N PHE K 324 -28.04 41.97 27.54
CA PHE K 324 -28.74 41.27 28.61
C PHE K 324 -27.69 40.90 29.66
N ARG K 325 -28.17 40.44 30.81
CA ARG K 325 -27.26 40.13 31.90
C ARG K 325 -27.94 39.13 32.82
N VAL K 326 -27.12 38.34 33.50
CA VAL K 326 -27.60 37.39 34.50
C VAL K 326 -28.27 38.07 35.69
N TYR L 1 -22.06 65.97 3.07
CA TYR L 1 -21.84 65.48 1.70
C TYR L 1 -20.39 65.75 1.30
N GLN L 2 -19.82 66.83 1.84
CA GLN L 2 -18.42 67.13 1.56
C GLN L 2 -17.49 66.16 2.28
N GLN L 3 -17.93 65.64 3.42
CA GLN L 3 -17.26 64.50 4.03
C GLN L 3 -17.37 63.28 3.13
N ILE L 4 -18.58 63.01 2.63
CA ILE L 4 -18.82 61.89 1.72
C ILE L 4 -18.13 62.11 0.37
N GLU L 5 -17.91 63.37 -0.01
CA GLU L 5 -17.20 63.69 -1.25
C GLU L 5 -15.74 63.25 -1.16
N GLN L 6 -15.09 63.53 -0.02
CA GLN L 6 -13.70 63.13 0.15
C GLN L 6 -13.54 61.64 0.41
N ASN L 7 -14.60 60.96 0.84
CA ASN L 7 -14.60 59.51 0.78
C ASN L 7 -14.94 59.04 -0.62
N GLY L 8 -15.69 59.85 -1.37
CA GLY L 8 -16.10 59.44 -2.70
C GLY L 8 -14.97 59.52 -3.72
N ILE L 9 -14.09 60.51 -3.58
CA ILE L 9 -12.96 60.66 -4.51
C ILE L 9 -11.99 59.49 -4.36
N ILE L 10 -11.89 58.92 -3.17
CA ILE L 10 -11.15 57.68 -3.00
C ILE L 10 -11.97 56.50 -3.55
N ARG L 11 -13.26 56.49 -3.28
CA ARG L 11 -14.11 55.32 -3.54
C ARG L 11 -14.74 55.13 -4.93
N ASP L 12 -14.79 56.21 -5.70
CA ASP L 12 -14.99 56.09 -7.14
C ASP L 12 -13.98 55.60 -8.17
N ASN L 13 -12.73 56.06 -8.09
CA ASN L 13 -11.73 55.70 -9.06
C ASN L 13 -11.02 54.41 -8.69
N GLN L 14 -10.83 54.19 -7.39
CA GLN L 14 -10.09 53.03 -6.93
C GLN L 14 -10.92 51.75 -6.91
N ILE L 15 -12.25 51.87 -7.10
CA ILE L 15 -13.08 50.68 -7.29
C ILE L 15 -12.99 50.16 -8.71
N ALA L 16 -12.44 50.94 -9.64
CA ALA L 16 -12.01 50.43 -10.92
C ALA L 16 -10.55 49.97 -10.89
N LEU L 17 -9.88 50.14 -9.76
CA LEU L 17 -8.52 49.65 -9.55
C LEU L 17 -8.48 48.45 -8.62
N ASN L 18 -9.13 48.53 -7.45
CA ASN L 18 -9.06 47.44 -6.48
C ASN L 18 -9.89 46.23 -6.90
N GLU L 19 -10.97 46.45 -7.66
CA GLU L 19 -11.85 45.37 -8.06
C GLU L 19 -11.38 44.74 -9.36
N LYS L 20 -10.25 44.03 -9.26
CA LYS L 20 -9.82 43.06 -10.28
C LYS L 20 -10.20 41.64 -9.85
N GLU L 21 -11.36 41.50 -9.21
CA GLU L 21 -11.80 40.25 -8.61
C GLU L 21 -12.74 39.46 -9.52
N PHE L 22 -12.48 39.48 -10.82
CA PHE L 22 -13.14 38.59 -11.76
C PHE L 22 -12.48 37.32 -12.27
N ASP L 23 -12.63 36.23 -11.51
CA ASP L 23 -12.15 34.93 -11.94
C ASP L 23 -13.03 33.86 -12.54
N SER L 24 -14.36 33.98 -12.47
CA SER L 24 -15.27 32.87 -12.67
C SER L 24 -15.77 32.82 -14.11
N THR L 25 -16.77 31.96 -14.35
CA THR L 25 -17.55 31.98 -15.58
C THR L 25 -18.69 32.99 -15.48
N LEU L 26 -18.88 33.59 -14.30
CA LEU L 26 -19.85 34.67 -14.02
C LEU L 26 -21.34 34.36 -14.17
N ALA L 27 -21.77 33.33 -13.43
CA ALA L 27 -23.15 32.87 -13.49
C ALA L 27 -24.08 33.91 -12.83
N SER L 28 -25.35 33.55 -12.65
CA SER L 28 -26.37 34.47 -12.15
C SER L 28 -26.16 34.68 -10.66
N THR L 29 -25.38 35.70 -10.32
CA THR L 29 -25.06 36.04 -8.94
C THR L 29 -25.65 37.35 -8.42
N THR L 30 -26.74 37.80 -9.05
CA THR L 30 -27.32 39.09 -8.69
C THR L 30 -28.16 39.02 -7.42
N GLY L 31 -28.61 37.83 -7.02
CA GLY L 31 -29.44 37.72 -5.84
C GLY L 31 -28.62 37.70 -4.56
N SER L 32 -29.17 38.29 -3.51
CA SER L 32 -28.50 38.30 -2.22
C SER L 32 -28.95 37.12 -1.36
N PHE L 33 -28.13 36.81 -0.35
CA PHE L 33 -28.36 35.67 0.54
C PHE L 33 -29.11 36.07 1.79
N ILE L 34 -29.84 37.18 1.75
CA ILE L 34 -30.47 37.71 2.95
C ILE L 34 -31.84 37.11 3.19
N ALA L 35 -32.53 36.66 2.14
CA ALA L 35 -33.80 35.98 2.33
C ALA L 35 -33.58 34.50 2.67
N GLU L 36 -32.42 33.96 2.28
CA GLU L 36 -31.99 32.60 2.60
C GLU L 36 -32.94 31.55 2.02
N GLY L 37 -33.14 31.64 0.71
CA GLY L 37 -33.82 30.57 0.02
C GLY L 37 -32.94 29.34 -0.11
N PHE L 38 -33.59 28.20 -0.32
CA PHE L 38 -32.85 26.94 -0.40
C PHE L 38 -32.16 26.90 -1.75
N LYS L 39 -32.94 26.99 -2.84
CA LYS L 39 -32.54 26.86 -4.25
C LYS L 39 -31.91 25.52 -4.64
N LYS L 40 -32.61 24.42 -4.34
CA LYS L 40 -32.07 23.08 -4.50
C LYS L 40 -31.72 23.27 -5.98
N ILE L 41 -30.45 23.12 -6.29
CA ILE L 41 -29.97 23.13 -7.66
C ILE L 41 -28.90 22.05 -7.78
N PRO L 42 -28.89 21.26 -8.87
CA PRO L 42 -27.78 20.31 -9.08
C PRO L 42 -26.59 20.91 -9.81
N ASP L 43 -26.47 22.24 -9.78
CA ASP L 43 -25.37 22.95 -10.43
C ASP L 43 -24.02 22.54 -9.87
N LYS L 44 -23.19 21.92 -10.70
CA LYS L 44 -21.84 21.50 -10.34
C LYS L 44 -20.83 22.49 -10.94
N LEU L 45 -20.07 23.15 -10.07
CA LEU L 45 -19.05 24.10 -10.50
C LEU L 45 -17.66 23.81 -9.94
N LYS L 46 -17.38 22.57 -9.55
CA LYS L 46 -16.03 22.20 -9.16
C LYS L 46 -15.31 21.57 -10.35
N SER L 47 -14.14 21.01 -10.11
CA SER L 47 -13.38 20.34 -11.15
C SER L 47 -13.95 18.95 -11.41
N SER L 48 -13.91 18.53 -12.67
CA SER L 48 -14.39 17.22 -13.08
C SER L 48 -13.68 16.81 -14.36
N SER L 94 9.74 2.89 -4.30
CA SER L 94 8.41 3.42 -4.00
C SER L 94 7.62 2.39 -3.21
N SER L 95 7.33 1.26 -3.84
CA SER L 95 6.72 0.13 -3.14
C SER L 95 7.74 -0.71 -2.40
N ARG L 96 9.03 -0.37 -2.50
CA ARG L 96 10.10 -0.99 -1.71
C ARG L 96 9.82 -0.95 -0.22
N LEU L 97 9.70 0.26 0.34
CA LEU L 97 9.59 0.46 1.77
C LEU L 97 8.43 -0.25 2.43
N ASN L 98 7.24 -0.15 1.81
CA ASN L 98 6.06 -0.93 2.16
C ASN L 98 6.36 -2.41 2.33
N ARG L 99 6.91 -3.04 1.30
CA ARG L 99 7.22 -4.46 1.34
C ARG L 99 8.29 -4.79 2.38
N VAL L 100 9.14 -3.83 2.74
CA VAL L 100 10.06 -4.03 3.85
C VAL L 100 9.41 -3.65 5.18
N PHE L 101 8.48 -2.68 5.18
CA PHE L 101 7.70 -2.36 6.38
C PHE L 101 6.94 -3.57 6.91
N GLN L 102 6.12 -4.19 6.04
CA GLN L 102 5.37 -5.37 6.46
C GLN L 102 6.27 -6.58 6.70
N ARG L 103 7.51 -6.53 6.19
CA ARG L 103 8.50 -7.56 6.50
C ARG L 103 8.98 -7.44 7.92
N ARG L 104 8.98 -6.24 8.48
CA ARG L 104 9.32 -6.04 9.87
C ARG L 104 8.22 -6.51 10.80
N PHE L 105 6.97 -6.64 10.32
CA PHE L 105 5.91 -7.07 11.21
C PHE L 105 5.95 -8.56 11.48
N GLN L 106 6.41 -9.37 10.52
CA GLN L 106 6.70 -10.76 10.84
C GLN L 106 8.11 -10.94 11.37
N GLN L 107 8.94 -9.90 11.34
CA GLN L 107 10.17 -9.86 12.12
C GLN L 107 9.92 -9.52 13.57
N ASP L 108 8.71 -9.11 13.94
CA ASP L 108 8.40 -8.78 15.33
C ASP L 108 7.43 -9.80 15.91
N ILE L 109 6.26 -9.97 15.29
CA ILE L 109 5.12 -10.72 15.83
C ILE L 109 5.44 -12.21 16.05
N GLU L 110 6.38 -12.74 15.29
CA GLU L 110 6.58 -14.18 15.32
C GLU L 110 7.46 -14.63 16.48
N ALA L 111 8.24 -13.72 17.06
CA ALA L 111 9.10 -14.03 18.20
C ALA L 111 8.30 -14.54 19.39
N GLN L 112 7.28 -13.81 19.82
CA GLN L 112 6.40 -14.28 20.88
C GLN L 112 4.98 -14.83 20.75
N ARG L 113 4.71 -15.46 19.60
CA ARG L 113 3.55 -16.31 19.41
C ARG L 113 3.57 -17.80 19.67
N ALA L 114 4.49 -18.24 20.54
CA ALA L 114 4.93 -19.63 20.59
C ALA L 114 4.16 -20.87 21.06
N ALA L 115 3.47 -20.76 22.20
CA ALA L 115 2.39 -21.63 22.63
C ALA L 115 1.05 -21.27 21.98
N ILE L 116 0.57 -20.10 22.38
CA ILE L 116 -0.65 -19.55 21.86
C ILE L 116 -0.30 -18.26 21.10
N GLY L 117 -0.67 -18.17 19.82
CA GLY L 117 -1.31 -19.26 19.12
C GLY L 117 -2.59 -18.80 18.49
N PHE L 118 -3.57 -18.64 19.37
CA PHE L 118 -4.90 -18.24 18.98
C PHE L 118 -5.02 -16.88 18.30
N GLU L 119 -5.84 -16.87 17.24
CA GLU L 119 -5.94 -15.79 16.27
C GLU L 119 -5.70 -14.43 16.89
N SER L 120 -6.57 -13.96 17.75
CA SER L 120 -6.30 -12.65 18.39
C SER L 120 -5.60 -11.53 17.63
N ASP L 121 -5.74 -11.52 16.30
CA ASP L 121 -5.26 -10.44 15.43
C ASP L 121 -3.79 -10.57 15.06
N LEU L 122 -3.09 -11.53 15.65
CA LEU L 122 -1.73 -11.83 15.26
C LEU L 122 -1.66 -12.89 14.17
N LEU L 123 -2.79 -13.25 13.55
CA LEU L 123 -2.85 -14.29 12.52
C LEU L 123 -2.38 -13.73 11.19
N SER L 124 -1.12 -13.27 11.16
CA SER L 124 -0.43 -12.66 10.01
C SER L 124 -0.95 -11.27 9.64
N LEU L 125 -2.08 -10.87 10.22
CA LEU L 125 -2.79 -9.59 10.28
C LEU L 125 -3.12 -9.01 8.90
N ASN L 126 -3.17 -9.88 7.89
CA ASN L 126 -3.88 -10.52 6.77
C ASN L 126 -2.74 -11.09 5.96
N GLN L 127 -3.00 -11.65 4.77
CA GLN L 127 -2.13 -11.56 3.60
C GLN L 127 -2.89 -10.61 2.68
N LEU L 128 -2.42 -10.42 1.45
CA LEU L 128 -2.99 -9.51 0.45
C LEU L 128 -3.12 -8.05 0.91
N THR L 129 -2.36 -7.68 1.95
CA THR L 129 -2.30 -6.34 2.50
C THR L 129 -0.91 -5.75 2.39
N LYS L 130 0.13 -6.60 2.42
CA LYS L 130 1.52 -6.21 2.18
C LYS L 130 1.76 -5.70 0.77
N ARG L 131 0.77 -5.80 -0.12
CA ARG L 131 0.69 -5.02 -1.36
C ARG L 131 -0.40 -3.98 -1.66
N LYS L 132 -1.10 -3.46 -0.63
CA LYS L 132 -2.20 -2.59 -1.04
C LYS L 132 -2.49 -1.34 -1.86
N LYS L 133 -1.81 -0.19 -1.67
CA LYS L 133 -1.29 0.84 -2.58
C LYS L 133 -1.45 2.12 -1.75
N PRO L 134 -1.11 3.34 -2.23
CA PRO L 134 -1.63 4.52 -1.51
C PRO L 134 -3.11 4.93 -1.49
N VAL L 135 -3.96 4.27 -2.30
CA VAL L 135 -5.15 4.82 -2.98
C VAL L 135 -6.16 5.41 -1.99
N THR L 136 -6.68 6.59 -2.31
CA THR L 136 -7.60 7.35 -1.49
C THR L 136 -8.99 7.43 -2.12
N PHE L 137 -9.87 8.15 -1.44
CA PHE L 137 -11.23 8.38 -1.91
C PHE L 137 -11.51 9.87 -1.86
N ALA L 138 -12.30 10.37 -2.81
CA ALA L 138 -12.74 11.76 -2.83
C ALA L 138 -13.98 11.96 -3.69
N ARG L 139 -14.33 13.21 -3.95
CA ARG L 139 -15.45 13.55 -4.82
C ARG L 139 -15.10 13.14 -6.24
N SER L 140 -15.91 12.27 -6.82
CA SER L 140 -15.54 11.70 -8.11
C SER L 140 -16.09 12.53 -9.27
N ALA L 141 -15.38 12.45 -10.39
CA ALA L 141 -15.88 13.05 -11.62
C ALA L 141 -17.03 12.25 -12.19
N ILE L 142 -17.15 10.99 -11.82
CA ILE L 142 -18.15 10.09 -12.39
C ILE L 142 -19.27 9.68 -11.45
N HIS L 143 -19.25 10.14 -10.21
CA HIS L 143 -20.27 9.79 -9.22
C HIS L 143 -19.86 10.57 -7.97
N ASN L 144 -20.54 10.30 -6.85
CA ASN L 144 -20.29 10.89 -5.55
C ASN L 144 -18.88 10.63 -5.08
N TRP L 145 -18.52 9.36 -4.92
CA TRP L 145 -17.24 8.97 -4.32
C TRP L 145 -16.55 7.97 -5.22
N GLY L 146 -15.28 8.22 -5.54
CA GLY L 146 -14.48 7.31 -6.33
C GLY L 146 -13.16 7.00 -5.65
N LEU L 147 -12.39 6.13 -6.30
CA LEU L 147 -11.10 5.71 -5.78
C LEU L 147 -10.00 6.13 -6.75
N TYR L 148 -8.90 6.66 -6.22
CA TYR L 148 -7.87 7.26 -7.05
C TYR L 148 -6.51 6.66 -6.75
N ALA L 149 -5.77 6.28 -7.80
CA ALA L 149 -4.39 5.84 -7.65
C ALA L 149 -3.53 7.06 -7.39
N LEU L 150 -2.97 7.14 -6.18
CA LEU L 150 -2.04 8.20 -5.84
C LEU L 150 -0.60 7.89 -6.24
N GLU L 151 -0.37 6.79 -6.96
CA GLU L 151 0.97 6.38 -7.39
C GLU L 151 0.82 5.91 -8.83
N PRO L 152 1.81 6.18 -9.70
CA PRO L 152 1.73 5.70 -11.08
C PRO L 152 1.89 4.20 -11.20
N ILE L 153 0.82 3.48 -10.86
CA ILE L 153 0.80 2.03 -10.94
C ILE L 153 0.85 1.56 -12.40
N ALA L 154 1.60 0.49 -12.64
CA ALA L 154 1.91 -0.01 -13.97
C ALA L 154 0.96 -1.17 -14.27
N ALA L 155 1.17 -1.79 -15.44
CA ALA L 155 0.21 -2.50 -16.28
C ALA L 155 -0.66 -3.57 -15.62
N LYS L 156 -0.04 -4.60 -15.06
CA LYS L 156 -0.77 -5.69 -14.42
C LYS L 156 -0.32 -5.82 -12.97
N GLU L 157 -0.93 -5.02 -12.10
CA GLU L 157 -0.46 -4.89 -10.72
C GLU L 157 -1.68 -4.76 -9.82
N MET L 158 -1.81 -5.70 -8.88
CA MET L 158 -2.92 -5.72 -7.95
C MET L 158 -2.99 -4.46 -7.12
N ILE L 159 -4.18 -3.84 -7.10
CA ILE L 159 -4.34 -2.77 -6.14
C ILE L 159 -4.79 -3.35 -4.82
N ILE L 160 -6.06 -3.70 -4.71
CA ILE L 160 -6.68 -3.83 -3.39
C ILE L 160 -7.66 -4.99 -3.41
N GLU L 161 -7.69 -5.77 -2.35
CA GLU L 161 -8.72 -6.78 -2.27
C GLU L 161 -10.02 -6.17 -1.81
N TYR L 162 -11.13 -6.77 -2.24
CA TYR L 162 -12.45 -6.33 -1.81
C TYR L 162 -12.76 -6.99 -0.49
N VAL L 163 -13.11 -6.19 0.50
CA VAL L 163 -13.34 -6.70 1.84
C VAL L 163 -14.79 -6.40 2.20
N GLY L 164 -15.38 -7.28 3.01
CA GLY L 164 -16.66 -6.98 3.62
C GLY L 164 -17.24 -8.17 4.35
N GLU L 165 -18.56 -8.34 4.29
CA GLU L 165 -19.20 -9.46 4.95
C GLU L 165 -19.23 -10.66 4.02
N SER L 166 -19.46 -11.83 4.57
CA SER L 166 -19.65 -13.04 3.79
C SER L 166 -21.07 -13.53 4.05
N ILE L 167 -21.94 -13.34 3.08
CA ILE L 167 -23.33 -13.70 3.22
C ILE L 167 -23.75 -14.50 2.01
N ARG L 168 -24.71 -15.39 2.21
CA ARG L 168 -25.15 -16.28 1.16
C ARG L 168 -26.16 -15.59 0.25
N GLN L 169 -26.52 -16.28 -0.83
CA GLN L 169 -27.52 -15.77 -1.77
C GLN L 169 -28.89 -15.44 -1.19
N PRO L 170 -29.52 -16.25 -0.26
CA PRO L 170 -30.82 -15.81 0.28
C PRO L 170 -30.77 -14.51 1.05
N VAL L 171 -29.85 -14.43 2.02
CA VAL L 171 -29.73 -13.26 2.89
C VAL L 171 -29.25 -12.05 2.10
N ALA L 172 -28.62 -12.27 0.95
CA ALA L 172 -28.36 -11.19 0.01
C ALA L 172 -29.63 -10.54 -0.51
N GLU L 173 -30.67 -11.32 -0.74
CA GLU L 173 -31.83 -10.82 -1.44
C GLU L 173 -32.73 -10.01 -0.51
N MET L 174 -32.73 -10.36 0.77
CA MET L 174 -33.33 -9.49 1.78
C MET L 174 -32.60 -8.17 1.84
N ARG L 175 -31.27 -8.22 1.95
CA ARG L 175 -30.46 -7.01 2.01
C ARG L 175 -30.55 -6.21 0.73
N GLU L 176 -30.60 -6.87 -0.42
CA GLU L 176 -30.74 -6.13 -1.67
C GLU L 176 -32.07 -5.40 -1.73
N LYS L 177 -33.12 -5.96 -1.12
CA LYS L 177 -34.37 -5.23 -1.15
C LYS L 177 -34.53 -4.26 0.03
N ARG L 178 -33.98 -4.59 1.20
CA ARG L 178 -34.20 -3.78 2.40
C ARG L 178 -33.54 -2.41 2.27
N TYR L 179 -32.28 -2.39 1.82
CA TYR L 179 -31.57 -1.14 1.57
C TYR L 179 -32.30 -0.28 0.54
N ILE L 180 -32.80 -0.91 -0.52
CA ILE L 180 -33.57 -0.17 -1.49
C ILE L 180 -34.94 0.19 -0.93
N LYS L 181 -35.49 -0.62 -0.01
CA LYS L 181 -36.75 -0.28 0.63
C LYS L 181 -36.61 0.96 1.51
N SER L 182 -35.49 1.06 2.23
CA SER L 182 -35.13 2.34 2.82
C SER L 182 -34.47 3.32 1.86
N GLY L 183 -34.29 2.92 0.60
CA GLY L 183 -33.66 3.75 -0.40
C GLY L 183 -32.19 4.15 -0.34
N ILE L 184 -31.31 3.20 -0.03
CA ILE L 184 -29.88 3.47 -0.09
C ILE L 184 -29.45 3.73 -1.52
N GLY L 185 -29.80 2.82 -2.43
CA GLY L 185 -29.64 3.10 -3.84
C GLY L 185 -28.20 3.02 -4.25
N SER L 186 -27.51 2.01 -3.70
CA SER L 186 -26.12 1.75 -4.01
C SER L 186 -25.88 0.29 -3.75
N SER L 187 -25.61 -0.47 -4.80
CA SER L 187 -25.50 -1.92 -4.70
C SER L 187 -24.08 -2.37 -4.36
N TYR L 188 -23.81 -2.63 -3.09
CA TYR L 188 -22.47 -2.94 -2.62
C TYR L 188 -22.21 -4.43 -2.47
N LEU L 189 -22.85 -5.26 -3.26
CA LEU L 189 -22.67 -6.69 -3.14
C LEU L 189 -21.80 -7.15 -4.29
N PHE L 190 -20.97 -8.16 -4.04
CA PHE L 190 -20.06 -8.70 -5.05
C PHE L 190 -20.32 -10.19 -5.14
N ARG L 191 -19.76 -10.86 -6.14
CA ARG L 191 -19.95 -12.30 -6.29
C ARG L 191 -18.69 -13.13 -6.27
N ILE L 192 -18.53 -13.97 -5.25
CA ILE L 192 -17.44 -14.94 -5.29
C ILE L 192 -17.62 -16.32 -5.90
N ASP L 193 -18.63 -17.04 -5.44
CA ASP L 193 -19.19 -18.20 -6.11
C ASP L 193 -20.68 -18.10 -5.94
N GLU L 194 -21.44 -18.53 -6.95
CA GLU L 194 -22.80 -18.05 -7.18
C GLU L 194 -23.80 -18.28 -6.05
N ASN L 195 -23.43 -19.05 -5.01
CA ASN L 195 -24.25 -19.21 -3.82
C ASN L 195 -23.67 -18.50 -2.61
N THR L 196 -22.83 -17.48 -2.81
CA THR L 196 -22.48 -16.56 -1.74
C THR L 196 -22.01 -15.25 -2.34
N VAL L 197 -22.34 -14.17 -1.66
CA VAL L 197 -21.96 -12.85 -2.10
C VAL L 197 -21.09 -12.24 -1.02
N ILE L 198 -20.57 -11.04 -1.28
CA ILE L 198 -19.86 -10.28 -0.27
C ILE L 198 -20.44 -8.88 -0.20
N ASP L 199 -20.89 -8.50 1.00
CA ASP L 199 -21.55 -7.24 1.27
C ASP L 199 -20.56 -6.19 1.74
N ALA L 200 -20.80 -4.94 1.35
CA ALA L 200 -19.89 -3.87 1.68
C ALA L 200 -20.59 -2.59 2.10
N THR L 201 -21.89 -2.65 2.40
CA THR L 201 -22.63 -1.49 2.86
C THR L 201 -22.15 -0.96 4.20
N LYS L 202 -22.17 -1.80 5.23
CA LYS L 202 -21.77 -1.31 6.54
C LYS L 202 -20.31 -1.61 6.86
N ARG L 203 -19.90 -2.86 6.75
CA ARG L 203 -18.51 -3.20 6.95
C ARG L 203 -17.78 -3.07 5.63
N GLY L 204 -16.51 -3.43 5.60
CA GLY L 204 -15.79 -3.54 4.36
C GLY L 204 -14.50 -2.75 4.33
N GLY L 205 -13.87 -2.77 3.17
CA GLY L 205 -12.67 -2.02 2.92
C GLY L 205 -13.01 -0.92 1.96
N ILE L 206 -12.03 -0.07 1.62
CA ILE L 206 -12.23 1.07 0.72
C ILE L 206 -12.59 0.62 -0.69
N ALA L 207 -12.33 -0.66 -1.02
CA ALA L 207 -12.51 -1.18 -2.36
C ALA L 207 -13.93 -1.11 -2.91
N ARG L 208 -14.93 -0.87 -2.06
CA ARG L 208 -16.29 -0.60 -2.53
C ARG L 208 -16.35 0.65 -3.40
N PHE L 209 -15.62 1.69 -3.01
CA PHE L 209 -15.66 3.01 -3.61
C PHE L 209 -15.28 3.10 -5.09
N ILE L 210 -14.81 2.00 -5.70
CA ILE L 210 -14.55 1.95 -7.14
C ILE L 210 -15.81 2.12 -7.96
N ASN L 211 -15.79 3.06 -8.90
CA ASN L 211 -16.94 3.31 -9.76
C ASN L 211 -16.97 2.34 -10.94
N HIS L 212 -17.86 2.61 -11.89
CA HIS L 212 -18.01 1.85 -13.11
C HIS L 212 -17.60 2.67 -14.31
N CYS L 213 -17.02 1.99 -15.29
CA CYS L 213 -16.82 2.53 -16.64
C CYS L 213 -16.63 1.35 -17.55
N CYS L 214 -17.53 1.18 -18.53
CA CYS L 214 -17.48 0.05 -19.45
C CYS L 214 -16.27 0.07 -20.37
N GLU L 215 -15.54 1.18 -20.38
CA GLU L 215 -14.18 1.21 -20.88
C GLU L 215 -13.28 1.03 -19.66
N PRO L 216 -12.81 -0.18 -19.38
CA PRO L 216 -12.27 -0.46 -18.06
C PRO L 216 -10.83 -0.03 -17.91
N SER L 217 -10.40 0.05 -16.65
CA SER L 217 -9.00 0.09 -16.30
C SER L 217 -8.62 -0.96 -15.29
N CYS L 218 -9.57 -1.47 -14.51
CA CYS L 218 -9.35 -2.49 -13.53
C CYS L 218 -10.36 -3.61 -13.72
N THR L 219 -9.96 -4.81 -13.31
CA THR L 219 -10.85 -5.95 -13.23
C THR L 219 -10.57 -6.69 -11.94
N ALA L 220 -11.50 -7.54 -11.55
CA ALA L 220 -11.39 -8.25 -10.28
C ALA L 220 -11.43 -9.75 -10.51
N LYS L 221 -10.27 -10.38 -10.51
CA LYS L 221 -10.24 -11.83 -10.60
C LYS L 221 -10.58 -12.43 -9.23
N ILE L 222 -10.82 -13.74 -9.22
CA ILE L 222 -11.10 -14.44 -7.96
C ILE L 222 -9.92 -15.32 -7.62
N ILE L 223 -9.00 -14.79 -6.83
CA ILE L 223 -7.82 -15.52 -6.40
C ILE L 223 -8.05 -16.02 -5.00
N LYS L 224 -7.75 -17.29 -4.76
CA LYS L 224 -7.87 -17.86 -3.43
C LYS L 224 -6.52 -17.81 -2.74
N VAL L 225 -6.52 -17.42 -1.47
CA VAL L 225 -5.35 -17.54 -0.62
C VAL L 225 -5.71 -18.46 0.54
N ASP L 226 -4.92 -19.53 0.71
CA ASP L 226 -4.96 -20.40 1.89
C ASP L 226 -6.33 -21.07 2.01
N GLY L 227 -6.88 -21.53 0.89
CA GLY L 227 -8.25 -21.98 0.93
C GLY L 227 -9.68 -21.53 1.16
N ARG L 228 -9.88 -20.22 1.11
CA ARG L 228 -11.01 -19.39 0.72
C ARG L 228 -10.72 -18.42 -0.41
N LYS L 229 -11.76 -18.11 -1.18
CA LYS L 229 -11.69 -17.12 -2.23
C LYS L 229 -11.53 -15.72 -1.66
N ARG L 230 -10.78 -14.88 -2.37
CA ARG L 230 -10.68 -13.46 -2.10
C ARG L 230 -10.97 -12.73 -3.38
N ILE L 231 -11.51 -11.51 -3.29
CA ILE L 231 -11.81 -10.71 -4.48
C ILE L 231 -10.72 -9.65 -4.60
N VAL L 232 -9.72 -9.92 -5.43
CA VAL L 232 -8.61 -9.00 -5.63
C VAL L 232 -8.77 -8.31 -6.97
N ILE L 233 -8.36 -7.06 -7.05
CA ILE L 233 -8.76 -6.14 -8.12
C ILE L 233 -7.50 -5.69 -8.86
N TYR L 234 -7.16 -6.36 -9.96
CA TYR L 234 -5.97 -6.02 -10.74
C TYR L 234 -6.20 -4.81 -11.63
N ALA L 235 -5.18 -4.46 -12.42
CA ALA L 235 -5.23 -3.34 -13.34
C ALA L 235 -5.01 -3.80 -14.77
N LEU L 236 -5.45 -2.98 -15.71
CA LEU L 236 -5.36 -3.27 -17.14
C LEU L 236 -4.41 -2.34 -17.88
N ARG L 237 -4.31 -1.09 -17.45
CA ARG L 237 -3.48 -0.09 -18.09
C ARG L 237 -2.67 0.63 -17.02
N ASP L 238 -1.65 1.35 -17.46
CA ASP L 238 -0.97 2.26 -16.55
C ASP L 238 -1.95 3.33 -16.06
N ILE L 239 -2.11 3.40 -14.76
CA ILE L 239 -3.02 4.34 -14.15
C ILE L 239 -2.17 5.49 -13.61
N GLY L 240 -2.53 6.71 -13.94
CA GLY L 240 -1.72 7.85 -13.58
C GLY L 240 -1.83 8.19 -12.12
N THR L 241 -1.06 9.18 -11.72
CA THR L 241 -1.18 9.70 -10.38
C THR L 241 -2.47 10.52 -10.30
N ASN L 242 -3.29 10.23 -9.29
CA ASN L 242 -4.59 10.84 -9.00
C ASN L 242 -5.61 10.58 -10.12
N GLU L 243 -5.33 9.61 -10.98
CA GLU L 243 -6.31 9.17 -11.95
C GLU L 243 -7.44 8.40 -11.27
N GLU L 244 -8.61 8.41 -11.88
CA GLU L 244 -9.78 7.73 -11.36
C GLU L 244 -9.71 6.25 -11.69
N LEU L 245 -10.10 5.40 -10.74
CA LEU L 245 -10.14 3.97 -11.01
C LEU L 245 -11.52 3.56 -11.53
N THR L 246 -11.50 2.66 -12.51
CA THR L 246 -12.69 2.25 -13.23
C THR L 246 -12.85 0.75 -13.08
N TYR L 247 -13.90 0.22 -13.69
CA TYR L 247 -14.31 -1.16 -13.54
C TYR L 247 -15.49 -1.41 -14.46
N ASP L 248 -15.68 -2.66 -14.87
CA ASP L 248 -16.96 -3.14 -15.38
C ASP L 248 -17.64 -3.87 -14.25
N TYR L 249 -18.95 -3.65 -14.11
CA TYR L 249 -19.63 -4.36 -13.05
C TYR L 249 -20.21 -5.69 -13.52
N LYS L 250 -20.55 -5.78 -14.82
CA LYS L 250 -21.14 -6.96 -15.45
C LYS L 250 -22.48 -7.37 -14.83
N PHE L 251 -23.45 -6.46 -14.87
CA PHE L 251 -24.76 -6.67 -14.26
C PHE L 251 -25.41 -7.51 -15.35
N GLU L 252 -25.45 -8.83 -15.18
CA GLU L 252 -26.10 -9.64 -16.21
C GLU L 252 -27.47 -10.17 -15.77
N ARG L 253 -28.52 -9.91 -16.56
CA ARG L 253 -28.42 -9.13 -17.80
C ARG L 253 -29.23 -7.83 -17.76
N GLU L 254 -30.48 -7.92 -17.33
CA GLU L 254 -31.38 -6.79 -17.23
C GLU L 254 -31.93 -6.67 -15.82
N PRO L 262 -28.25 3.04 -15.96
CA PRO L 262 -27.96 4.36 -16.53
C PRO L 262 -26.52 4.79 -16.26
N CYS L 263 -25.71 4.91 -17.31
CA CYS L 263 -24.26 5.10 -17.17
C CYS L 263 -23.95 6.58 -17.18
N LEU L 264 -23.69 7.12 -15.98
CA LEU L 264 -23.39 8.52 -15.80
C LEU L 264 -21.93 8.87 -16.06
N CYS L 265 -21.19 7.98 -16.73
CA CYS L 265 -19.75 8.12 -16.92
C CYS L 265 -19.36 9.32 -17.78
N GLY L 266 -20.30 9.81 -18.59
CA GLY L 266 -20.03 10.85 -19.57
C GLY L 266 -18.91 10.56 -20.56
N ALA L 267 -18.60 9.29 -20.80
CA ALA L 267 -17.59 8.93 -21.79
C ALA L 267 -18.35 8.56 -23.05
N PRO L 268 -17.81 8.84 -24.27
CA PRO L 268 -18.63 8.66 -25.47
C PRO L 268 -18.88 7.20 -25.85
N SER L 269 -17.82 6.44 -26.06
CA SER L 269 -17.96 5.06 -26.52
C SER L 269 -18.31 4.10 -25.40
N CYS L 270 -19.48 4.29 -24.79
CA CYS L 270 -19.96 3.37 -23.75
C CYS L 270 -21.47 3.33 -23.81
N LYS L 271 -22.03 2.13 -23.62
CA LYS L 271 -23.47 1.93 -23.49
C LYS L 271 -24.05 2.81 -22.39
N GLY L 272 -25.02 3.64 -22.76
CA GLY L 272 -25.70 4.56 -21.87
C GLY L 272 -26.31 3.98 -20.61
N PHE L 273 -26.73 2.72 -20.64
CA PHE L 273 -27.26 2.07 -19.46
C PHE L 273 -26.26 1.05 -18.92
N LEU L 274 -26.67 0.28 -17.93
CA LEU L 274 -25.82 -0.74 -17.35
C LEU L 274 -26.42 -2.11 -17.57
N ALA M 2 -6.05 19.66 22.18
CA ALA M 2 -5.59 18.48 21.47
C ALA M 2 -6.66 17.42 21.47
N ASN M 3 -7.56 17.51 20.48
CA ASN M 3 -8.74 16.66 20.42
C ASN M 3 -8.82 15.85 19.15
N LEU M 4 -7.94 16.09 18.17
CA LEU M 4 -7.75 15.20 17.03
C LEU M 4 -7.54 13.78 17.49
N LEU M 5 -6.54 13.59 18.35
CA LEU M 5 -6.11 12.24 18.75
C LEU M 5 -7.14 11.53 19.62
N LEU M 6 -8.11 12.26 20.18
CA LEU M 6 -9.08 11.60 21.03
C LEU M 6 -9.96 10.71 20.14
N GLN M 7 -10.25 11.17 18.93
CA GLN M 7 -10.97 10.34 17.96
C GLN M 7 -10.33 10.04 16.63
N ASP M 8 -9.01 10.16 16.52
CA ASP M 8 -8.27 10.09 15.25
C ASP M 8 -8.41 8.93 14.25
N PRO M 9 -8.63 7.63 14.66
CA PRO M 9 -8.76 7.42 16.10
C PRO M 9 -7.57 6.65 16.63
N PHE M 10 -7.90 5.77 17.55
CA PHE M 10 -6.94 4.92 18.24
C PHE M 10 -5.94 4.31 17.27
N GLY M 11 -4.81 3.89 17.78
CA GLY M 11 -3.72 3.49 16.93
C GLY M 11 -2.67 4.56 16.77
N VAL M 12 -2.81 5.69 17.45
CA VAL M 12 -1.70 6.64 17.57
C VAL M 12 -1.30 6.78 19.04
N LEU M 13 -0.39 5.92 19.46
CA LEU M 13 0.35 6.18 20.68
C LEU M 13 1.79 5.70 20.52
N LYS M 14 2.19 5.32 19.31
CA LYS M 14 3.34 4.42 19.15
C LYS M 14 4.76 4.73 19.65
N GLU M 15 4.94 5.94 20.19
CA GLU M 15 6.07 6.50 20.96
C GLU M 15 7.29 6.91 20.16
N TYR M 16 7.25 6.82 18.83
CA TYR M 16 8.17 7.38 17.84
C TYR M 16 7.29 7.75 16.66
N PRO M 17 7.71 8.66 15.80
CA PRO M 17 7.40 8.73 14.38
C PRO M 17 8.32 7.97 13.43
N GLU M 18 7.76 7.31 12.43
CA GLU M 18 8.59 6.69 11.41
C GLU M 18 8.68 7.22 9.99
N LYS M 19 7.77 8.06 9.54
CA LYS M 19 7.90 8.61 8.19
C LYS M 19 8.27 10.07 8.28
N LEU M 20 9.19 10.49 7.43
CA LEU M 20 9.49 11.90 7.35
C LEU M 20 8.46 12.53 6.44
N THR M 21 7.89 13.62 6.90
CA THR M 21 6.72 14.14 6.23
C THR M 21 6.99 15.56 5.79
N HIS M 22 7.86 16.24 6.50
CA HIS M 22 8.07 17.64 6.28
C HIS M 22 9.54 17.89 5.98
N THR M 23 9.80 19.04 5.37
CA THR M 23 11.17 19.46 5.11
C THR M 23 11.16 20.98 5.05
N LEU M 24 11.67 21.62 6.09
CA LEU M 24 11.87 23.05 6.06
C LEU M 24 13.03 23.36 5.13
N GLU M 25 12.70 23.84 3.94
CA GLU M 25 13.70 24.24 2.97
C GLU M 25 14.29 25.60 3.37
N VAL M 26 15.14 25.59 4.39
CA VAL M 26 15.79 26.76 4.92
C VAL M 26 17.10 26.96 4.17
N PRO M 27 17.24 28.02 3.36
CA PRO M 27 18.49 28.21 2.60
C PRO M 27 19.69 28.51 3.47
N VAL M 28 19.54 29.37 4.46
CA VAL M 28 20.64 29.72 5.34
C VAL M 28 20.76 28.59 6.35
N ALA M 29 21.87 27.84 6.28
CA ALA M 29 22.04 26.57 6.99
C ALA M 29 21.90 26.71 8.51
N ALA M 30 21.44 25.64 9.14
CA ALA M 30 21.10 25.69 10.55
C ALA M 30 21.65 24.60 11.46
N VAL M 31 22.30 25.03 12.54
CA VAL M 31 22.73 24.14 13.61
C VAL M 31 21.78 23.51 14.62
N CYS M 32 21.10 24.32 15.41
CA CYS M 32 20.26 23.83 16.48
C CYS M 32 18.81 24.12 16.18
N VAL M 33 17.93 23.18 16.50
CA VAL M 33 16.50 23.36 16.38
C VAL M 33 15.89 23.09 17.73
N LYS M 34 14.84 23.82 18.06
CA LYS M 34 14.20 23.59 19.35
C LYS M 34 12.73 23.96 19.23
N PHE M 35 11.88 22.97 19.40
CA PHE M 35 10.45 23.18 19.39
C PHE M 35 10.01 24.04 20.58
N SER M 36 8.81 24.59 20.46
CA SER M 36 8.13 25.20 21.58
C SER M 36 7.81 24.13 22.63
N PRO M 37 7.55 24.52 23.88
CA PRO M 37 7.11 23.52 24.86
C PRO M 37 5.81 22.85 24.52
N ARG M 38 4.90 23.51 23.82
CA ARG M 38 3.80 22.85 23.16
C ARG M 38 4.16 22.66 21.70
N GLY M 39 3.30 21.98 20.96
CA GLY M 39 3.65 21.64 19.59
C GLY M 39 3.56 22.75 18.57
N ASP M 40 3.53 24.01 19.03
CA ASP M 40 3.15 25.10 18.16
C ASP M 40 4.27 25.50 17.21
N TYR M 41 5.40 25.91 17.74
CA TYR M 41 6.44 26.58 16.97
C TYR M 41 7.72 25.78 16.96
N LEU M 42 8.60 26.12 16.01
CA LEU M 42 9.90 25.47 15.89
C LEU M 42 10.93 26.58 15.70
N ALA M 43 11.76 26.79 16.72
CA ALA M 43 12.87 27.72 16.58
C ALA M 43 14.00 27.04 15.82
N VAL M 44 14.64 27.79 14.92
CA VAL M 44 15.68 27.26 14.05
C VAL M 44 16.93 28.12 14.26
N GLY M 45 17.85 27.62 15.08
CA GLY M 45 19.14 28.27 15.22
C GLY M 45 19.96 28.16 13.97
N CYS M 46 20.40 29.29 13.43
CA CYS M 46 20.98 29.37 12.10
C CYS M 46 22.48 29.67 12.16
N SER M 47 23.12 29.60 10.99
CA SER M 47 24.58 29.71 10.92
C SER M 47 25.03 31.16 10.83
N ASN M 48 24.37 31.96 9.99
CA ASN M 48 24.80 33.35 9.77
C ASN M 48 24.33 34.36 10.81
N GLY M 49 24.01 33.89 12.00
CA GLY M 49 23.37 34.71 13.00
C GLY M 49 21.88 34.94 13.10
N ALA M 50 21.11 34.22 12.28
CA ALA M 50 19.67 34.33 12.43
C ALA M 50 19.19 33.35 13.47
N ILE M 51 18.00 33.62 14.00
CA ILE M 51 17.22 32.63 14.73
C ILE M 51 15.83 32.71 14.12
N ILE M 52 15.58 31.88 13.14
CA ILE M 52 14.27 31.86 12.50
C ILE M 52 13.31 31.10 13.39
N ILE M 53 12.08 31.59 13.46
CA ILE M 53 11.06 30.97 14.28
C ILE M 53 9.87 30.66 13.38
N TYR M 54 9.58 29.38 13.21
CA TYR M 54 8.53 28.89 12.35
C TYR M 54 7.28 28.61 13.15
N ASP M 55 6.15 28.65 12.46
CA ASP M 55 4.89 28.18 13.03
C ASP M 55 4.68 26.79 12.48
N MET M 56 4.81 25.78 13.35
CA MET M 56 4.70 24.40 12.90
C MET M 56 3.53 23.80 12.10
N ASP M 57 2.39 24.47 12.20
CA ASP M 57 1.25 24.30 11.31
C ASP M 57 1.14 24.54 9.82
N SER M 58 1.98 25.43 9.25
CA SER M 58 2.04 25.65 7.82
C SER M 58 3.47 25.76 7.32
N LEU M 59 4.46 25.39 8.14
CA LEU M 59 5.86 25.24 7.76
C LEU M 59 6.48 26.55 7.26
N LYS M 60 5.96 27.69 7.70
CA LYS M 60 6.43 28.97 7.22
C LYS M 60 6.49 29.91 8.41
N PRO M 61 7.48 30.81 8.45
CA PRO M 61 7.78 31.52 9.71
C PRO M 61 6.71 32.50 10.10
N ILE M 62 6.72 32.84 11.39
CA ILE M 62 5.87 33.89 11.94
C ILE M 62 6.66 35.14 12.30
N ALA M 63 7.97 35.01 12.46
CA ALA M 63 8.86 36.13 12.70
C ALA M 63 10.27 35.58 12.62
N MET M 64 11.22 36.48 12.39
CA MET M 64 12.64 36.19 12.59
C MET M 64 13.29 37.20 13.53
N LEU M 65 13.42 36.81 14.78
CA LEU M 65 13.86 37.72 15.81
C LEU M 65 15.33 38.11 15.61
N GLY M 66 15.69 39.27 16.16
CA GLY M 66 16.95 39.88 15.86
C GLY M 66 16.91 41.06 14.92
N THR M 67 15.78 41.75 14.83
CA THR M 67 15.68 42.97 14.03
C THR M 67 15.91 44.22 14.87
N HIS M 68 15.16 44.36 15.96
CA HIS M 68 15.22 45.58 16.76
C HIS M 68 16.49 45.64 17.59
N SER M 69 16.63 44.74 18.57
CA SER M 69 17.75 44.80 19.48
C SER M 69 18.25 43.41 19.78
N GLY M 70 19.57 43.27 19.81
CA GLY M 70 20.19 42.05 20.28
C GLY M 70 20.24 40.93 19.28
N ALA M 71 20.55 41.23 18.02
CA ALA M 71 20.75 40.17 17.04
C ALA M 71 22.02 39.40 17.38
N HIS M 72 21.94 38.08 17.33
CA HIS M 72 23.13 37.24 17.43
C HIS M 72 23.96 37.49 16.18
N THR M 73 25.10 38.15 16.35
CA THR M 73 25.93 38.50 15.22
C THR M 73 26.63 37.28 14.66
N ARG M 74 27.14 36.42 15.54
CA ARG M 74 27.81 35.20 15.12
C ARG M 74 26.82 34.04 15.09
N SER M 75 27.32 32.83 14.83
CA SER M 75 26.47 31.65 14.79
C SER M 75 25.90 31.34 16.17
N VAL M 76 24.69 30.81 16.17
CA VAL M 76 24.01 30.45 17.40
C VAL M 76 24.09 28.94 17.58
N GLN M 77 24.50 28.52 18.77
CA GLN M 77 24.74 27.13 19.08
C GLN M 77 23.54 26.47 19.73
N SER M 78 22.76 27.21 20.51
CA SER M 78 21.72 26.60 21.31
C SER M 78 20.57 27.57 21.46
N VAL M 79 19.39 27.01 21.73
CA VAL M 79 18.23 27.80 22.09
C VAL M 79 17.33 26.94 22.99
N CYS M 80 17.01 27.47 24.15
CA CYS M 80 15.95 26.90 24.96
C CYS M 80 14.84 27.91 25.14
N TRP M 81 13.77 27.45 25.77
CA TRP M 81 12.57 28.23 25.96
C TRP M 81 12.26 28.29 27.45
N SER M 82 11.39 29.22 27.82
CA SER M 82 10.88 29.23 29.17
C SER M 82 9.95 28.04 29.38
N ASN M 83 9.58 27.82 30.65
CA ASN M 83 8.68 26.71 30.99
C ASN M 83 7.31 26.83 30.33
N ASP M 84 6.85 28.04 30.07
CA ASP M 84 5.57 28.22 29.41
C ASP M 84 5.67 28.24 27.90
N GLY M 85 6.79 28.72 27.38
CA GLY M 85 6.94 28.98 25.97
C GLY M 85 6.90 30.44 25.60
N ARG M 86 7.09 31.34 26.56
CA ARG M 86 6.98 32.78 26.33
C ARG M 86 8.32 33.46 26.15
N TYR M 87 9.30 33.19 27.01
CA TYR M 87 10.61 33.76 26.79
C TYR M 87 11.45 32.80 25.97
N LEU M 88 12.68 33.21 25.67
CA LEU M 88 13.59 32.38 24.90
C LEU M 88 15.01 32.83 25.19
N TRP M 89 15.78 31.99 25.85
CA TRP M 89 17.21 32.21 25.99
C TRP M 89 17.88 31.63 24.75
N SER M 90 18.84 32.35 24.19
CA SER M 90 19.55 31.89 23.01
C SER M 90 21.01 32.25 23.11
N SER M 91 21.87 31.25 23.19
CA SER M 91 23.30 31.46 23.30
C SER M 91 23.95 31.28 21.95
N GLY M 92 24.70 32.29 21.52
CA GLY M 92 25.42 32.24 20.25
C GLY M 92 26.91 32.41 20.48
N ARG M 93 27.63 32.50 19.35
CA ARG M 93 29.06 32.68 19.38
C ARG M 93 29.47 34.14 19.38
N ASP M 94 28.52 35.04 19.53
CA ASP M 94 28.80 36.47 19.60
C ASP M 94 29.15 36.92 21.00
N TRP M 95 29.33 35.97 21.93
CA TRP M 95 29.69 36.09 23.34
C TRP M 95 28.51 36.60 24.15
N TYR M 96 27.33 36.71 23.55
CA TYR M 96 26.12 37.15 24.21
C TYR M 96 25.16 35.97 24.40
N ALA M 97 24.27 36.13 25.37
CA ALA M 97 23.23 35.14 25.69
C ALA M 97 21.92 35.90 25.71
N LYS M 98 21.27 36.00 24.56
CA LYS M 98 20.12 36.85 24.42
C LYS M 98 18.87 36.17 24.95
N LEU M 99 18.29 36.74 26.01
CA LEU M 99 16.97 36.34 26.47
C LEU M 99 15.95 37.17 25.74
N TRP M 100 15.06 36.51 25.02
CA TRP M 100 14.04 37.20 24.26
C TRP M 100 12.69 37.14 24.96
N ASP M 101 11.82 38.06 24.55
CA ASP M 101 10.44 38.03 24.95
C ASP M 101 9.61 38.13 23.68
N MET M 102 8.71 37.17 23.48
CA MET M 102 7.93 37.16 22.26
C MET M 102 6.87 38.24 22.24
N THR M 103 6.52 38.78 23.41
CA THR M 103 5.56 39.88 23.50
C THR M 103 6.06 41.09 22.73
N GLN M 104 7.30 41.49 22.97
CA GLN M 104 7.99 42.49 22.17
C GLN M 104 9.01 41.75 21.33
N PRO M 105 8.58 41.22 20.17
CA PRO M 105 9.25 40.08 19.52
C PRO M 105 10.69 40.31 19.07
N THR M 106 10.93 41.35 18.29
CA THR M 106 12.27 41.54 17.74
C THR M 106 13.22 42.16 18.76
N LYS M 107 12.72 42.71 19.85
CA LYS M 107 13.56 43.36 20.85
C LYS M 107 13.96 42.36 21.93
N CYS M 108 15.26 42.20 22.12
CA CYS M 108 15.80 41.40 23.22
C CYS M 108 15.37 41.97 24.57
N PHE M 109 15.19 41.09 25.53
CA PHE M 109 14.82 41.55 26.87
C PHE M 109 16.03 42.04 27.64
N GLN M 110 17.12 41.28 27.62
CA GLN M 110 18.39 41.61 28.27
C GLN M 110 19.42 40.60 27.80
N GLN M 111 20.69 41.01 27.84
CA GLN M 111 21.81 40.16 27.46
C GLN M 111 22.94 40.35 28.47
N TYR M 112 24.10 39.76 28.18
CA TYR M 112 25.23 39.75 29.07
C TYR M 112 26.48 39.39 28.28
N LYS M 113 27.57 40.10 28.49
CA LYS M 113 28.81 39.84 27.78
C LYS M 113 29.64 38.84 28.56
N PHE M 114 30.16 37.84 27.87
CA PHE M 114 30.85 36.74 28.53
C PHE M 114 32.36 36.79 28.26
N ASP M 115 33.03 35.70 28.63
CA ASP M 115 34.47 35.58 28.62
C ASP M 115 34.97 34.93 27.33
N GLY M 116 34.07 34.63 26.40
CA GLY M 116 34.42 33.90 25.22
C GLY M 116 33.17 33.49 24.46
N PRO M 117 33.32 32.72 23.37
CA PRO M 117 32.14 32.14 22.73
C PRO M 117 31.45 31.10 23.61
N LEU M 118 30.28 30.65 23.18
CA LEU M 118 29.41 29.86 24.02
C LEU M 118 29.14 28.50 23.37
N TRP M 119 28.95 27.49 24.22
CA TRP M 119 28.55 26.18 23.71
C TRP M 119 27.05 25.97 23.79
N SER M 120 26.45 26.25 24.95
CA SER M 120 25.05 25.92 25.12
C SER M 120 24.40 26.88 26.10
N CYS M 121 23.09 26.71 26.28
CA CYS M 121 22.32 27.33 27.35
C CYS M 121 21.19 26.39 27.73
N HIS M 122 20.74 26.48 28.97
CA HIS M 122 19.70 25.59 29.50
C HIS M 122 18.96 26.34 30.59
N VAL M 123 17.66 26.51 30.40
CA VAL M 123 16.86 27.39 31.25
C VAL M 123 16.16 26.64 32.37
N VAL M 124 16.51 26.94 33.62
CA VAL M 124 15.87 26.28 34.76
C VAL M 124 14.58 26.84 35.35
N ARG M 125 14.59 28.13 35.68
CA ARG M 125 13.44 29.02 35.74
C ARG M 125 13.67 30.02 34.64
N TRP M 126 12.60 30.67 34.15
CA TRP M 126 12.66 31.53 32.96
C TRP M 126 13.73 32.63 33.04
N ASN M 127 14.05 33.09 34.25
CA ASN M 127 15.12 34.08 34.40
C ASN M 127 16.49 33.41 34.46
N VAL M 128 16.66 32.43 35.36
CA VAL M 128 17.98 31.85 35.55
C VAL M 128 18.34 30.91 34.39
N CYS M 129 19.60 30.95 33.99
CA CYS M 129 19.99 30.17 32.83
C CYS M 129 21.46 29.83 32.96
N ILE M 130 21.80 28.59 32.68
CA ILE M 130 23.17 28.12 32.81
C ILE M 130 23.82 28.10 31.44
N VAL M 131 24.97 28.73 31.34
CA VAL M 131 25.62 29.02 30.07
C VAL M 131 27.07 28.55 30.18
N THR M 132 27.53 27.89 29.12
CA THR M 132 28.83 27.23 29.09
C THR M 132 29.83 28.12 28.38
N VAL M 133 30.74 28.69 29.15
CA VAL M 133 31.81 29.52 28.63
C VAL M 133 32.93 28.59 28.15
N VAL M 134 33.64 28.98 27.10
CA VAL M 134 34.66 28.15 26.49
C VAL M 134 35.88 27.91 27.39
N GLU M 135 36.10 26.64 27.72
CA GLU M 135 37.31 26.12 28.39
C GLU M 135 37.47 26.72 29.79
N GLU M 136 36.34 26.87 30.48
CA GLU M 136 36.34 27.32 31.86
C GLU M 136 35.92 26.19 32.76
N PRO M 137 36.69 25.86 33.78
CA PRO M 137 36.35 24.72 34.65
C PRO M 137 35.10 24.92 35.51
N THR M 138 34.43 26.05 35.39
CA THR M 138 33.13 26.22 36.03
C THR M 138 32.15 26.79 35.02
N ALA M 139 30.88 26.54 35.26
CA ALA M 139 29.80 27.11 34.48
C ALA M 139 29.27 28.34 35.20
N TYR M 140 29.17 29.45 34.49
CA TYR M 140 28.64 30.66 35.10
C TYR M 140 27.15 30.70 34.89
N VAL M 141 26.43 30.32 35.95
CA VAL M 141 24.97 30.40 35.97
C VAL M 141 24.55 31.86 35.86
N LEU M 142 23.69 32.14 34.90
CA LEU M 142 23.27 33.50 34.64
C LEU M 142 21.89 33.66 35.26
N THR M 143 21.84 34.14 36.50
CA THR M 143 20.56 34.36 37.15
C THR M 143 20.09 35.78 36.86
N LEU M 144 18.99 35.89 36.12
CA LEU M 144 18.44 37.20 35.85
C LEU M 144 17.72 37.69 37.08
N THR M 145 18.39 38.55 37.84
CA THR M 145 17.90 39.03 39.12
C THR M 145 16.72 39.99 38.93
N ASP M 146 16.23 40.48 40.08
CA ASP M 146 15.18 41.50 40.08
C ASP M 146 15.63 42.77 39.37
N ARG M 147 16.90 43.11 39.46
CA ARG M 147 17.49 44.19 38.67
C ARG M 147 18.11 43.60 37.40
N GLN M 148 17.82 44.23 36.25
CA GLN M 148 18.22 43.68 34.96
C GLN M 148 19.68 43.92 34.61
N ASN M 149 20.48 44.56 35.47
CA ASN M 149 21.85 44.83 35.08
C ASN M 149 22.84 43.84 35.70
N ALA M 150 22.49 43.23 36.82
CA ALA M 150 23.40 42.36 37.55
C ALA M 150 22.90 40.93 37.46
N PHE M 151 23.59 40.10 36.69
CA PHE M 151 23.39 38.66 36.73
C PHE M 151 24.56 38.08 37.50
N HIS M 152 24.29 37.60 38.70
CA HIS M 152 25.35 37.05 39.55
C HIS M 152 25.75 35.78 38.84
N CYS M 153 26.98 35.76 38.31
CA CYS M 153 27.49 34.57 37.65
C CYS M 153 28.21 33.79 38.74
N PHE M 154 27.42 33.13 39.58
CA PHE M 154 27.94 32.21 40.58
C PHE M 154 28.73 31.10 39.89
N PRO M 155 29.95 30.80 40.33
CA PRO M 155 30.67 29.65 39.77
C PRO M 155 29.92 28.39 40.17
N LEU M 156 29.68 27.52 39.21
CA LEU M 156 29.04 26.24 39.51
C LEU M 156 30.19 25.27 39.86
N LEU M 157 30.74 25.48 41.07
CA LEU M 157 31.89 24.75 41.56
C LEU M 157 32.05 25.06 43.04
N GLU M 158 32.33 24.02 43.84
CA GLU M 158 32.73 24.23 45.23
C GLU M 158 34.09 24.93 45.29
N GLN M 159 34.35 25.57 46.42
CA GLN M 159 35.39 26.59 46.53
C GLN M 159 36.78 26.05 46.26
N ASP M 160 37.06 24.81 46.67
CA ASP M 160 38.40 24.28 46.56
C ASP M 160 38.51 22.97 45.81
N GLN M 161 37.40 22.37 45.38
CA GLN M 161 37.48 21.11 44.66
C GLN M 161 37.94 21.38 43.24
N ASP M 162 39.22 21.21 42.99
CA ASP M 162 39.78 21.41 41.66
C ASP M 162 39.35 20.25 40.78
N ILE M 163 38.97 20.57 39.54
CA ILE M 163 38.64 19.52 38.58
C ILE M 163 39.68 19.50 37.46
N SER M 164 40.87 20.04 37.73
CA SER M 164 41.97 19.87 36.78
C SER M 164 42.42 18.43 36.85
N GLY M 165 42.28 17.71 35.73
CA GLY M 165 42.34 16.27 35.73
C GLY M 165 40.97 15.63 35.74
N HIS M 166 39.95 16.36 36.17
CA HIS M 166 38.58 15.93 35.95
C HIS M 166 38.00 16.52 34.68
N GLY M 167 38.45 17.72 34.28
CA GLY M 167 38.15 18.28 32.98
C GLY M 167 37.70 19.74 33.07
N TYR M 168 36.88 20.14 32.09
CA TYR M 168 36.37 21.50 31.93
C TYR M 168 34.89 21.43 31.57
N THR M 169 34.06 22.19 32.28
CA THR M 169 32.62 22.17 32.10
C THR M 169 32.21 22.65 30.71
N LEU M 170 31.47 21.79 30.02
CA LEU M 170 31.02 22.04 28.64
C LEU M 170 29.53 21.85 28.44
N VAL M 171 28.85 21.08 29.30
CA VAL M 171 27.41 20.86 29.22
C VAL M 171 26.84 20.98 30.62
N ALA M 172 25.57 21.33 30.72
CA ALA M 172 24.84 21.32 31.99
C ALA M 172 23.35 21.19 31.72
N CYS M 173 22.74 20.10 32.15
CA CYS M 173 21.29 19.91 31.96
C CYS M 173 20.56 19.90 33.28
N PRO M 174 19.67 20.85 33.54
CA PRO M 174 18.96 20.86 34.83
C PRO M 174 18.02 19.69 34.99
N HIS M 175 17.96 19.18 36.21
CA HIS M 175 17.12 18.03 36.51
C HIS M 175 15.65 18.45 36.48
N PRO M 176 14.78 17.69 35.81
CA PRO M 176 13.38 18.12 35.71
C PRO M 176 12.61 18.01 37.02
N THR M 177 12.66 16.87 37.69
CA THR M 177 11.78 16.62 38.82
C THR M 177 12.38 17.03 40.16
N ILE M 178 13.59 17.56 40.17
CA ILE M 178 14.18 18.12 41.38
C ILE M 178 14.38 19.62 41.25
N GLU M 179 14.89 20.07 40.09
CA GLU M 179 14.98 21.45 39.61
C GLU M 179 16.03 22.27 40.35
N SER M 180 16.58 21.74 41.42
CA SER M 180 17.65 22.42 42.13
C SER M 180 19.01 21.79 41.90
N ILE M 181 19.08 20.51 41.53
CA ILE M 181 20.33 19.90 41.14
C ILE M 181 20.50 20.09 39.64
N ILE M 182 21.70 20.48 39.24
CA ILE M 182 22.06 20.63 37.85
C ILE M 182 23.33 19.83 37.63
N ILE M 183 23.27 18.86 36.74
CA ILE M 183 24.41 17.99 36.47
C ILE M 183 25.20 18.60 35.32
N THR M 184 26.50 18.73 35.53
CA THR M 184 27.38 19.39 34.58
C THR M 184 28.54 18.47 34.23
N GLY M 185 28.94 18.51 32.97
CA GLY M 185 29.89 17.57 32.43
C GLY M 185 31.23 18.22 32.13
N THR M 186 32.28 17.63 32.69
CA THR M 186 33.62 18.11 32.47
C THR M 186 34.12 17.63 31.12
N SER M 187 35.39 17.87 30.84
CA SER M 187 35.99 17.46 29.58
C SER M 187 36.91 16.26 29.73
N LYS M 188 37.07 15.70 30.93
CA LYS M 188 37.86 14.51 31.13
C LYS M 188 37.09 13.49 31.95
N GLY M 189 35.80 13.38 31.67
CA GLY M 189 35.02 12.24 32.10
C GLY M 189 34.36 12.33 33.46
N TRP M 190 34.66 13.36 34.24
CA TRP M 190 33.96 13.48 35.50
C TRP M 190 32.71 14.32 35.32
N ILE M 191 31.73 14.08 36.17
CA ILE M 191 30.41 14.69 36.05
C ILE M 191 30.07 15.29 37.39
N ASN M 192 30.06 16.61 37.46
CA ASN M 192 29.77 17.23 38.73
C ASN M 192 28.28 17.53 38.86
N ALA M 193 27.78 17.41 40.08
CA ALA M 193 26.34 17.51 40.36
C ALA M 193 26.20 18.53 41.47
N PHE M 194 25.84 19.75 41.10
CA PHE M 194 25.79 20.86 42.04
C PHE M 194 24.35 21.26 42.29
N GLN M 195 23.95 21.26 43.56
CA GLN M 195 22.57 21.50 43.97
C GLN M 195 22.45 22.96 44.35
N LEU M 196 21.72 23.72 43.54
CA LEU M 196 21.47 25.10 43.85
C LEU M 196 20.44 25.23 44.95
N ASP M 197 20.63 26.21 45.83
CA ASP M 197 19.61 26.57 46.81
C ASP M 197 18.69 27.66 46.30
N LEU M 198 18.89 28.10 45.06
CA LEU M 198 18.10 29.11 44.35
C LEU M 198 17.99 30.43 45.11
N GLU M 203 20.89 32.71 49.19
CA GLU M 203 22.25 32.22 49.29
C GLU M 203 22.63 31.40 48.07
N ASP M 204 23.89 30.97 48.01
CA ASP M 204 24.42 30.30 46.82
C ASP M 204 25.12 28.99 47.07
N LYS M 205 24.84 28.36 48.22
CA LYS M 205 25.56 27.15 48.57
C LYS M 205 25.28 26.06 47.54
N ILE M 206 26.32 25.28 47.24
CA ILE M 206 26.23 24.28 46.18
C ILE M 206 26.95 23.02 46.62
N ARG M 207 26.18 22.00 46.99
CA ARG M 207 26.76 20.75 47.42
C ARG M 207 27.18 19.92 46.21
N CYS M 208 28.37 19.33 46.31
CA CYS M 208 28.87 18.44 45.26
C CYS M 208 28.28 17.06 45.53
N CYS M 209 27.06 16.87 45.04
CA CYS M 209 26.35 15.62 45.27
C CYS M 209 26.95 14.45 44.51
N TYR M 210 27.74 14.71 43.46
CA TYR M 210 28.36 13.64 42.70
C TYR M 210 29.51 14.15 41.86
N GLU M 211 30.64 13.49 42.01
CA GLU M 211 31.82 13.80 41.20
C GLU M 211 32.35 12.39 40.96
N GLU M 212 32.32 11.95 39.71
CA GLU M 212 32.88 10.65 39.39
C GLU M 212 33.24 10.58 37.92
N LYS M 213 34.38 9.98 37.64
CA LYS M 213 34.81 9.69 36.28
C LYS M 213 34.10 8.43 35.79
N ILE M 214 33.49 8.51 34.61
CA ILE M 214 32.95 7.30 34.00
C ILE M 214 33.95 6.70 33.02
N ALA M 215 34.50 7.52 32.13
CA ALA M 215 35.57 7.09 31.23
C ALA M 215 36.36 8.32 30.82
N ASN M 216 37.60 8.07 30.41
CA ASN M 216 38.54 9.15 30.11
C ASN M 216 38.26 9.79 28.76
N ALA M 217 37.07 10.39 28.65
CA ALA M 217 36.57 10.91 27.40
C ALA M 217 36.16 12.37 27.53
N ASN M 218 36.11 13.04 26.41
CA ASN M 218 35.67 14.43 26.34
C ASN M 218 34.16 14.43 26.20
N ILE M 219 33.45 14.71 27.30
CA ILE M 219 31.99 14.64 27.33
C ILE M 219 31.38 15.65 26.38
N LYS M 220 30.55 15.17 25.47
CA LYS M 220 29.93 16.04 24.48
C LYS M 220 28.56 16.54 24.89
N GLN M 221 27.77 15.71 25.56
CA GLN M 221 26.37 16.04 25.80
C GLN M 221 25.80 15.13 26.87
N ILE M 222 25.01 15.71 27.77
CA ILE M 222 24.36 14.98 28.84
C ILE M 222 22.87 15.28 28.77
N ILE M 223 22.05 14.24 28.80
CA ILE M 223 20.61 14.43 28.79
C ILE M 223 19.98 13.64 29.92
N ILE M 224 18.84 14.13 30.37
CA ILE M 224 18.05 13.49 31.42
C ILE M 224 16.71 13.11 30.83
N SER M 225 16.18 11.98 31.26
CA SER M 225 14.78 11.68 31.01
C SER M 225 13.91 12.73 31.69
N PRO M 226 12.72 13.00 31.15
CA PRO M 226 11.83 13.96 31.81
C PRO M 226 11.25 13.48 33.13
N SER M 227 11.39 12.19 33.47
CA SER M 227 11.07 11.73 34.82
C SER M 227 12.32 11.56 35.67
N GLY M 228 13.44 12.13 35.23
CA GLY M 228 14.71 12.05 35.92
C GLY M 228 15.27 10.69 36.26
N THR M 229 14.73 9.63 35.68
CA THR M 229 15.06 8.27 36.09
C THR M 229 16.33 7.79 35.41
N ARG M 230 16.40 7.94 34.09
CA ARG M 230 17.59 7.59 33.33
C ARG M 230 18.35 8.84 32.95
N ILE M 231 19.67 8.73 32.92
CA ILE M 231 20.58 9.76 32.45
C ILE M 231 21.54 9.12 31.46
N ALA M 232 21.70 9.73 30.29
CA ALA M 232 22.62 9.22 29.30
C ALA M 232 23.71 10.23 29.03
N ILE M 233 24.91 9.73 28.76
CA ILE M 233 26.07 10.58 28.50
C ILE M 233 26.61 10.22 27.13
N ASN M 234 27.19 11.18 26.44
CA ASN M 234 27.77 11.00 25.12
C ASN M 234 29.26 11.30 25.24
N GLY M 235 30.06 10.25 25.38
CA GLY M 235 31.49 10.44 25.47
C GLY M 235 32.14 10.87 24.17
N SER M 236 33.45 11.12 24.20
CA SER M 236 34.18 11.31 22.96
C SER M 236 34.67 10.00 22.40
N ASP M 237 34.75 8.97 23.22
CA ASP M 237 34.75 7.65 22.65
C ASP M 237 33.37 7.37 22.05
N ARG M 238 33.36 6.42 21.13
CA ARG M 238 32.15 6.11 20.38
C ARG M 238 31.30 5.24 21.24
N THR M 239 30.68 5.88 22.21
CA THR M 239 29.83 5.17 23.14
C THR M 239 28.81 6.13 23.74
N ILE M 240 27.63 5.61 24.05
CA ILE M 240 26.60 6.33 24.79
C ILE M 240 26.36 5.53 26.06
N ARG M 241 26.37 6.20 27.20
CA ARG M 241 26.28 5.52 28.47
C ARG M 241 25.01 5.97 29.18
N GLN M 242 23.95 5.19 29.08
CA GLN M 242 22.74 5.50 29.83
C GLN M 242 22.88 4.94 31.24
N TYR M 243 22.50 5.74 32.23
CA TYR M 243 22.59 5.32 33.60
C TYR M 243 21.21 5.20 34.21
N GLN M 244 21.18 4.99 35.52
CA GLN M 244 19.93 5.00 36.26
C GLN M 244 20.10 5.97 37.41
N LEU M 245 19.30 7.03 37.39
CA LEU M 245 19.53 8.16 38.29
C LEU M 245 18.61 8.07 39.50
N ILE M 246 19.19 8.25 40.68
CA ILE M 246 18.50 8.13 41.95
C ILE M 246 18.91 9.31 42.80
N VAL M 247 17.93 10.11 43.23
CA VAL M 247 18.21 11.28 44.04
C VAL M 247 16.98 11.53 44.92
N GLU M 248 17.23 12.04 46.12
CA GLU M 248 16.14 12.35 47.05
C GLU M 248 16.10 13.84 47.35
N HIS M 258 21.00 16.48 46.63
CA HIS M 258 20.97 15.70 47.85
C HIS M 258 22.03 14.61 47.82
N SER M 259 21.60 13.38 48.00
CA SER M 259 22.46 12.20 47.86
C SER M 259 22.08 11.53 46.56
N VAL M 260 23.02 11.45 45.63
CA VAL M 260 22.70 11.01 44.28
C VAL M 260 23.64 9.88 43.89
N SER M 261 23.15 8.99 43.01
CA SER M 261 23.87 7.76 42.69
C SER M 261 23.40 7.22 41.35
N ILE M 262 24.35 6.80 40.52
CA ILE M 262 24.08 6.25 39.20
C ILE M 262 24.77 4.89 39.08
N GLU M 263 24.31 4.10 38.12
CA GLU M 263 25.01 2.88 37.78
C GLU M 263 24.81 2.61 36.30
N LEU M 264 25.74 1.85 35.72
CA LEU M 264 25.76 1.62 34.28
C LEU M 264 24.63 0.66 33.92
N GLU M 265 23.59 1.19 33.29
CA GLU M 265 22.54 0.32 32.76
C GLU M 265 23.01 -0.34 31.48
N HIS M 266 23.27 0.45 30.43
CA HIS M 266 23.66 -0.09 29.13
C HIS M 266 24.62 0.86 28.44
N LYS M 267 25.31 0.34 27.44
CA LYS M 267 26.16 1.12 26.55
C LYS M 267 25.69 0.97 25.12
N TYR M 268 25.83 2.03 24.34
CA TYR M 268 25.42 2.04 22.95
C TYR M 268 26.58 2.41 22.06
N GLN M 269 26.84 1.58 21.05
CA GLN M 269 27.94 1.81 20.13
C GLN M 269 27.59 1.35 18.72
N ASP M 270 28.40 1.78 17.77
CA ASP M 270 28.11 1.68 16.37
C ASP M 270 29.13 0.56 16.47
N ILE M 271 28.71 -0.67 16.13
CA ILE M 271 29.61 -1.82 16.02
C ILE M 271 30.26 -1.97 14.66
N ILE M 272 29.44 -1.91 13.62
CA ILE M 272 29.90 -1.90 12.24
C ILE M 272 30.76 -0.71 11.92
N ASN M 273 30.13 0.47 11.92
CA ASN M 273 30.75 1.63 11.31
C ASN M 273 31.73 2.27 12.29
N ARG M 274 31.54 2.03 13.59
CA ARG M 274 32.35 2.47 14.72
C ARG M 274 32.51 3.98 14.71
N LEU M 275 31.40 4.69 14.93
CA LEU M 275 31.31 6.10 14.62
C LEU M 275 30.93 6.88 15.87
N GLN M 276 30.98 8.20 15.75
CA GLN M 276 30.71 9.10 16.86
C GLN M 276 29.23 9.43 16.89
N TRP M 277 28.75 9.86 18.04
CA TRP M 277 27.36 10.25 18.22
C TRP M 277 27.24 11.75 18.34
N ASN M 278 26.44 12.36 17.49
CA ASN M 278 26.30 13.80 17.54
C ASN M 278 25.39 14.23 18.69
N THR M 279 24.09 13.97 18.57
CA THR M 279 23.14 14.34 19.60
C THR M 279 22.31 13.14 19.97
N ILE M 280 21.77 13.18 21.18
CA ILE M 280 20.98 12.09 21.74
C ILE M 280 19.76 12.70 22.41
N PHE M 281 18.67 11.94 22.47
CA PHE M 281 17.45 12.48 23.06
C PHE M 281 16.58 11.35 23.61
N PHE M 282 15.77 11.70 24.60
CA PHE M 282 14.98 10.74 25.34
C PHE M 282 13.49 10.93 25.05
N SER M 283 12.73 9.87 25.29
CA SER M 283 11.28 9.91 25.08
C SER M 283 10.59 10.70 26.20
N ASN M 284 9.26 10.73 26.14
CA ASN M 284 8.52 11.61 27.04
C ASN M 284 8.48 11.08 28.46
N HIS M 285 7.78 9.96 28.68
CA HIS M 285 7.35 9.55 30.01
C HIS M 285 8.50 9.16 30.91
N SER M 286 9.18 8.07 30.59
CA SER M 286 10.22 7.58 31.47
C SER M 286 11.51 7.31 30.72
N GLY M 287 11.61 7.76 29.48
CA GLY M 287 12.75 7.44 28.66
C GLY M 287 12.79 5.98 28.28
N GLU M 288 11.75 5.51 27.58
CA GLU M 288 11.80 4.17 27.05
C GLU M 288 12.50 4.10 25.71
N TYR M 289 12.83 5.25 25.12
CA TYR M 289 13.48 5.30 23.83
C TYR M 289 14.59 6.32 23.85
N LEU M 290 15.70 5.96 23.21
CA LEU M 290 16.82 6.86 22.96
C LEU M 290 16.94 7.04 21.46
N VAL M 291 17.18 8.27 21.02
CA VAL M 291 17.35 8.54 19.60
C VAL M 291 18.67 9.27 19.39
N ALA M 292 19.54 8.70 18.57
CA ALA M 292 20.86 9.25 18.38
C ALA M 292 21.16 9.42 16.91
N SER M 293 22.04 10.36 16.61
CA SER M 293 22.46 10.68 15.26
C SER M 293 23.94 10.39 15.11
N ALA M 294 24.28 9.51 14.18
CA ALA M 294 25.69 9.13 13.99
C ALA M 294 26.44 10.24 13.27
N HIS M 295 27.73 10.00 13.04
CA HIS M 295 28.61 11.11 12.66
C HIS M 295 29.17 10.98 11.26
N GLY M 296 29.66 9.82 10.89
CA GLY M 296 30.50 9.73 9.71
C GLY M 296 29.73 9.82 8.41
N SER M 297 30.45 9.50 7.34
CA SER M 297 29.83 9.36 6.04
C SER M 297 28.90 8.17 6.05
N SER M 298 27.88 8.23 5.17
CA SER M 298 26.82 7.24 4.98
C SER M 298 25.91 7.08 6.21
N ALA M 299 26.07 7.93 7.22
CA ALA M 299 25.12 7.99 8.30
C ALA M 299 23.95 8.86 7.90
N HIS M 300 22.89 8.22 7.39
CA HIS M 300 21.78 8.93 6.77
C HIS M 300 20.51 8.83 7.60
N ASP M 301 20.60 8.38 8.84
CA ASP M 301 19.41 7.95 9.54
C ASP M 301 19.63 7.95 11.05
N LEU M 302 18.63 8.46 11.77
CA LEU M 302 18.68 8.41 13.22
C LEU M 302 18.42 7.00 13.71
N TYR M 303 18.94 6.69 14.89
CA TYR M 303 18.76 5.35 15.42
C TYR M 303 17.75 5.43 16.56
N LEU M 304 17.21 4.29 16.93
CA LEU M 304 16.34 4.19 18.09
C LEU M 304 16.80 3.07 19.00
N TRP M 305 16.55 3.20 20.28
CA TRP M 305 16.99 2.14 21.17
C TRP M 305 15.97 1.88 22.27
N GLU M 306 15.61 0.62 22.42
CA GLU M 306 14.83 0.18 23.56
C GLU M 306 15.74 0.26 24.78
N THR M 307 15.54 1.29 25.61
CA THR M 307 16.47 1.59 26.70
C THR M 307 16.54 0.51 27.78
N SER M 308 15.60 -0.43 27.81
CA SER M 308 15.65 -1.52 28.77
C SER M 308 16.30 -2.77 28.20
N SER M 309 15.81 -3.24 27.04
CA SER M 309 16.44 -4.37 26.35
C SER M 309 17.85 -4.03 25.91
N GLY M 310 18.07 -2.79 25.49
CA GLY M 310 19.36 -2.33 25.03
C GLY M 310 19.58 -2.43 23.54
N SER M 311 18.65 -2.99 22.79
CA SER M 311 18.90 -3.26 21.38
C SER M 311 18.36 -2.17 20.48
N LEU M 312 18.91 -2.13 19.27
CA LEU M 312 18.50 -1.22 18.21
C LEU M 312 17.14 -1.67 17.73
N VAL M 313 16.09 -1.02 18.20
CA VAL M 313 14.74 -1.40 17.82
C VAL M 313 14.42 -1.00 16.37
N ARG M 314 14.54 0.28 16.05
CA ARG M 314 14.11 0.79 14.77
C ARG M 314 15.18 1.75 14.26
N VAL M 315 15.17 2.04 12.97
CA VAL M 315 16.05 3.04 12.38
C VAL M 315 15.19 3.92 11.50
N LEU M 316 15.33 5.23 11.68
CA LEU M 316 14.40 6.17 11.05
C LEU M 316 15.02 6.64 9.74
N GLU M 317 14.86 5.83 8.70
CA GLU M 317 15.49 6.05 7.41
C GLU M 317 14.75 7.11 6.60
N GLY M 318 15.02 8.36 6.94
CA GLY M 318 14.46 9.46 6.17
C GLY M 318 15.38 10.25 5.27
N ALA M 319 16.47 10.75 5.82
CA ALA M 319 17.20 11.86 5.20
C ALA M 319 18.22 11.34 4.18
N ASP M 320 19.11 12.23 3.74
CA ASP M 320 20.13 11.88 2.76
C ASP M 320 21.57 12.09 3.23
N GLU M 321 21.80 12.73 4.37
CA GLU M 321 23.16 12.99 4.82
C GLU M 321 23.09 13.40 6.28
N GLU M 322 24.24 13.52 6.94
CA GLU M 322 24.37 13.47 8.38
C GLU M 322 23.42 14.47 9.04
N LEU M 323 23.07 14.22 10.29
CA LEU M 323 22.11 15.06 10.99
C LEU M 323 22.70 15.45 12.33
N LEU M 324 22.42 16.67 12.76
CA LEU M 324 23.20 17.22 13.86
C LEU M 324 22.40 17.33 15.15
N ASP M 325 21.28 18.05 15.17
CA ASP M 325 20.52 18.25 16.39
C ASP M 325 19.19 17.54 16.31
N ILE M 326 18.74 17.03 17.45
CA ILE M 326 17.53 16.23 17.56
C ILE M 326 16.62 16.89 18.59
N ASP M 327 15.39 17.19 18.20
CA ASP M 327 14.39 17.62 19.17
C ASP M 327 13.14 16.77 19.03
N TRP M 328 12.49 16.51 20.15
CA TRP M 328 11.35 15.60 20.20
C TRP M 328 10.25 16.23 21.03
N ASN M 329 9.36 16.98 20.40
CA ASN M 329 8.23 17.55 21.11
C ASN M 329 7.09 16.55 21.09
N PHE M 330 6.81 15.96 22.24
CA PHE M 330 5.94 14.80 22.31
C PHE M 330 4.48 15.16 22.08
N TYR M 331 4.13 16.43 22.34
CA TYR M 331 2.79 16.93 22.07
C TYR M 331 2.43 16.78 20.59
N SER M 332 3.37 17.10 19.72
CA SER M 332 3.20 16.81 18.30
C SER M 332 3.77 15.46 17.88
N MET M 333 4.50 14.78 18.78
CA MET M 333 5.23 13.54 18.52
C MET M 333 6.14 13.65 17.30
N ARG M 334 6.92 14.72 17.27
CA ARG M 334 7.71 15.03 16.09
C ARG M 334 9.20 14.93 16.40
N ILE M 335 9.97 14.71 15.35
CA ILE M 335 11.42 14.68 15.40
C ILE M 335 11.90 15.73 14.41
N ALA M 336 12.39 16.86 14.92
CA ALA M 336 13.10 17.79 14.08
C ALA M 336 14.58 17.43 14.09
N SER M 337 15.20 17.55 12.93
CA SER M 337 16.57 17.06 12.79
C SER M 337 17.24 17.85 11.68
N ASN M 338 18.20 18.69 12.03
CA ASN M 338 18.76 19.62 11.07
C ASN M 338 19.79 18.93 10.20
N GLY M 339 19.89 19.38 8.96
CA GLY M 339 20.90 18.88 8.06
C GLY M 339 22.31 19.36 8.34
N PHE M 340 23.26 18.43 8.36
CA PHE M 340 24.66 18.81 8.53
C PHE M 340 25.21 19.49 7.29
N GLU M 341 24.76 19.08 6.11
CA GLU M 341 25.34 19.53 4.85
C GLU M 341 24.43 20.53 4.15
N SER M 342 23.19 20.15 3.87
CA SER M 342 22.32 21.00 3.08
C SER M 342 21.79 22.16 3.90
N GLY M 343 21.75 22.03 5.22
CA GLY M 343 21.13 23.01 6.07
C GLY M 343 19.65 22.80 6.24
N TRP M 344 19.06 21.90 5.46
CA TRP M 344 17.63 21.68 5.49
C TRP M 344 17.24 20.89 6.73
N VAL M 345 16.00 21.04 7.15
CA VAL M 345 15.54 20.60 8.46
C VAL M 345 14.52 19.51 8.22
N TYR M 346 14.96 18.27 8.25
CA TYR M 346 14.05 17.14 8.07
C TYR M 346 13.12 17.03 9.27
N MET M 347 11.92 16.52 9.03
CA MET M 347 10.99 16.34 10.13
C MET M 347 10.20 15.06 9.95
N TRP M 348 10.30 14.18 10.93
CA TRP M 348 9.46 13.00 11.00
C TRP M 348 8.17 13.35 11.70
N SER M 349 7.15 12.53 11.46
CA SER M 349 5.85 12.77 12.07
C SER M 349 5.08 11.46 12.04
N ILE M 350 4.42 11.14 13.16
CA ILE M 350 3.47 10.04 13.16
C ILE M 350 2.39 10.42 12.16
N VAL M 351 2.30 9.66 11.07
CA VAL M 351 1.39 10.01 9.98
C VAL M 351 0.15 9.13 10.11
N ILE M 352 -0.96 9.74 10.49
CA ILE M 352 -2.21 8.99 10.55
C ILE M 352 -2.75 8.85 9.13
N PRO M 353 -3.34 7.72 8.76
CA PRO M 353 -4.07 7.63 7.52
C PRO M 353 -5.51 8.03 7.76
N PRO M 354 -6.26 8.40 6.73
CA PRO M 354 -7.69 8.69 6.92
C PRO M 354 -8.47 7.41 7.10
N LYS M 355 -9.76 7.59 7.35
CA LYS M 355 -10.66 6.45 7.41
C LYS M 355 -11.97 6.83 6.74
N TRP M 356 -12.50 5.91 5.93
CA TRP M 356 -13.81 6.15 5.35
C TRP M 356 -14.93 5.84 6.33
N SER M 357 -14.61 5.28 7.50
CA SER M 357 -15.62 5.13 8.54
C SER M 357 -16.01 6.45 9.19
N ALA M 358 -15.32 7.52 8.82
CA ALA M 358 -15.73 8.84 9.21
C ALA M 358 -16.80 9.40 8.29
N LEU M 359 -17.06 8.75 7.16
CA LEU M 359 -18.07 9.23 6.23
C LEU M 359 -19.48 9.11 6.79
N ALA M 360 -19.80 7.96 7.36
CA ALA M 360 -21.14 7.77 7.89
C ALA M 360 -21.08 7.26 9.32
N PRO M 361 -22.10 7.54 10.15
CA PRO M 361 -22.02 7.17 11.57
C PRO M 361 -22.30 5.70 11.85
N ASP M 362 -22.42 4.90 10.81
CA ASP M 362 -22.67 3.48 10.93
C ASP M 362 -21.74 2.66 10.07
N PHE M 363 -20.82 3.31 9.35
CA PHE M 363 -19.78 2.66 8.60
C PHE M 363 -18.81 1.94 9.54
N GLU M 364 -18.01 1.06 8.96
CA GLU M 364 -17.08 0.24 9.73
C GLU M 364 -16.05 -0.31 8.76
N GLU M 365 -14.78 -0.28 9.15
CA GLU M 365 -13.69 -0.70 8.26
C GLU M 365 -13.08 -1.98 8.76
N VAL M 366 -13.43 -3.06 8.13
CA VAL M 366 -12.86 -4.36 8.42
C VAL M 366 -11.80 -4.66 7.36
N GLU M 367 -10.87 -5.54 7.70
CA GLU M 367 -9.79 -5.98 6.80
C GLU M 367 -9.83 -7.47 6.47
N GLU M 368 -10.79 -8.21 7.02
CA GLU M 368 -11.01 -9.61 6.72
C GLU M 368 -12.39 -9.81 6.12
N ASN M 369 -12.52 -10.81 5.24
CA ASN M 369 -13.85 -11.21 4.77
C ASN M 369 -14.53 -11.88 5.94
N ILE M 370 -15.33 -11.12 6.69
CA ILE M 370 -15.88 -11.63 7.93
C ILE M 370 -17.09 -12.52 7.69
N ASP M 371 -17.17 -13.59 8.46
CA ASP M 371 -18.30 -14.53 8.40
C ASP M 371 -19.41 -14.05 9.33
N TYR M 372 -20.22 -13.13 8.80
CA TYR M 372 -21.44 -12.71 9.47
C TYR M 372 -22.36 -13.90 9.70
N GLN M 373 -22.74 -14.10 10.95
CA GLN M 373 -23.61 -15.22 11.31
C GLN M 373 -25.06 -14.75 11.33
N GLU M 374 -25.94 -15.60 10.87
CA GLU M 374 -27.34 -15.24 10.66
C GLU M 374 -28.06 -15.10 11.98
N LYS M 375 -28.71 -13.96 12.19
CA LYS M 375 -29.67 -13.80 13.26
C LYS M 375 -31.07 -14.11 12.71
N GLU M 376 -32.10 -13.91 13.53
CA GLU M 376 -33.46 -14.27 13.12
C GLU M 376 -34.03 -13.27 12.12
N ASN M 377 -34.18 -12.01 12.53
CA ASN M 377 -35.08 -11.06 11.86
C ASN M 377 -34.58 -10.56 10.49
N GLU M 378 -33.61 -11.18 9.84
CA GLU M 378 -33.25 -10.83 8.47
C GLU M 378 -34.36 -11.17 7.48
N PHE M 379 -35.26 -12.07 7.84
CA PHE M 379 -36.42 -12.38 7.03
C PHE M 379 -37.71 -11.87 7.63
N ASP M 380 -37.65 -11.30 8.83
CA ASP M 380 -38.78 -10.53 9.36
C ASP M 380 -38.75 -9.11 8.80
N ILE M 381 -39.92 -8.63 8.39
CA ILE M 381 -40.04 -7.26 7.91
C ILE M 381 -40.05 -6.31 9.11
N GLU M 395 -31.29 14.53 27.56
CA GLU M 395 -31.58 13.24 28.17
C GLU M 395 -31.14 13.23 29.62
N GLU M 396 -31.00 14.44 30.18
CA GLU M 396 -30.91 14.73 31.61
C GLU M 396 -29.64 14.22 32.30
N ILE M 397 -28.66 13.71 31.56
CA ILE M 397 -27.43 13.22 32.19
C ILE M 397 -26.55 14.43 32.50
N ALA M 398 -25.48 14.24 33.24
CA ALA M 398 -24.61 15.31 33.74
C ALA M 398 -23.91 16.02 32.58
N ILE M 399 -24.29 17.28 32.34
CA ILE M 399 -23.75 18.10 31.26
C ILE M 399 -22.92 19.21 31.88
N ASP M 400 -21.67 19.32 31.45
CA ASP M 400 -20.77 20.36 31.92
C ASP M 400 -20.06 21.01 30.75
N LEU M 401 -19.95 22.34 30.82
CA LEU M 401 -19.29 23.11 29.77
C LEU M 401 -18.12 23.93 30.30
N CYS M 402 -17.80 23.75 31.56
CA CYS M 402 -16.81 24.57 32.22
C CYS M 402 -15.38 24.06 32.34
N THR M 403 -15.21 22.76 32.56
CA THR M 403 -13.88 22.20 32.73
C THR M 403 -13.26 21.84 31.39
N PRO M 404 -12.08 22.34 31.07
CA PRO M 404 -11.31 21.75 29.97
C PRO M 404 -10.75 20.41 30.41
N GLU M 405 -10.52 19.54 29.43
CA GLU M 405 -9.95 18.23 29.69
C GLU M 405 -8.54 18.36 30.27
N LYS M 406 -8.22 17.49 31.22
CA LYS M 406 -6.94 17.59 31.90
C LYS M 406 -5.82 16.81 31.22
N TYR M 407 -6.16 15.80 30.42
CA TYR M 407 -5.16 14.95 29.82
C TYR M 407 -5.56 14.59 28.40
N ASP M 408 -4.59 14.13 27.64
CA ASP M 408 -4.84 13.65 26.29
C ASP M 408 -4.41 12.18 26.24
N VAL M 409 -4.34 11.59 25.06
CA VAL M 409 -4.05 10.17 24.95
C VAL M 409 -2.60 9.83 25.28
N ARG M 410 -1.75 10.84 25.45
CA ARG M 410 -0.36 10.63 25.83
C ARG M 410 -0.14 10.91 27.31
N GLY M 411 -1.16 11.38 28.02
CA GLY M 411 -1.00 11.75 29.43
C GLY M 411 -0.25 13.04 29.64
N ASN M 412 -0.54 14.06 28.84
CA ASN M 412 0.24 15.29 28.90
C ASN M 412 -0.43 16.32 29.82
N ASP M 413 0.30 17.41 30.09
CA ASP M 413 -0.23 18.50 30.90
C ASP M 413 -0.94 19.55 30.02
N ILE M 414 -2.06 19.11 29.43
CA ILE M 414 -2.90 20.03 28.69
C ILE M 414 -3.70 20.83 29.73
N SER M 415 -4.36 21.91 29.28
CA SER M 415 -5.20 22.81 30.07
C SER M 415 -4.40 23.63 31.07
N MET M 416 -3.13 23.87 30.75
CA MET M 416 -2.37 24.97 31.33
C MET M 416 -2.01 25.87 30.17
N PRO M 417 -2.84 26.90 29.88
CA PRO M 417 -2.85 27.52 28.54
C PRO M 417 -1.56 28.14 28.08
N SER M 418 -1.02 27.56 27.01
CA SER M 418 0.29 27.92 26.49
C SER M 418 0.31 29.36 26.00
N PHE M 419 1.48 29.94 26.01
CA PHE M 419 1.64 31.31 25.53
C PHE M 419 1.61 31.26 24.01
N VAL M 420 0.45 31.58 23.45
CA VAL M 420 0.31 31.79 22.02
C VAL M 420 1.24 32.92 21.57
N ILE M 421 1.70 32.85 20.32
CA ILE M 421 2.51 33.95 19.81
C ILE M 421 1.65 35.20 19.69
N PRO M 422 2.11 36.34 20.13
CA PRO M 422 1.51 37.60 19.70
C PRO M 422 2.03 37.95 18.32
N ILE M 423 1.15 37.88 17.33
CA ILE M 423 1.48 38.28 15.96
C ILE M 423 1.84 39.75 16.03
N ASP M 424 2.87 40.16 15.29
CA ASP M 424 3.51 41.46 15.50
C ASP M 424 2.36 42.26 14.89
N TYR M 425 1.56 42.89 15.76
CA TYR M 425 0.50 43.83 15.37
C TYR M 425 0.92 45.29 15.46
N GLU M 426 2.20 45.57 15.70
CA GLU M 426 2.81 46.87 15.48
C GLU M 426 3.38 47.00 14.08
N GLY M 427 3.85 45.89 13.50
CA GLY M 427 4.45 45.92 12.19
C GLY M 427 3.74 45.10 11.12
N VAL M 428 2.57 44.52 11.41
CA VAL M 428 1.84 43.79 10.38
C VAL M 428 1.31 44.73 9.32
N ILE M 429 1.09 46.01 9.67
CA ILE M 429 0.36 46.92 8.81
C ILE M 429 1.24 47.37 7.64
N ILE M 430 2.55 47.43 7.87
CA ILE M 430 3.49 47.61 6.77
C ILE M 430 3.88 46.27 6.16
N GLN M 431 3.69 45.15 6.88
CA GLN M 431 4.28 43.86 6.52
C GLN M 431 3.77 43.33 5.17
N GLN M 432 2.59 43.78 4.74
CA GLN M 432 2.18 43.60 3.35
C GLN M 432 3.15 44.22 2.37
N HIS M 433 3.70 45.39 2.68
CA HIS M 433 4.59 46.15 1.80
C HIS M 433 6.03 45.88 2.21
N TRP M 434 6.74 45.09 1.39
CA TRP M 434 8.20 45.00 1.37
C TRP M 434 8.77 44.54 2.72
N ALA M 435 8.36 43.33 3.09
CA ALA M 435 8.81 42.63 4.31
C ALA M 435 8.57 43.44 5.59
N MET N 1 -19.27 -10.17 33.21
CA MET N 1 -19.78 -9.58 31.98
C MET N 1 -18.77 -9.62 30.83
N GLN N 2 -19.27 -9.41 29.62
CA GLN N 2 -18.50 -9.66 28.40
C GLN N 2 -17.91 -8.38 27.84
N ILE N 3 -16.69 -8.48 27.31
CA ILE N 3 -16.00 -7.36 26.67
C ILE N 3 -15.42 -7.81 25.34
N PHE N 4 -14.97 -6.82 24.56
CA PHE N 4 -14.09 -7.04 23.43
C PHE N 4 -12.77 -6.32 23.73
N VAL N 5 -11.67 -6.95 23.32
CA VAL N 5 -10.35 -6.38 23.61
C VAL N 5 -9.71 -6.13 22.25
N LYS N 6 -10.55 -5.79 21.27
CA LYS N 6 -10.24 -5.75 19.83
C LYS N 6 -8.96 -5.02 19.51
N THR N 7 -8.02 -5.77 18.91
CA THR N 7 -6.61 -5.40 18.78
C THR N 7 -6.39 -4.55 17.52
N LEU N 8 -5.35 -3.74 17.55
CA LEU N 8 -5.05 -2.79 16.48
C LEU N 8 -5.12 -3.13 14.98
N THR N 9 -4.96 -4.39 14.63
CA THR N 9 -4.86 -4.52 13.19
C THR N 9 -6.25 -4.90 12.68
N GLY N 10 -7.10 -5.45 13.54
CA GLY N 10 -8.50 -5.62 13.17
C GLY N 10 -9.40 -6.71 13.75
N LYS N 11 -8.88 -7.64 14.55
CA LYS N 11 -9.69 -8.76 15.00
C LYS N 11 -10.11 -8.57 16.46
N THR N 12 -11.12 -9.32 16.88
CA THR N 12 -11.67 -9.18 18.23
C THR N 12 -11.51 -10.48 19.01
N ILE N 13 -11.55 -10.34 20.33
CA ILE N 13 -11.61 -11.46 21.26
C ILE N 13 -12.94 -11.34 22.00
N THR N 14 -13.28 -12.36 22.78
CA THR N 14 -14.42 -12.30 23.69
C THR N 14 -13.97 -12.79 25.06
N LEU N 15 -13.85 -11.88 26.02
CA LEU N 15 -13.52 -12.24 27.39
C LEU N 15 -14.74 -12.19 28.30
N GLU N 16 -14.62 -12.88 29.42
CA GLU N 16 -15.53 -12.77 30.55
C GLU N 16 -14.77 -12.16 31.72
N VAL N 17 -15.21 -10.98 32.17
CA VAL N 17 -14.59 -10.27 33.26
C VAL N 17 -15.66 -9.75 34.19
N GLU N 18 -15.23 -9.25 35.33
CA GLU N 18 -16.06 -8.47 36.21
C GLU N 18 -15.64 -7.01 36.13
N PRO N 19 -16.56 -6.06 36.37
CA PRO N 19 -16.14 -4.66 36.47
C PRO N 19 -15.22 -4.39 37.64
N SER N 20 -15.23 -5.25 38.65
CA SER N 20 -14.32 -5.16 39.78
C SER N 20 -12.96 -5.78 39.50
N ASP N 21 -12.77 -6.41 38.33
CA ASP N 21 -11.48 -6.99 37.98
C ASP N 21 -10.44 -5.89 37.78
N THR N 22 -9.20 -6.19 38.12
CA THR N 22 -8.13 -5.25 37.82
C THR N 22 -7.82 -5.33 36.33
N ILE N 23 -7.12 -4.30 35.83
CA ILE N 23 -6.66 -4.34 34.45
C ILE N 23 -5.64 -5.46 34.28
N GLU N 24 -4.77 -5.65 35.28
CA GLU N 24 -3.82 -6.77 35.26
C GLU N 24 -4.54 -8.11 35.34
N ASN N 25 -5.68 -8.16 36.04
CA ASN N 25 -6.55 -9.33 35.98
C ASN N 25 -7.07 -9.56 34.56
N VAL N 26 -7.43 -8.49 33.88
CA VAL N 26 -7.81 -8.62 32.47
C VAL N 26 -6.56 -8.92 31.63
N LYS N 27 -5.42 -8.30 31.96
CA LYS N 27 -4.17 -8.59 31.26
C LYS N 27 -3.70 -10.02 31.51
N ALA N 28 -4.08 -10.61 32.64
CA ALA N 28 -3.84 -12.04 32.81
C ALA N 28 -4.68 -12.86 31.85
N LYS N 29 -5.93 -12.43 31.61
CA LYS N 29 -6.85 -13.23 30.78
C LYS N 29 -6.46 -13.20 29.31
N ILE N 30 -5.89 -12.08 28.85
CA ILE N 30 -5.34 -12.00 27.51
C ILE N 30 -4.16 -12.96 27.36
N GLN N 31 -3.28 -12.96 28.37
CA GLN N 31 -2.11 -13.84 28.35
C GLN N 31 -2.51 -15.31 28.39
N ASP N 32 -3.57 -15.63 29.12
CA ASP N 32 -4.10 -16.99 29.07
C ASP N 32 -4.65 -17.32 27.69
N LYS N 33 -5.13 -16.31 26.97
CA LYS N 33 -5.67 -16.51 25.63
C LYS N 33 -4.64 -16.29 24.53
N GLU N 34 -3.56 -15.55 24.80
CA GLU N 34 -2.57 -15.31 23.76
C GLU N 34 -1.11 -15.58 24.13
N GLY N 35 -0.79 -15.81 25.40
CA GLY N 35 0.61 -15.94 25.76
C GLY N 35 1.40 -14.65 25.77
N ILE N 36 0.77 -13.52 25.47
CA ILE N 36 1.46 -12.24 25.37
C ILE N 36 1.60 -11.71 26.78
N PRO N 37 2.84 -11.36 27.21
CA PRO N 37 3.03 -11.01 28.61
C PRO N 37 2.40 -9.70 28.94
N PRO N 38 1.89 -9.53 30.17
CA PRO N 38 1.11 -8.35 30.54
C PRO N 38 1.90 -7.05 30.52
N ASP N 39 3.22 -7.13 30.67
CA ASP N 39 4.06 -5.94 30.66
C ASP N 39 4.13 -5.29 29.27
N GLN N 40 3.87 -6.04 28.20
CA GLN N 40 3.89 -5.52 26.84
C GLN N 40 2.51 -5.12 26.36
N GLN N 41 1.54 -5.01 27.26
CA GLN N 41 0.15 -4.74 26.92
C GLN N 41 -0.24 -3.35 27.41
N ARG N 42 -0.95 -2.62 26.56
CA ARG N 42 -1.56 -1.35 26.92
C ARG N 42 -3.04 -1.41 26.59
N LEU N 43 -3.90 -1.19 27.58
CA LEU N 43 -5.33 -1.27 27.37
C LEU N 43 -5.95 0.11 27.29
N ILE N 44 -6.66 0.38 26.20
CA ILE N 44 -7.05 1.74 25.82
C ILE N 44 -8.57 1.81 25.79
N PHE N 45 -9.13 2.79 26.48
CA PHE N 45 -10.58 2.95 26.58
C PHE N 45 -10.91 4.42 26.57
N ALA N 46 -11.79 4.82 25.63
CA ALA N 46 -12.09 6.22 25.31
C ALA N 46 -10.83 7.02 25.02
N GLY N 47 -9.86 6.37 24.38
CA GLY N 47 -8.54 6.93 24.18
C GLY N 47 -7.64 6.94 25.39
N LYS N 48 -8.12 6.56 26.57
CA LYS N 48 -7.32 6.67 27.78
C LYS N 48 -6.65 5.35 28.08
N GLN N 49 -5.34 5.42 28.37
CA GLN N 49 -4.57 4.25 28.72
C GLN N 49 -4.87 3.89 30.17
N LEU N 50 -5.35 2.67 30.39
CA LEU N 50 -5.78 2.25 31.72
C LEU N 50 -4.61 1.64 32.48
N GLU N 51 -4.58 1.84 33.79
CA GLU N 51 -3.47 1.41 34.63
C GLU N 51 -3.77 0.06 35.30
N ASP N 52 -2.70 -0.71 35.55
CA ASP N 52 -2.80 -2.07 36.10
C ASP N 52 -3.53 -2.13 37.43
N GLY N 53 -3.33 -1.12 38.29
CA GLY N 53 -3.95 -1.16 39.59
C GLY N 53 -5.40 -0.75 39.63
N ARG N 54 -5.94 -0.20 38.55
CA ARG N 54 -7.30 0.31 38.53
C ARG N 54 -8.28 -0.72 38.00
N THR N 55 -9.56 -0.51 38.30
CA THR N 55 -10.61 -1.44 37.95
C THR N 55 -11.41 -0.95 36.75
N LEU N 56 -12.28 -1.84 36.25
CA LEU N 56 -13.11 -1.50 35.10
C LEU N 56 -14.20 -0.49 35.45
N SER N 57 -14.67 -0.51 36.70
CA SER N 57 -15.70 0.44 37.13
C SER N 57 -15.15 1.87 37.12
N ASP N 58 -13.86 2.01 37.43
CA ASP N 58 -13.20 3.30 37.53
C ASP N 58 -13.24 4.08 36.21
N TYR N 59 -13.24 3.37 35.08
CA TYR N 59 -13.14 4.01 33.77
C TYR N 59 -14.45 3.99 33.00
N ASN N 60 -15.57 3.67 33.67
CA ASN N 60 -16.92 3.61 33.09
C ASN N 60 -16.97 2.59 31.93
N ILE N 61 -16.32 1.45 32.13
CA ILE N 61 -16.41 0.37 31.16
C ILE N 61 -17.71 -0.37 31.39
N GLN N 62 -18.52 -0.49 30.35
CA GLN N 62 -19.85 -1.05 30.40
C GLN N 62 -19.89 -2.37 29.64
N LYS N 63 -21.10 -2.94 29.57
CA LYS N 63 -21.31 -4.20 28.84
C LYS N 63 -21.03 -4.03 27.34
N GLU N 64 -20.28 -4.99 26.79
CA GLU N 64 -20.03 -5.14 25.35
C GLU N 64 -19.24 -3.97 24.76
N SER N 65 -18.46 -3.27 25.58
CA SER N 65 -17.55 -2.25 25.08
C SER N 65 -16.46 -2.88 24.23
N THR N 66 -15.77 -2.04 23.46
CA THR N 66 -14.58 -2.45 22.74
C THR N 66 -13.34 -1.77 23.34
N LEU N 67 -12.48 -2.60 23.93
CA LEU N 67 -11.21 -2.17 24.50
C LEU N 67 -10.13 -2.33 23.43
N HIS N 68 -9.07 -1.54 23.55
CA HIS N 68 -7.99 -1.56 22.56
C HIS N 68 -6.69 -1.98 23.19
N LEU N 69 -6.01 -2.92 22.55
CA LEU N 69 -4.82 -3.58 23.05
C LEU N 69 -3.69 -3.34 22.08
N VAL N 70 -2.58 -2.78 22.57
CA VAL N 70 -1.49 -2.47 21.65
C VAL N 70 -0.16 -3.05 22.14
N LEU N 71 0.17 -4.23 21.63
CA LEU N 71 1.34 -4.94 22.08
C LEU N 71 2.61 -4.31 21.53
N ARG N 72 3.70 -4.43 22.28
CA ARG N 72 5.02 -3.96 21.85
C ARG N 72 5.94 -5.17 21.77
N LEU N 73 6.17 -5.66 20.55
CA LEU N 73 6.98 -6.87 20.40
C LEU N 73 8.46 -6.57 20.57
N ARG N 74 9.11 -7.41 21.37
CA ARG N 74 10.42 -7.11 21.93
C ARG N 74 11.51 -7.17 20.87
N GLY N 75 12.47 -6.26 21.02
CA GLY N 75 13.60 -6.22 20.08
C GLY N 75 13.16 -5.76 18.70
N CYS N 76 13.53 -6.43 17.59
CA CYS N 76 14.40 -7.62 17.34
C CYS N 76 14.06 -8.91 18.11
N ALA O 1 -28.76 -8.94 -11.05
CA ALA O 1 -29.57 -7.74 -11.17
C ALA O 1 -28.73 -6.50 -10.88
N ARG O 2 -28.48 -6.24 -9.60
CA ARG O 2 -27.64 -5.13 -9.18
C ARG O 2 -26.41 -5.56 -8.40
N THR O 3 -26.39 -6.79 -7.89
CA THR O 3 -25.16 -7.38 -7.41
C THR O 3 -24.03 -7.38 -8.43
N MET O 4 -22.94 -6.68 -8.10
CA MET O 4 -21.69 -6.74 -8.88
C MET O 4 -21.14 -8.15 -8.96
N GLN O 5 -20.42 -8.44 -10.03
CA GLN O 5 -20.01 -9.80 -10.34
C GLN O 5 -18.83 -9.74 -11.29
N THR O 6 -18.07 -10.82 -11.33
CA THR O 6 -17.04 -11.03 -12.32
C THR O 6 -17.44 -12.22 -13.18
N ALA O 7 -17.27 -12.09 -14.49
CA ALA O 7 -17.39 -13.17 -15.48
C ALA O 7 -18.76 -13.83 -15.50
N ARG O 8 -19.79 -13.07 -15.87
CA ARG O 8 -21.08 -13.56 -16.33
C ARG O 8 -21.82 -12.41 -16.96
N LYS P 195 -5.87 67.15 19.11
CA LYS P 195 -4.85 66.46 19.89
C LYS P 195 -4.24 65.36 19.05
N LEU P 196 -5.04 64.89 18.09
CA LEU P 196 -4.68 63.79 17.17
C LEU P 196 -4.28 62.53 17.94
N SER P 197 -5.17 62.09 18.83
CA SER P 197 -4.93 60.96 19.72
C SER P 197 -4.87 59.62 19.00
N LYS P 198 -5.37 59.56 17.76
CA LYS P 198 -5.31 58.31 17.01
C LYS P 198 -3.95 58.09 16.35
N LEU P 199 -3.13 59.13 16.20
CA LEU P 199 -1.81 59.01 15.60
C LEU P 199 -0.70 58.93 16.64
N ASN P 200 -0.57 59.98 17.47
CA ASN P 200 0.62 60.38 18.23
C ASN P 200 1.38 59.26 18.94
N GLU P 201 0.66 58.20 19.30
CA GLU P 201 1.31 56.99 19.78
C GLU P 201 2.24 56.36 18.73
N GLU P 202 1.97 56.57 17.43
CA GLU P 202 2.89 56.04 16.45
C GLU P 202 4.09 56.97 16.28
N ASP P 203 3.87 58.30 16.21
CA ASP P 203 4.95 59.19 15.84
C ASP P 203 5.95 59.38 16.96
N ALA P 204 5.56 59.08 18.20
CA ALA P 204 6.51 59.14 19.31
C ALA P 204 7.52 58.01 19.20
N VAL P 205 7.10 56.82 18.77
CA VAL P 205 8.07 55.76 18.59
C VAL P 205 8.78 55.89 17.25
N ILE P 206 8.23 56.67 16.32
CA ILE P 206 9.03 57.20 15.22
C ILE P 206 10.11 58.13 15.78
N GLU P 207 9.71 59.00 16.70
CA GLU P 207 10.67 59.88 17.38
C GLU P 207 11.66 59.10 18.24
N LYS P 208 11.23 57.97 18.82
CA LYS P 208 12.14 57.14 19.61
C LYS P 208 13.28 56.59 18.75
N TYR P 209 13.00 56.31 17.47
CA TYR P 209 14.07 55.97 16.53
C TYR P 209 15.07 57.11 16.38
N VAL P 210 14.59 58.36 16.49
CA VAL P 210 15.49 59.50 16.28
C VAL P 210 16.40 59.69 17.49
N ASN P 211 15.85 59.67 18.71
CA ASN P 211 16.70 59.86 19.88
C ASN P 211 17.03 58.55 20.59
N TRP P 212 16.04 57.81 21.09
CA TRP P 212 16.31 56.76 22.07
C TRP P 212 16.91 55.52 21.41
N ILE P 213 16.29 55.04 20.34
CA ILE P 213 16.91 53.99 19.54
C ILE P 213 18.18 54.51 18.88
N GLY P 214 18.20 55.80 18.55
CA GLY P 214 19.42 56.45 18.12
C GLY P 214 20.53 56.39 19.16
N GLU P 215 20.28 56.95 20.35
CA GLU P 215 21.36 57.13 21.32
C GLU P 215 21.82 55.82 21.95
N VAL P 216 20.97 54.79 21.98
CA VAL P 216 21.44 53.48 22.43
C VAL P 216 22.27 52.83 21.34
N ASN P 217 22.09 53.26 20.08
CA ASN P 217 22.90 52.80 18.97
C ASN P 217 24.03 53.76 18.61
N GLU P 218 23.89 55.04 18.97
CA GLU P 218 24.98 55.97 18.74
C GLU P 218 26.13 55.71 19.71
N ARG P 219 25.83 55.72 21.01
CA ARG P 219 26.84 55.79 22.06
C ARG P 219 27.69 54.54 22.20
N LEU P 220 27.41 53.46 21.45
CA LEU P 220 28.35 52.34 21.43
C LEU P 220 29.64 52.71 20.71
N SER P 221 29.57 53.54 19.67
CA SER P 221 30.73 53.90 18.86
C SER P 221 31.72 54.91 19.47
N PRO P 222 31.31 55.94 20.30
CA PRO P 222 32.34 56.72 21.00
C PRO P 222 33.00 55.95 22.13
N HIS P 223 32.32 54.89 22.61
CA HIS P 223 32.88 54.03 23.65
C HIS P 223 34.17 53.34 23.17
N PHE P 224 34.31 53.17 21.86
CA PHE P 224 35.56 52.70 21.25
C PHE P 224 36.71 53.68 21.41
N ASN P 225 36.43 54.98 21.49
CA ASN P 225 37.50 55.97 21.32
C ASN P 225 38.40 56.12 22.53
N GLN P 226 38.14 55.42 23.63
CA GLN P 226 38.97 55.52 24.83
C GLN P 226 40.18 54.55 24.80
N PRO P 227 40.04 53.24 24.40
CA PRO P 227 41.27 52.46 24.16
C PRO P 227 42.11 52.94 22.99
N THR P 228 41.51 52.92 21.79
CA THR P 228 42.20 53.26 20.55
C THR P 228 41.27 54.08 19.67
N GLY P 229 41.76 54.39 18.47
CA GLY P 229 40.96 55.06 17.46
C GLY P 229 40.88 56.56 17.59
N TRP P 290 40.51 39.84 15.39
CA TRP P 290 39.29 40.46 14.89
C TRP P 290 38.23 40.38 15.99
N ILE P 291 38.18 39.21 16.63
CA ILE P 291 37.19 38.89 17.66
C ILE P 291 37.27 39.86 18.84
N THR P 292 38.47 40.37 19.14
CA THR P 292 38.58 41.55 19.98
C THR P 292 38.07 42.76 19.20
N LEU P 293 36.86 43.23 19.58
CA LEU P 293 36.13 44.30 18.92
C LEU P 293 35.88 44.01 17.44
N SER P 294 35.09 42.97 17.18
CA SER P 294 34.54 42.75 15.85
C SER P 294 33.27 43.56 15.60
N GLN P 295 32.99 44.56 16.42
CA GLN P 295 31.73 45.28 16.39
C GLN P 295 31.56 46.20 15.18
N ASN P 296 32.64 46.42 14.43
CA ASN P 296 32.67 47.43 13.38
C ASN P 296 31.70 47.12 12.25
N ASP P 297 31.83 45.94 11.63
CA ASP P 297 31.03 45.62 10.45
C ASP P 297 29.60 45.28 10.82
N LEU P 298 29.41 44.58 11.95
CA LEU P 298 28.07 44.12 12.35
C LEU P 298 27.16 45.29 12.70
N SER P 299 27.69 46.33 13.33
CA SER P 299 26.92 47.52 13.63
C SER P 299 26.75 48.42 12.41
N GLU P 300 27.21 47.99 11.24
CA GLU P 300 26.79 48.55 9.96
C GLU P 300 25.73 47.70 9.30
N GLN P 301 25.61 46.44 9.69
CA GLN P 301 24.44 45.64 9.34
C GLN P 301 23.28 45.95 10.28
N LYS P 302 23.59 46.12 11.57
CA LYS P 302 22.61 46.64 12.52
C LYS P 302 22.09 48.01 12.09
N ASP P 303 23.00 48.93 11.77
CA ASP P 303 22.58 50.22 11.23
C ASP P 303 22.12 50.15 9.79
N SER P 304 22.32 49.03 9.09
CA SER P 304 21.58 48.82 7.84
C SER P 304 20.10 48.66 8.13
N LEU P 305 19.76 47.88 9.15
CA LEU P 305 18.38 47.78 9.60
C LEU P 305 17.87 49.06 10.25
N GLU P 306 18.77 49.96 10.67
CA GLU P 306 18.34 51.27 11.15
C GLU P 306 18.18 52.27 10.00
N ASN P 307 19.07 52.22 9.01
CA ASN P 307 18.93 53.18 7.92
C ASN P 307 17.83 52.76 6.94
N VAL P 308 17.51 51.47 6.90
CA VAL P 308 16.31 51.03 6.18
C VAL P 308 15.09 51.13 7.08
N LYS P 309 15.28 51.39 8.38
CA LYS P 309 14.13 51.62 9.25
C LYS P 309 13.47 52.95 8.96
N ARG P 310 14.27 54.00 8.70
CA ARG P 310 13.73 55.26 8.23
C ARG P 310 13.16 55.15 6.82
N ARG P 311 13.61 54.15 6.04
CA ARG P 311 12.93 53.85 4.78
C ARG P 311 11.57 53.22 5.03
N LEU P 312 11.45 52.41 6.07
CA LEU P 312 10.19 51.75 6.34
C LEU P 312 9.30 52.56 7.28
N ASP P 313 9.87 53.33 8.20
CA ASP P 313 9.06 54.15 9.10
C ASP P 313 8.45 55.36 8.44
N LEU P 314 8.74 55.61 7.16
CA LEU P 314 8.08 56.68 6.43
C LEU P 314 6.65 56.29 6.12
N LEU P 315 6.48 55.16 5.40
CA LEU P 315 5.19 54.66 4.94
C LEU P 315 4.30 54.10 6.07
N ILE P 316 4.71 54.19 7.33
CA ILE P 316 3.83 53.90 8.46
C ILE P 316 3.30 55.23 8.98
N SER P 317 4.04 56.31 8.72
CA SER P 317 3.52 57.64 8.98
C SER P 317 2.89 58.26 7.74
N VAL P 318 3.19 57.75 6.55
CA VAL P 318 2.58 58.24 5.32
C VAL P 318 1.26 57.51 5.04
N ARG P 319 1.10 56.27 5.54
CA ARG P 319 -0.20 55.61 5.47
C ARG P 319 -1.26 56.37 6.28
N THR P 320 -0.84 57.08 7.33
CA THR P 320 -1.79 57.85 8.12
C THR P 320 -2.20 59.11 7.37
N ASN P 321 -1.28 59.67 6.57
CA ASN P 321 -1.64 60.72 5.63
C ASN P 321 -2.63 60.23 4.59
N GLN P 322 -2.58 58.94 4.28
CA GLN P 322 -3.59 58.30 3.45
C GLN P 322 -4.85 57.97 4.26
N LEU P 323 -4.76 58.02 5.59
CA LEU P 323 -5.90 57.73 6.46
C LEU P 323 -6.76 58.97 6.73
N ARG P 324 -6.15 60.10 7.09
CA ARG P 324 -6.95 61.26 7.45
C ARG P 324 -7.58 61.94 6.24
N ILE P 325 -7.09 61.67 5.03
CA ILE P 325 -7.77 62.14 3.82
C ILE P 325 -8.88 61.19 3.41
N SER P 326 -8.88 59.96 3.96
CA SER P 326 -9.93 59.00 3.64
C SER P 326 -11.28 59.42 4.21
N PHE P 327 -11.29 60.29 5.24
CA PHE P 327 -12.51 60.92 5.73
C PHE P 327 -12.23 62.31 6.27
N SER Q 2 -32.51 -33.49 -30.43
CA SER Q 2 -31.23 -32.96 -30.87
C SER Q 2 -30.07 -33.65 -30.17
N VAL Q 3 -30.39 -34.43 -29.14
CA VAL Q 3 -29.39 -35.14 -28.35
C VAL Q 3 -29.80 -36.61 -28.28
N PRO Q 4 -28.86 -37.55 -28.26
CA PRO Q 4 -29.24 -38.96 -28.15
C PRO Q 4 -29.53 -39.35 -26.72
N VAL Q 5 -30.30 -40.44 -26.58
CA VAL Q 5 -30.58 -40.99 -25.26
C VAL Q 5 -29.31 -41.60 -24.69
N ILE Q 6 -29.00 -41.25 -23.44
CA ILE Q 6 -27.74 -41.69 -22.80
C ILE Q 6 -27.79 -43.19 -22.56
N PRO Q 7 -26.78 -43.94 -22.96
CA PRO Q 7 -26.81 -45.40 -22.79
C PRO Q 7 -26.57 -45.81 -21.34
N TYR Q 8 -26.86 -47.07 -21.07
CA TYR Q 8 -26.79 -47.61 -19.72
C TYR Q 8 -25.34 -47.94 -19.35
N LEU Q 9 -25.16 -48.36 -18.10
CA LEU Q 9 -23.85 -48.81 -17.65
C LEU Q 9 -23.98 -50.13 -16.90
N ASP Q 10 -22.90 -50.57 -16.24
CA ASP Q 10 -22.80 -51.92 -15.71
C ASP Q 10 -23.71 -52.13 -14.51
N TYR Q 11 -23.70 -51.19 -13.56
CA TYR Q 11 -24.59 -51.28 -12.41
C TYR Q 11 -26.06 -51.07 -12.78
N ASP Q 12 -26.34 -50.52 -13.97
CA ASP Q 12 -27.71 -50.20 -14.35
C ASP Q 12 -28.54 -51.45 -14.62
N ILE Q 13 -27.95 -52.44 -15.29
CA ILE Q 13 -28.60 -53.73 -15.49
C ILE Q 13 -28.53 -54.56 -14.21
N VAL Q 14 -29.63 -54.58 -13.46
CA VAL Q 14 -29.66 -55.31 -12.18
C VAL Q 14 -29.90 -56.73 -12.66
N ASP Q 15 -30.12 -57.63 -11.71
CA ASP Q 15 -30.27 -59.04 -11.98
C ASP Q 15 -31.17 -59.40 -10.79
N LEU Q 16 -31.68 -60.63 -10.79
CA LEU Q 16 -32.64 -61.04 -9.77
C LEU Q 16 -32.04 -60.99 -8.38
N GLY Q 17 -30.78 -61.42 -8.23
CA GLY Q 17 -30.24 -61.74 -6.92
C GLY Q 17 -29.80 -60.54 -6.10
N SER Q 18 -29.32 -59.48 -6.76
CA SER Q 18 -28.66 -58.39 -6.05
C SER Q 18 -29.66 -57.55 -5.26
N ASP Q 19 -29.33 -57.28 -4.00
CA ASP Q 19 -30.18 -56.50 -3.11
C ASP Q 19 -29.76 -55.03 -3.01
N ILE Q 20 -28.87 -54.58 -3.89
CA ILE Q 20 -28.50 -53.17 -3.91
C ILE Q 20 -29.68 -52.34 -4.39
N LYS Q 21 -29.68 -51.06 -4.02
CA LYS Q 21 -30.77 -50.18 -4.40
C LYS Q 21 -30.35 -49.34 -5.60
N LYS Q 22 -31.18 -49.37 -6.64
CA LYS Q 22 -30.85 -48.80 -7.95
C LYS Q 22 -30.59 -47.29 -7.96
N PRO Q 23 -31.37 -46.43 -7.29
CA PRO Q 23 -30.81 -45.08 -7.08
C PRO Q 23 -29.75 -45.19 -6.02
N ASP Q 24 -28.51 -44.85 -6.38
CA ASP Q 24 -27.36 -45.04 -5.50
C ASP Q 24 -27.52 -44.22 -4.23
N PHE Q 25 -27.23 -44.86 -3.09
CA PHE Q 25 -27.64 -44.45 -1.76
C PHE Q 25 -27.18 -43.04 -1.41
N PRO Q 26 -27.96 -42.28 -0.65
CA PRO Q 26 -27.49 -40.97 -0.18
C PRO Q 26 -26.31 -41.09 0.77
N GLN Q 27 -25.14 -40.72 0.27
CA GLN Q 27 -23.91 -40.74 1.06
C GLN Q 27 -23.99 -39.68 2.14
N LEU Q 28 -23.76 -40.06 3.39
CA LEU Q 28 -23.96 -39.11 4.48
C LEU Q 28 -22.63 -38.62 5.03
N SER Q 29 -22.70 -37.50 5.75
CA SER Q 29 -21.53 -36.81 6.30
C SER Q 29 -21.79 -36.47 7.75
N GLU Q 30 -20.78 -36.66 8.60
CA GLU Q 30 -20.94 -36.45 10.04
C GLU Q 30 -21.05 -34.96 10.34
N SER Q 31 -22.27 -34.52 10.67
CA SER Q 31 -22.52 -33.10 10.91
C SER Q 31 -22.16 -32.67 12.33
N HIS Q 32 -22.87 -33.19 13.33
CA HIS Q 32 -22.80 -32.64 14.68
C HIS Q 32 -23.48 -33.61 15.64
N ARG Q 33 -23.45 -33.24 16.93
CA ARG Q 33 -24.11 -33.98 18.00
C ARG Q 33 -25.07 -33.05 18.73
N ILE Q 34 -26.36 -33.23 18.50
CA ILE Q 34 -27.43 -32.55 19.23
C ILE Q 34 -28.56 -33.54 19.43
N ASN Q 35 -29.36 -33.31 20.49
CA ASN Q 35 -30.42 -34.22 20.95
C ASN Q 35 -29.91 -35.63 21.25
N GLU Q 36 -28.63 -35.70 21.67
CA GLU Q 36 -27.90 -36.95 21.93
C GLU Q 36 -27.91 -37.86 20.71
N GLN Q 37 -27.76 -37.24 19.54
CA GLN Q 37 -27.82 -37.96 18.27
C GLN Q 37 -26.86 -37.33 17.28
N GLN Q 38 -26.19 -38.19 16.51
CA GLN Q 38 -25.45 -37.74 15.35
C GLN Q 38 -26.39 -37.60 14.18
N TYR Q 39 -26.48 -36.40 13.61
CA TYR Q 39 -27.25 -36.18 12.39
C TYR Q 39 -26.30 -36.08 11.21
N TYR Q 40 -26.86 -36.09 10.00
CA TYR Q 40 -25.99 -36.17 8.84
C TYR Q 40 -26.48 -35.32 7.68
N ILE Q 41 -25.55 -34.60 7.06
CA ILE Q 41 -25.81 -33.93 5.80
C ILE Q 41 -25.49 -34.91 4.69
N THR Q 42 -26.21 -34.80 3.58
CA THR Q 42 -25.87 -35.56 2.38
C THR Q 42 -24.62 -34.94 1.76
N GLU Q 43 -23.68 -35.79 1.33
CA GLU Q 43 -22.44 -35.27 0.81
C GLU Q 43 -22.27 -35.46 -0.69
N ASP Q 44 -22.83 -36.51 -1.29
CA ASP Q 44 -22.49 -36.81 -2.69
C ASP Q 44 -23.74 -37.03 -3.54
N THR Q 45 -24.85 -36.43 -3.16
CA THR Q 45 -26.07 -36.49 -3.95
C THR Q 45 -26.47 -35.07 -4.32
N PRO Q 46 -26.93 -34.83 -5.55
CA PRO Q 46 -27.14 -33.46 -6.04
C PRO Q 46 -28.20 -32.70 -5.25
N LEU Q 47 -28.14 -31.38 -5.32
CA LEU Q 47 -29.12 -30.51 -4.71
C LEU Q 47 -29.75 -29.66 -5.80
N ASN Q 48 -30.90 -29.08 -5.49
CA ASN Q 48 -31.62 -28.28 -6.47
C ASN Q 48 -31.04 -26.88 -6.55
N LYS Q 49 -30.48 -26.55 -7.71
CA LYS Q 49 -29.84 -25.27 -7.92
C LYS Q 49 -30.09 -24.82 -9.36
N ARG Q 50 -29.88 -23.51 -9.58
CA ARG Q 50 -30.06 -22.85 -10.89
C ARG Q 50 -31.49 -23.08 -11.41
N ASN Q 51 -32.44 -22.96 -10.48
CA ASN Q 51 -33.88 -23.16 -10.70
C ASN Q 51 -34.15 -24.49 -11.39
N PHE Q 52 -33.66 -25.55 -10.76
CA PHE Q 52 -33.90 -26.92 -11.20
C PHE Q 52 -34.55 -27.67 -10.07
N MET Q 53 -35.19 -28.77 -10.39
CA MET Q 53 -35.45 -29.79 -9.39
C MET Q 53 -34.91 -31.11 -9.90
N TYR Q 54 -34.38 -31.90 -8.98
CA TYR Q 54 -33.67 -33.11 -9.32
C TYR Q 54 -34.41 -34.31 -8.79
N GLN Q 55 -34.09 -35.47 -9.36
CA GLN Q 55 -34.69 -36.74 -8.99
C GLN Q 55 -33.82 -37.85 -9.53
N PRO Q 56 -33.49 -38.87 -8.72
CA PRO Q 56 -32.65 -39.96 -9.20
C PRO Q 56 -33.40 -40.84 -10.18
N CYS Q 57 -32.90 -40.89 -11.40
CA CYS Q 57 -33.54 -41.76 -12.38
C CYS Q 57 -33.02 -43.17 -12.22
N ALA Q 58 -33.83 -44.12 -12.70
CA ALA Q 58 -33.41 -45.51 -12.78
C ALA Q 58 -33.55 -45.97 -14.21
N ALA Q 59 -32.51 -46.62 -14.72
CA ALA Q 59 -32.53 -47.20 -16.06
C ALA Q 59 -33.55 -48.33 -16.13
N ASN Q 60 -34.64 -48.11 -16.85
CA ASN Q 60 -35.75 -49.05 -16.94
C ASN Q 60 -35.63 -49.75 -18.29
N LEU Q 61 -35.27 -51.04 -18.25
CA LEU Q 61 -34.80 -51.75 -19.43
C LEU Q 61 -35.93 -52.03 -20.42
N MET Q 62 -37.15 -52.23 -19.93
CA MET Q 62 -38.26 -52.59 -20.80
C MET Q 62 -38.68 -51.44 -21.71
N LEU Q 63 -38.51 -50.21 -21.23
CA LEU Q 63 -38.97 -49.05 -21.99
C LEU Q 63 -38.06 -48.76 -23.17
N ASP Q 64 -38.67 -48.36 -24.29
CA ASP Q 64 -37.98 -48.23 -25.57
C ASP Q 64 -37.64 -46.79 -25.95
N LYS Q 65 -38.64 -45.92 -26.08
CA LYS Q 65 -38.39 -44.52 -26.41
C LYS Q 65 -37.69 -43.82 -25.24
N LEU Q 66 -38.36 -43.76 -24.10
CA LEU Q 66 -37.67 -43.51 -22.85
C LEU Q 66 -36.83 -44.72 -22.51
N LYS Q 67 -35.66 -44.49 -21.92
CA LYS Q 67 -34.85 -45.58 -21.43
C LYS Q 67 -34.77 -45.61 -19.91
N TYR Q 68 -35.49 -44.71 -19.23
CA TYR Q 68 -35.32 -44.49 -17.81
C TYR Q 68 -36.68 -44.24 -17.16
N CYS Q 69 -36.69 -44.29 -15.83
CA CYS Q 69 -37.84 -43.90 -15.04
C CYS Q 69 -37.40 -43.00 -13.90
N GLY Q 70 -38.31 -42.16 -13.42
CA GLY Q 70 -38.03 -41.37 -12.24
C GLY Q 70 -38.32 -42.14 -10.96
N THR Q 71 -37.52 -41.88 -9.92
CA THR Q 71 -37.61 -42.66 -8.69
C THR Q 71 -37.28 -41.77 -7.51
N ASP Q 72 -37.86 -42.06 -6.35
CA ASP Q 72 -37.46 -41.48 -5.08
C ASP Q 72 -36.63 -42.50 -4.30
N TYR Q 73 -35.92 -42.00 -3.29
CA TYR Q 73 -35.01 -42.84 -2.51
C TYR Q 73 -35.74 -43.70 -1.50
N PHE Q 74 -36.47 -43.06 -0.57
CA PHE Q 74 -36.88 -43.71 0.66
C PHE Q 74 -38.15 -44.53 0.43
N ASP Q 75 -38.37 -45.49 1.34
CA ASP Q 75 -39.48 -46.44 1.23
C ASP Q 75 -40.84 -45.76 1.44
N LYS Q 76 -41.05 -45.19 2.62
CA LYS Q 76 -42.28 -44.44 2.86
C LYS Q 76 -42.06 -42.97 2.44
N SER Q 77 -43.01 -42.11 2.80
CA SER Q 77 -42.82 -40.69 2.55
C SER Q 77 -41.80 -40.10 3.52
N SER Q 78 -40.95 -39.21 3.00
CA SER Q 78 -39.92 -38.54 3.79
C SER Q 78 -39.47 -37.31 3.03
N ILE Q 79 -38.40 -36.71 3.52
CA ILE Q 79 -37.82 -35.55 2.86
C ILE Q 79 -37.10 -35.99 1.59
N ASN Q 80 -37.43 -35.35 0.48
CA ASN Q 80 -36.57 -35.51 -0.68
C ASN Q 80 -35.35 -34.64 -0.45
N LEU Q 81 -34.17 -35.20 -0.70
CA LEU Q 81 -32.94 -34.50 -0.40
C LEU Q 81 -32.49 -33.55 -1.50
N MET Q 82 -33.36 -33.24 -2.45
CA MET Q 82 -32.98 -32.42 -3.58
C MET Q 82 -33.18 -30.94 -3.32
N ASP Q 83 -34.36 -30.54 -2.80
CA ASP Q 83 -34.61 -29.14 -2.48
C ASP Q 83 -34.37 -28.91 -0.99
N ARG Q 84 -33.09 -28.76 -0.63
CA ARG Q 84 -32.68 -28.50 0.74
C ARG Q 84 -31.38 -27.70 0.64
N SER Q 85 -30.77 -27.43 1.79
CA SER Q 85 -29.53 -26.66 1.83
C SER Q 85 -28.36 -27.60 2.07
N ASP Q 86 -27.16 -27.09 1.81
CA ASP Q 86 -25.94 -27.87 1.89
C ASP Q 86 -25.41 -28.03 3.32
N LYS Q 87 -26.09 -27.49 4.32
CA LYS Q 87 -25.70 -27.66 5.72
C LYS Q 87 -26.87 -28.21 6.53
N LEU Q 88 -27.82 -28.85 5.85
CA LEU Q 88 -29.08 -29.26 6.47
C LEU Q 88 -29.00 -30.75 6.75
N ALA Q 89 -28.84 -31.08 8.02
CA ALA Q 89 -28.51 -32.43 8.43
C ALA Q 89 -29.74 -33.15 8.99
N PHE Q 90 -29.83 -34.44 8.70
CA PHE Q 90 -30.91 -35.30 9.16
C PHE Q 90 -30.32 -36.68 9.45
N SER Q 91 -30.82 -37.33 10.49
CA SER Q 91 -30.34 -38.65 10.84
C SER Q 91 -31.36 -39.72 10.49
N LEU Q 92 -30.86 -40.93 10.27
CA LEU Q 92 -31.62 -42.14 9.95
C LEU Q 92 -32.35 -42.72 11.15
N ASP Q 93 -32.34 -42.02 12.29
CA ASP Q 93 -32.97 -42.46 13.53
C ASP Q 93 -34.36 -41.85 13.71
N ASP Q 94 -34.43 -40.51 13.67
CA ASP Q 94 -35.67 -39.79 13.95
C ASP Q 94 -36.15 -39.01 12.72
N HIS Q 95 -35.33 -38.92 11.67
CA HIS Q 95 -35.55 -38.08 10.49
C HIS Q 95 -35.85 -36.63 10.84
N SER Q 96 -35.29 -36.15 11.95
CA SER Q 96 -35.39 -34.73 12.26
C SER Q 96 -34.36 -33.97 11.46
N VAL Q 97 -34.78 -32.92 10.78
CA VAL Q 97 -33.79 -32.05 10.15
C VAL Q 97 -33.17 -31.19 11.23
N SER Q 98 -31.88 -30.92 11.09
CA SER Q 98 -31.15 -30.19 12.12
C SER Q 98 -29.97 -29.51 11.46
N VAL Q 99 -29.99 -28.21 11.40
CA VAL Q 99 -28.81 -27.49 10.94
C VAL Q 99 -27.85 -27.42 12.11
N SER Q 100 -26.57 -27.19 11.85
CA SER Q 100 -25.66 -26.95 12.95
C SER Q 100 -25.95 -25.59 13.60
N GLU Q 101 -25.33 -25.38 14.75
CA GLU Q 101 -25.54 -24.16 15.54
C GLU Q 101 -25.00 -22.93 14.84
N ASN Q 102 -24.08 -23.10 13.90
CA ASN Q 102 -23.55 -21.99 13.12
C ASN Q 102 -24.19 -21.87 11.75
N CYS Q 103 -25.29 -22.59 11.53
CA CYS Q 103 -26.04 -22.50 10.29
C CYS Q 103 -27.38 -21.84 10.55
N GLY Q 104 -27.97 -21.31 9.49
CA GLY Q 104 -29.04 -20.35 9.61
C GLY Q 104 -30.40 -20.88 9.21
N TRP Q 105 -31.28 -19.94 8.91
CA TRP Q 105 -32.63 -20.25 8.49
C TRP Q 105 -32.58 -20.91 7.11
N ARG Q 106 -32.87 -22.19 7.05
CA ARG Q 106 -32.90 -22.93 5.80
C ARG Q 106 -34.33 -23.37 5.55
N SER Q 107 -34.51 -24.26 4.58
CA SER Q 107 -35.79 -24.92 4.39
C SER Q 107 -35.55 -26.30 3.81
N VAL Q 108 -36.45 -27.22 4.13
CA VAL Q 108 -36.41 -28.58 3.63
C VAL Q 108 -37.83 -29.03 3.27
N ARG Q 109 -38.00 -29.50 2.06
CA ARG Q 109 -39.30 -29.92 1.57
C ARG Q 109 -39.35 -31.44 1.46
N SER Q 110 -40.42 -32.01 2.01
CA SER Q 110 -40.71 -33.42 1.80
C SER Q 110 -41.47 -33.60 0.50
N ASP Q 111 -41.29 -34.76 -0.14
CA ASP Q 111 -41.58 -34.95 -1.55
C ASP Q 111 -43.08 -35.04 -1.87
N VAL Q 112 -43.99 -34.96 -0.90
CA VAL Q 112 -45.40 -35.23 -1.14
C VAL Q 112 -46.07 -33.92 -1.57
N CYS Q 113 -46.76 -33.96 -2.70
CA CYS Q 113 -47.43 -32.79 -3.24
C CYS Q 113 -48.85 -32.69 -2.71
N MET Q 114 -49.32 -31.46 -2.47
CA MET Q 114 -50.70 -31.21 -2.06
C MET Q 114 -51.40 -30.52 -3.23
N LYS Q 115 -52.19 -31.28 -3.98
CA LYS Q 115 -52.87 -30.77 -5.16
C LYS Q 115 -54.38 -30.62 -4.94
N GLU Q 116 -55.04 -31.66 -4.45
CA GLU Q 116 -56.47 -31.59 -4.18
C GLU Q 116 -56.81 -32.58 -3.07
N GLY Q 117 -57.97 -32.37 -2.45
CA GLY Q 117 -58.46 -33.25 -1.41
C GLY Q 117 -58.11 -32.81 0.00
N LYS Q 118 -57.93 -33.79 0.89
CA LYS Q 118 -57.55 -33.53 2.27
C LYS Q 118 -56.39 -34.43 2.65
N ILE Q 119 -55.30 -33.82 3.10
CA ILE Q 119 -54.12 -34.52 3.59
C ILE Q 119 -53.83 -34.00 4.99
N TYR Q 120 -53.52 -34.92 5.91
CA TYR Q 120 -53.19 -34.54 7.28
C TYR Q 120 -51.98 -35.34 7.74
N TRP Q 121 -51.10 -34.67 8.48
CA TRP Q 121 -49.94 -35.31 9.09
C TRP Q 121 -49.52 -34.47 10.28
N GLU Q 122 -48.75 -35.10 11.16
CA GLU Q 122 -48.15 -34.36 12.27
C GLU Q 122 -46.65 -34.18 12.03
N VAL Q 123 -46.08 -33.21 12.75
CA VAL Q 123 -44.65 -32.93 12.69
C VAL Q 123 -44.07 -32.85 14.10
N GLU Q 124 -43.16 -33.76 14.41
CA GLU Q 124 -42.54 -33.81 15.73
C GLU Q 124 -41.50 -32.71 15.88
N VAL Q 125 -41.51 -32.04 17.03
CA VAL Q 125 -40.50 -31.06 17.38
C VAL Q 125 -39.58 -31.34 18.55
N LYS Q 126 -38.30 -31.59 18.27
CA LYS Q 126 -37.38 -32.08 19.29
C LYS Q 126 -36.67 -31.04 20.16
N ASN Q 127 -35.92 -30.11 19.57
CA ASN Q 127 -35.07 -29.20 20.34
C ASN Q 127 -35.30 -27.78 19.83
N VAL Q 128 -36.19 -27.04 20.50
CA VAL Q 128 -36.48 -25.66 20.16
C VAL Q 128 -36.17 -24.83 21.40
N SER Q 129 -34.96 -24.29 21.47
CA SER Q 129 -34.53 -23.47 22.59
C SER Q 129 -34.85 -22.00 22.33
N ASP Q 130 -34.42 -21.14 23.25
CA ASP Q 130 -34.45 -19.71 23.00
C ASP Q 130 -33.45 -19.31 21.92
N THR Q 131 -32.42 -20.13 21.70
CA THR Q 131 -31.40 -19.87 20.69
C THR Q 131 -31.63 -20.62 19.39
N SER Q 132 -32.30 -21.77 19.42
CA SER Q 132 -32.56 -22.57 18.24
C SER Q 132 -34.04 -22.49 17.87
N HIS Q 133 -34.33 -22.27 16.60
CA HIS Q 133 -35.69 -22.01 16.15
C HIS Q 133 -36.02 -22.90 14.96
N ILE Q 134 -37.30 -22.99 14.62
CA ILE Q 134 -37.77 -23.63 13.39
C ILE Q 134 -39.07 -22.97 12.92
N ARG Q 135 -39.31 -23.06 11.60
CA ARG Q 135 -40.56 -22.60 11.00
C ARG Q 135 -41.24 -23.67 10.15
N CYS Q 136 -42.25 -24.32 10.71
CA CYS Q 136 -42.99 -25.36 10.00
C CYS Q 136 -44.24 -24.81 9.34
N GLY Q 137 -44.59 -25.43 8.21
CA GLY Q 137 -45.78 -25.04 7.48
C GLY Q 137 -45.82 -25.62 6.09
N ILE Q 138 -46.17 -24.78 5.12
CA ILE Q 138 -46.54 -25.23 3.79
C ILE Q 138 -45.85 -24.35 2.74
N SER Q 139 -45.46 -24.93 1.62
CA SER Q 139 -44.93 -24.17 0.49
C SER Q 139 -45.08 -24.95 -0.80
N ARG Q 140 -45.04 -24.21 -1.90
CA ARG Q 140 -45.05 -24.77 -3.24
C ARG Q 140 -43.66 -25.29 -3.58
N ARG Q 141 -43.46 -25.66 -4.84
CA ARG Q 141 -42.12 -25.91 -5.35
C ARG Q 141 -41.37 -24.61 -5.64
N GLU Q 142 -42.07 -23.48 -5.68
CA GLU Q 142 -41.44 -22.21 -6.00
C GLU Q 142 -40.59 -21.65 -4.88
N ALA Q 143 -40.98 -21.91 -3.63
CA ALA Q 143 -40.30 -21.29 -2.49
C ALA Q 143 -38.88 -21.84 -2.33
N SER Q 144 -37.90 -20.95 -2.46
CA SER Q 144 -36.47 -21.28 -2.36
C SER Q 144 -36.14 -21.91 -1.02
N THR Q 145 -35.50 -23.06 -1.02
CA THR Q 145 -35.21 -23.75 0.23
C THR Q 145 -34.05 -23.14 0.99
N GLU Q 146 -33.41 -22.11 0.42
CA GLU Q 146 -32.39 -21.39 1.16
C GLU Q 146 -33.01 -20.38 2.11
N THR Q 147 -33.91 -19.56 1.61
CA THR Q 147 -34.64 -18.69 2.51
C THR Q 147 -35.66 -19.52 3.29
N PRO Q 148 -35.99 -19.12 4.51
CA PRO Q 148 -37.11 -19.75 5.20
C PRO Q 148 -38.42 -19.37 4.55
N VAL Q 149 -39.36 -20.31 4.60
CA VAL Q 149 -40.72 -20.09 4.15
C VAL Q 149 -41.38 -18.90 4.85
N GLY Q 150 -42.02 -18.06 4.03
CA GLY Q 150 -42.91 -17.02 4.51
C GLY Q 150 -42.62 -15.64 3.97
N CYS Q 151 -41.49 -15.45 3.31
CA CYS Q 151 -41.17 -14.15 2.73
C CYS Q 151 -42.02 -13.82 1.51
N ASP Q 152 -42.70 -14.80 0.94
CA ASP Q 152 -43.28 -14.72 -0.39
C ASP Q 152 -44.67 -15.31 -0.39
N PHE Q 153 -45.33 -15.23 -1.55
CA PHE Q 153 -46.62 -15.90 -1.72
C PHE Q 153 -46.47 -17.29 -2.31
N TYR Q 154 -45.31 -17.91 -2.14
CA TYR Q 154 -45.11 -19.31 -2.49
C TYR Q 154 -44.98 -20.20 -1.26
N GLY Q 155 -45.27 -19.67 -0.07
CA GLY Q 155 -45.23 -20.49 1.13
C GLY Q 155 -45.80 -19.74 2.30
N TYR Q 156 -46.21 -20.51 3.32
CA TYR Q 156 -46.75 -19.94 4.54
C TYR Q 156 -46.30 -20.81 5.72
N SER Q 157 -46.05 -20.18 6.85
CA SER Q 157 -45.71 -20.92 8.04
C SER Q 157 -46.10 -20.13 9.28
N ILE Q 158 -45.66 -20.62 10.43
CA ILE Q 158 -45.95 -20.03 11.72
C ILE Q 158 -44.65 -19.97 12.49
N ARG Q 159 -44.57 -19.02 13.42
CA ARG Q 159 -43.38 -18.89 14.24
C ARG Q 159 -43.32 -20.02 15.27
N ASP Q 160 -42.24 -20.06 16.04
CA ASP Q 160 -42.13 -21.10 17.06
C ASP Q 160 -42.80 -20.68 18.37
N LYS Q 161 -42.63 -19.43 18.78
CA LYS Q 161 -43.15 -18.97 20.06
C LYS Q 161 -44.28 -17.99 19.80
N GLY Q 162 -45.50 -18.41 20.14
CA GLY Q 162 -46.69 -17.67 19.80
C GLY Q 162 -47.27 -18.00 18.45
N LEU Q 163 -46.52 -18.71 17.59
CA LEU Q 163 -46.97 -19.22 16.30
C LEU Q 163 -47.49 -18.11 15.39
N GLN Q 164 -46.79 -16.97 15.38
CA GLN Q 164 -47.19 -15.85 14.55
C GLN Q 164 -47.12 -16.25 13.07
N VAL Q 165 -48.23 -16.12 12.37
CA VAL Q 165 -48.41 -16.80 11.08
C VAL Q 165 -47.73 -15.96 10.01
N ILE Q 166 -46.99 -16.63 9.12
CA ILE Q 166 -45.97 -15.97 8.31
C ILE Q 166 -46.43 -15.93 6.86
N HIS Q 167 -46.44 -14.73 6.30
CA HIS Q 167 -46.66 -14.47 4.88
C HIS Q 167 -46.09 -13.10 4.57
N GLU Q 168 -45.43 -12.99 3.40
CA GLU Q 168 -44.78 -11.77 2.91
C GLU Q 168 -43.70 -11.26 3.88
N GLY Q 169 -43.14 -12.17 4.67
CA GLY Q 169 -42.25 -11.82 5.76
C GLY Q 169 -42.92 -11.34 7.03
N ARG Q 170 -44.19 -10.97 6.98
CA ARG Q 170 -44.86 -10.41 8.14
C ARG Q 170 -45.22 -11.50 9.14
N LEU Q 171 -45.29 -11.11 10.41
CA LEU Q 171 -45.72 -11.99 11.48
C LEU Q 171 -47.13 -11.60 11.90
N HIS Q 172 -48.06 -12.54 11.83
CA HIS Q 172 -49.47 -12.27 12.07
C HIS Q 172 -49.92 -13.06 13.30
N THR Q 173 -50.46 -12.35 14.27
CA THR Q 173 -51.09 -13.01 15.42
C THR Q 173 -52.58 -13.09 15.10
N VAL Q 174 -52.95 -14.13 14.37
CA VAL Q 174 -54.35 -14.32 13.99
C VAL Q 174 -54.88 -15.60 14.66
N LEU Q 175 -53.99 -16.53 14.98
CA LEU Q 175 -54.40 -17.76 15.63
C LEU Q 175 -54.31 -17.58 17.15
N LYS Q 176 -54.46 -18.68 17.87
CA LYS Q 176 -54.25 -18.66 19.31
C LYS Q 176 -52.76 -18.73 19.58
N PRO Q 177 -52.17 -17.75 20.27
CA PRO Q 177 -50.72 -17.77 20.50
C PRO Q 177 -50.30 -18.84 21.50
N HIS Q 178 -49.29 -19.63 21.12
CA HIS Q 178 -48.73 -20.67 21.97
C HIS Q 178 -47.31 -20.98 21.50
N GLU Q 179 -46.47 -21.42 22.44
CA GLU Q 179 -45.05 -21.60 22.18
C GLU Q 179 -44.71 -23.07 22.06
N MET Q 180 -43.73 -23.36 21.20
CA MET Q 180 -43.19 -24.71 21.12
C MET Q 180 -42.30 -25.00 22.32
N GLN Q 181 -42.15 -26.29 22.61
CA GLN Q 181 -41.25 -26.78 23.64
C GLN Q 181 -40.62 -28.05 23.06
N ALA Q 182 -39.84 -28.76 23.87
CA ALA Q 182 -39.10 -29.91 23.39
C ALA Q 182 -39.98 -31.15 23.15
N GLY Q 183 -41.30 -31.02 23.22
CA GLY Q 183 -42.14 -32.20 23.14
C GLY Q 183 -43.47 -32.06 22.43
N ASP Q 184 -43.73 -30.92 21.79
CA ASP Q 184 -44.99 -30.70 21.11
C ASP Q 184 -45.05 -31.51 19.80
N ARG Q 185 -46.19 -31.39 19.09
CA ARG Q 185 -46.34 -31.96 17.76
C ARG Q 185 -47.52 -31.28 17.07
N ILE Q 186 -47.27 -30.77 15.88
CA ILE Q 186 -48.24 -29.92 15.18
C ILE Q 186 -48.89 -30.71 14.06
N GLY Q 187 -50.22 -30.72 14.01
CA GLY Q 187 -50.95 -31.40 12.97
C GLY Q 187 -51.59 -30.42 12.00
N PHE Q 188 -51.74 -30.84 10.76
CA PHE Q 188 -52.10 -29.95 9.66
C PHE Q 188 -53.36 -30.44 8.96
N LEU Q 189 -54.50 -29.83 9.27
CA LEU Q 189 -55.71 -30.01 8.47
C LEU Q 189 -55.67 -29.00 7.34
N LEU Q 190 -55.10 -29.41 6.21
CA LEU Q 190 -55.12 -28.60 5.00
C LEU Q 190 -56.26 -29.10 4.12
N THR Q 191 -57.34 -28.34 4.07
CA THR Q 191 -58.45 -28.60 3.17
C THR Q 191 -58.16 -27.91 1.85
N LEU Q 192 -58.26 -28.66 0.75
CA LEU Q 192 -57.91 -28.12 -0.56
C LEU Q 192 -59.15 -28.13 -1.43
N PRO Q 193 -59.21 -27.28 -2.46
CA PRO Q 193 -60.27 -27.41 -3.45
C PRO Q 193 -60.04 -28.65 -4.32
N SER Q 194 -61.08 -29.00 -5.05
CA SER Q 194 -60.98 -30.11 -5.99
C SER Q 194 -60.27 -29.64 -7.24
N LEU Q 195 -59.66 -30.60 -7.93
CA LEU Q 195 -58.92 -30.31 -9.15
C LEU Q 195 -59.82 -29.84 -10.29
N GLN Q 196 -61.11 -30.17 -10.23
CA GLN Q 196 -62.09 -29.59 -11.15
C GLN Q 196 -62.28 -28.10 -10.87
N SER Q 197 -62.47 -27.75 -9.59
CA SER Q 197 -62.59 -26.35 -9.20
C SER Q 197 -61.29 -25.58 -9.43
N GLN Q 198 -60.16 -26.24 -9.27
CA GLN Q 198 -58.87 -25.63 -9.58
C GLN Q 198 -58.74 -25.34 -11.07
N SER Q 199 -59.19 -26.28 -11.91
CA SER Q 199 -58.99 -26.16 -13.35
C SER Q 199 -59.78 -25.00 -13.95
N GLU Q 200 -60.96 -24.70 -13.39
CA GLU Q 200 -61.77 -23.64 -13.98
C GLU Q 200 -61.25 -22.26 -13.62
N GLN Q 201 -60.80 -22.07 -12.38
CA GLN Q 201 -60.24 -20.78 -11.99
C GLN Q 201 -58.89 -20.53 -12.66
N ALA Q 202 -58.18 -21.59 -13.02
CA ALA Q 202 -56.96 -21.46 -13.79
C ALA Q 202 -57.25 -21.17 -15.25
N MET Q 203 -58.29 -21.79 -15.81
CA MET Q 203 -58.70 -21.51 -17.17
C MET Q 203 -59.27 -20.10 -17.28
N ASP Q 204 -59.94 -19.61 -16.22
CA ASP Q 204 -60.50 -18.27 -16.23
C ASP Q 204 -59.41 -17.21 -16.33
N TYR Q 205 -58.31 -17.40 -15.60
CA TYR Q 205 -57.23 -16.43 -15.69
C TYR Q 205 -56.53 -16.51 -17.04
N SER Q 206 -56.44 -17.71 -17.62
CA SER Q 206 -55.88 -17.86 -18.97
C SER Q 206 -56.68 -17.08 -19.99
N LEU Q 207 -58.01 -17.07 -19.84
CA LEU Q 207 -58.84 -16.21 -20.67
C LEU Q 207 -58.73 -14.76 -20.23
N LYS Q 208 -58.63 -14.51 -18.92
CA LYS Q 208 -58.53 -13.14 -18.43
C LYS Q 208 -57.15 -12.51 -18.62
N ARG Q 209 -56.18 -13.24 -19.15
CA ARG Q 209 -54.85 -12.66 -19.33
C ARG Q 209 -54.40 -12.58 -20.79
N ILE Q 210 -55.05 -13.32 -21.70
CA ILE Q 210 -54.59 -13.35 -23.09
C ILE Q 210 -54.82 -12.01 -23.77
N GLN Q 211 -56.00 -11.41 -23.57
CA GLN Q 211 -56.33 -10.18 -24.27
C GLN Q 211 -56.89 -9.12 -23.32
N GLU Q 212 -57.38 -9.57 -22.16
CA GLU Q 212 -58.19 -8.71 -21.30
C GLU Q 212 -57.39 -7.55 -20.73
N LEU Q 213 -56.09 -7.74 -20.52
CA LEU Q 213 -55.19 -6.63 -20.23
C LEU Q 213 -54.15 -6.43 -21.33
N ASN Q 214 -54.19 -7.25 -22.38
CA ASN Q 214 -53.25 -7.15 -23.49
C ASN Q 214 -53.86 -6.42 -24.67
N ASN Q 215 -54.66 -5.38 -24.38
CA ASN Q 215 -55.32 -4.51 -25.37
C ASN Q 215 -56.25 -5.27 -26.31
N LYS Q 226 -43.00 -4.73 -24.02
CA LYS Q 226 -43.22 -5.81 -24.97
C LYS Q 226 -43.35 -5.29 -26.40
N PHE Q 227 -42.84 -6.07 -27.35
CA PHE Q 227 -42.97 -5.76 -28.78
C PHE Q 227 -43.83 -6.76 -29.52
N ASN Q 228 -44.08 -7.94 -28.95
CA ASN Q 228 -44.99 -8.89 -29.55
C ASN Q 228 -45.88 -9.50 -28.48
N LYS Q 229 -47.18 -9.28 -28.61
CA LYS Q 229 -48.17 -9.71 -27.64
C LYS Q 229 -49.02 -10.86 -28.13
N GLU Q 230 -48.89 -11.23 -29.41
CA GLU Q 230 -49.59 -12.40 -29.92
C GLU Q 230 -48.94 -13.70 -29.45
N PHE Q 231 -47.61 -13.75 -29.46
CA PHE Q 231 -46.94 -15.01 -29.13
C PHE Q 231 -47.02 -15.33 -27.65
N TYR Q 232 -46.94 -14.32 -26.78
CA TYR Q 232 -47.22 -14.59 -25.39
C TYR Q 232 -48.69 -14.91 -25.16
N LYS Q 233 -49.56 -14.40 -26.03
CA LYS Q 233 -50.93 -14.87 -26.04
C LYS Q 233 -51.02 -16.28 -26.63
N PHE Q 234 -50.24 -16.56 -27.70
CA PHE Q 234 -50.19 -17.90 -28.27
C PHE Q 234 -49.67 -18.94 -27.29
N LEU Q 235 -48.63 -18.58 -26.52
CA LEU Q 235 -48.19 -19.44 -25.43
C LEU Q 235 -49.29 -19.61 -24.40
N LEU Q 236 -50.09 -18.56 -24.18
CA LEU Q 236 -51.18 -18.61 -23.22
C LEU Q 236 -52.50 -19.06 -23.86
N ARG Q 237 -52.53 -19.22 -25.19
CA ARG Q 237 -53.59 -20.03 -25.80
C ARG Q 237 -52.48 -21.00 -25.40
N SER Q 238 -52.73 -22.30 -25.58
CA SER Q 238 -51.69 -23.31 -25.35
C SER Q 238 -51.41 -23.46 -23.86
N CYS Q 239 -52.36 -23.03 -23.04
CA CYS Q 239 -52.26 -23.00 -21.58
C CYS Q 239 -53.37 -23.87 -21.01
N GLU Q 240 -53.06 -25.14 -20.80
CA GLU Q 240 -54.06 -26.13 -20.42
C GLU Q 240 -54.03 -26.39 -18.92
N PRO Q 241 -55.18 -26.72 -18.32
CA PRO Q 241 -55.23 -26.84 -16.83
C PRO Q 241 -54.43 -28.00 -16.24
N THR Q 242 -54.53 -29.20 -16.80
CA THR Q 242 -53.96 -30.38 -16.19
C THR Q 242 -52.94 -31.07 -17.10
N ASN Q 243 -52.84 -30.65 -18.37
CA ASN Q 243 -51.88 -31.24 -19.32
C ASN Q 243 -50.44 -30.99 -18.89
N VAL Q 244 -49.58 -31.98 -19.11
CA VAL Q 244 -48.17 -31.95 -18.70
C VAL Q 244 -47.29 -31.64 -19.91
N VAL Q 245 -46.34 -30.72 -19.74
CA VAL Q 245 -45.20 -30.56 -20.64
C VAL Q 245 -43.96 -30.71 -19.76
N ARG Q 246 -43.32 -31.87 -19.82
CA ARG Q 246 -42.11 -32.14 -19.04
C ARG Q 246 -40.94 -32.38 -19.97
N ASP Q 247 -39.82 -31.72 -19.69
CA ASP Q 247 -38.54 -32.02 -20.34
C ASP Q 247 -37.62 -32.56 -19.24
N GLN Q 248 -37.73 -33.86 -19.00
CA GLN Q 248 -36.97 -34.54 -17.96
C GLN Q 248 -36.02 -35.52 -18.65
N ILE Q 249 -34.73 -35.32 -18.45
CA ILE Q 249 -33.71 -36.04 -19.20
C ILE Q 249 -32.72 -36.66 -18.22
N ALA Q 250 -32.27 -37.88 -18.53
CA ALA Q 250 -31.27 -38.55 -17.72
C ALA Q 250 -29.89 -37.95 -17.94
N ILE Q 251 -29.12 -37.89 -16.88
CA ILE Q 251 -27.79 -37.29 -16.88
C ILE Q 251 -26.93 -38.16 -15.96
N ARG Q 252 -25.64 -38.25 -16.27
CA ARG Q 252 -24.69 -38.90 -15.38
C ARG Q 252 -23.95 -37.82 -14.62
N TYR Q 253 -24.20 -37.76 -13.31
CA TYR Q 253 -23.57 -36.79 -12.42
C TYR Q 253 -22.91 -37.52 -11.27
N LYS Q 254 -21.63 -37.24 -11.04
CA LYS Q 254 -20.88 -37.87 -9.95
C LYS Q 254 -20.87 -39.40 -9.99
N ASN Q 255 -20.81 -39.97 -11.20
CA ASN Q 255 -20.77 -41.42 -11.36
C ASN Q 255 -22.09 -42.14 -11.13
N GLN Q 256 -23.19 -41.40 -11.08
CA GLN Q 256 -24.50 -42.00 -10.86
C GLN Q 256 -25.42 -41.54 -12.00
N LEU Q 257 -26.72 -41.75 -11.85
CA LEU Q 257 -27.70 -41.36 -12.87
C LEU Q 257 -28.89 -40.67 -12.23
N PHE Q 258 -29.27 -39.51 -12.78
CA PHE Q 258 -30.26 -38.62 -12.18
C PHE Q 258 -31.09 -37.95 -13.27
N TYR Q 259 -32.18 -37.31 -12.86
CA TYR Q 259 -32.96 -36.41 -13.71
C TYR Q 259 -32.74 -34.95 -13.33
N GLU Q 260 -32.83 -34.09 -14.34
CA GLU Q 260 -33.03 -32.66 -14.14
C GLU Q 260 -34.42 -32.33 -14.64
N SER Q 261 -35.26 -31.81 -13.76
CA SER Q 261 -36.59 -31.34 -14.16
C SER Q 261 -36.64 -29.83 -14.13
N THR Q 262 -37.31 -29.26 -15.13
CA THR Q 262 -37.53 -27.83 -15.22
C THR Q 262 -38.36 -27.33 -14.04
N ASP Q 263 -37.91 -26.23 -13.41
CA ASP Q 263 -38.53 -25.71 -12.22
C ASP Q 263 -39.15 -24.33 -12.46
N TYR Q 264 -39.98 -23.91 -11.50
CA TYR Q 264 -40.77 -22.69 -11.62
C TYR Q 264 -40.03 -21.50 -11.06
N VAL Q 265 -40.28 -20.33 -11.64
CA VAL Q 265 -39.57 -19.10 -11.31
C VAL Q 265 -40.48 -18.28 -10.40
N LYS Q 266 -39.92 -17.24 -9.78
CA LYS Q 266 -40.67 -16.26 -9.02
C LYS Q 266 -41.27 -15.24 -9.97
N THR Q 267 -42.47 -14.76 -9.63
CA THR Q 267 -43.20 -13.78 -10.42
C THR Q 267 -44.02 -12.92 -9.47
N THR Q 268 -44.70 -11.92 -10.02
CA THR Q 268 -45.42 -10.94 -9.22
C THR Q 268 -46.78 -11.48 -8.81
N LYS Q 269 -47.56 -10.66 -8.10
CA LYS Q 269 -48.81 -11.08 -7.47
C LYS Q 269 -49.91 -11.23 -8.52
N PRO Q 270 -50.70 -12.32 -8.48
CA PRO Q 270 -51.82 -12.44 -9.41
C PRO Q 270 -52.97 -11.50 -9.06
N GLU Q 271 -53.09 -10.44 -9.84
CA GLU Q 271 -54.12 -9.43 -9.67
C GLU Q 271 -54.96 -9.38 -10.93
N TYR Q 272 -56.26 -9.12 -10.76
CA TYR Q 272 -57.17 -9.08 -11.89
C TYR Q 272 -58.32 -8.16 -11.54
N TYR Q 273 -58.64 -7.25 -12.45
CA TYR Q 273 -59.64 -6.23 -12.17
C TYR Q 273 -61.03 -6.81 -12.37
N ASP Q 274 -61.74 -7.06 -11.27
CA ASP Q 274 -63.16 -7.39 -11.30
C ASP Q 274 -63.92 -6.09 -11.39
N ASN Q 275 -64.66 -5.90 -12.49
CA ASN Q 275 -65.46 -4.71 -12.70
C ASN Q 275 -66.57 -4.54 -11.67
N ARG Q 276 -66.93 -5.61 -10.96
CA ARG Q 276 -67.95 -5.60 -9.92
C ARG Q 276 -67.61 -4.70 -8.74
N ASP Q 277 -66.59 -5.06 -7.96
CA ASP Q 277 -66.31 -4.36 -6.70
C ASP Q 277 -65.36 -3.19 -6.87
N ASP Q 278 -64.80 -2.99 -8.07
CA ASP Q 278 -63.89 -1.89 -8.43
C ASP Q 278 -62.67 -1.87 -7.51
N MET Q 279 -61.92 -2.97 -7.54
CA MET Q 279 -60.69 -3.13 -6.78
C MET Q 279 -59.93 -4.29 -7.40
N GLN Q 280 -58.60 -4.16 -7.49
CA GLN Q 280 -57.78 -5.21 -8.08
C GLN Q 280 -57.77 -6.44 -7.17
N LYS Q 281 -58.54 -7.43 -7.58
CA LYS Q 281 -58.86 -8.58 -6.74
C LYS Q 281 -57.71 -9.58 -6.80
N PHE Q 282 -57.52 -10.29 -5.69
CA PHE Q 282 -56.48 -11.30 -5.59
C PHE Q 282 -57.06 -12.67 -5.93
N TYR Q 283 -56.26 -13.46 -6.62
CA TYR Q 283 -56.63 -14.84 -6.85
C TYR Q 283 -56.40 -15.65 -5.58
N GLU Q 284 -57.45 -16.31 -5.11
CA GLU Q 284 -57.41 -17.08 -3.89
C GLU Q 284 -58.10 -18.41 -4.19
N LEU Q 285 -57.59 -19.49 -3.60
CA LEU Q 285 -58.18 -20.79 -3.87
C LEU Q 285 -59.54 -20.92 -3.19
N GLU Q 286 -60.29 -21.93 -3.63
CA GLU Q 286 -61.65 -22.16 -3.13
C GLU Q 286 -61.59 -23.02 -1.87
N ASN Q 287 -62.21 -22.52 -0.80
CA ASN Q 287 -62.54 -23.28 0.42
C ASN Q 287 -61.30 -23.80 1.16
N SER Q 288 -60.14 -23.16 0.97
CA SER Q 288 -58.92 -23.60 1.63
C SER Q 288 -58.98 -23.31 3.13
N SER Q 289 -58.26 -24.11 3.92
CA SER Q 289 -58.21 -23.90 5.35
C SER Q 289 -56.86 -24.36 5.88
N PHE Q 290 -56.28 -23.57 6.77
CA PHE Q 290 -54.95 -23.83 7.34
C PHE Q 290 -55.12 -23.94 8.84
N GLU Q 291 -55.45 -25.14 9.31
CA GLU Q 291 -55.67 -25.38 10.72
C GLU Q 291 -54.48 -26.12 11.30
N VAL Q 292 -54.07 -25.72 12.50
CA VAL Q 292 -52.95 -26.34 13.18
C VAL Q 292 -53.45 -27.03 14.45
N PHE Q 293 -52.83 -28.16 14.76
CA PHE Q 293 -53.04 -28.86 16.02
C PHE Q 293 -51.90 -28.46 16.95
N VAL Q 294 -52.20 -28.21 18.22
CA VAL Q 294 -51.16 -28.04 19.23
C VAL Q 294 -51.43 -29.10 20.30
N ASN Q 295 -50.77 -30.26 20.15
CA ASN Q 295 -51.02 -31.48 20.92
C ASN Q 295 -52.51 -31.86 20.92
N GLY Q 296 -53.10 -31.83 19.74
CA GLY Q 296 -54.51 -32.18 19.62
C GLY Q 296 -55.54 -31.08 19.57
N VAL Q 297 -55.35 -30.00 20.33
CA VAL Q 297 -56.31 -28.92 20.29
C VAL Q 297 -56.20 -28.15 18.97
N SER Q 298 -57.35 -27.71 18.47
CA SER Q 298 -57.40 -26.91 17.26
C SER Q 298 -57.17 -25.44 17.58
N HIS Q 299 -56.67 -24.68 16.61
CA HIS Q 299 -56.35 -23.28 16.85
C HIS Q 299 -56.99 -22.30 15.88
N GLY Q 300 -57.78 -22.77 14.93
CA GLY Q 300 -58.44 -21.89 13.98
C GLY Q 300 -57.84 -22.01 12.60
N ILE Q 301 -58.26 -21.09 11.72
CA ILE Q 301 -57.87 -21.12 10.32
C ILE Q 301 -56.88 -20.00 10.11
N ALA Q 302 -55.62 -20.37 9.87
CA ALA Q 302 -54.58 -19.35 9.68
C ALA Q 302 -54.75 -18.66 8.34
N PHE Q 303 -54.80 -19.41 7.26
CA PHE Q 303 -55.07 -18.84 5.95
C PHE Q 303 -56.20 -19.57 5.25
N GLU Q 304 -57.03 -18.78 4.56
CA GLU Q 304 -58.11 -19.29 3.72
C GLU Q 304 -57.89 -18.99 2.24
N GLY Q 305 -57.18 -17.92 1.92
CA GLY Q 305 -56.88 -17.56 0.55
C GLY Q 305 -55.53 -18.03 0.03
N LEU Q 306 -55.34 -19.34 -0.10
CA LEU Q 306 -54.15 -19.87 -0.76
C LEU Q 306 -54.15 -19.49 -2.23
N THR Q 307 -52.95 -19.33 -2.79
CA THR Q 307 -52.84 -19.01 -4.21
C THR Q 307 -53.31 -20.19 -5.06
N PRO Q 308 -54.10 -19.94 -6.11
CA PRO Q 308 -54.16 -20.91 -7.20
C PRO Q 308 -53.01 -20.89 -8.19
N PHE Q 309 -52.40 -22.06 -8.40
CA PHE Q 309 -51.15 -22.07 -9.15
C PHE Q 309 -51.01 -22.78 -10.49
N LEU Q 310 -52.03 -23.50 -10.99
CA LEU Q 310 -51.69 -24.69 -11.76
C LEU Q 310 -51.13 -24.46 -13.19
N PRO Q 311 -51.82 -24.00 -14.27
CA PRO Q 311 -51.03 -23.36 -15.35
C PRO Q 311 -50.65 -21.91 -15.06
N PRO Q 312 -51.60 -20.98 -14.88
CA PRO Q 312 -51.30 -19.60 -15.26
C PRO Q 312 -50.65 -18.74 -14.18
N PHE Q 313 -50.28 -19.33 -13.04
CA PHE Q 313 -49.61 -18.64 -11.97
C PHE Q 313 -48.19 -19.11 -11.74
N SER Q 314 -47.81 -20.26 -12.29
CA SER Q 314 -46.44 -20.76 -12.21
C SER Q 314 -45.82 -20.67 -13.59
N GLU Q 315 -44.69 -19.95 -13.69
CA GLU Q 315 -43.88 -19.91 -14.90
C GLU Q 315 -42.73 -20.89 -14.74
N LEU Q 316 -42.76 -21.98 -15.50
CA LEU Q 316 -41.59 -22.85 -15.58
C LEU Q 316 -40.46 -22.15 -16.31
N GLN Q 317 -39.26 -22.73 -16.19
CA GLN Q 317 -38.10 -22.18 -16.86
C GLN Q 317 -38.27 -22.26 -18.37
N TYR Q 318 -37.98 -21.15 -19.05
CA TYR Q 318 -38.29 -21.05 -20.46
C TYR Q 318 -37.16 -20.30 -21.17
N ASN Q 319 -36.87 -20.72 -22.38
CA ASN Q 319 -35.84 -20.09 -23.21
C ASN Q 319 -36.57 -19.05 -24.05
N GLU Q 320 -36.64 -17.83 -23.54
CA GLU Q 320 -37.46 -16.79 -24.17
C GLU Q 320 -36.84 -16.25 -25.46
N LYS Q 321 -35.56 -16.49 -25.71
CA LYS Q 321 -34.94 -16.04 -26.95
C LYS Q 321 -34.74 -17.16 -27.95
N PHE Q 322 -34.91 -18.40 -27.53
CA PHE Q 322 -34.78 -19.57 -28.40
C PHE Q 322 -36.11 -20.00 -28.99
N TYR Q 323 -37.17 -19.97 -28.20
CA TYR Q 323 -38.47 -20.50 -28.63
C TYR Q 323 -39.29 -19.47 -29.40
N LEU Q 324 -39.18 -18.19 -29.03
CA LEU Q 324 -39.97 -17.15 -29.68
C LEU Q 324 -39.57 -16.97 -31.14
N HIS Q 325 -38.28 -17.17 -31.44
CA HIS Q 325 -37.76 -16.98 -32.79
C HIS Q 325 -38.29 -17.98 -33.79
N HIS Q 326 -38.72 -19.16 -33.35
CA HIS Q 326 -39.25 -20.16 -34.27
C HIS Q 326 -40.71 -19.89 -34.64
N GLU Q 337 -43.40 -28.36 -31.67
CA GLU Q 337 -42.02 -27.92 -31.82
C GLU Q 337 -41.55 -27.16 -30.59
N ILE Q 338 -42.50 -26.46 -29.96
CA ILE Q 338 -42.20 -25.44 -28.96
C ILE Q 338 -42.95 -25.79 -27.69
N ARG Q 339 -42.29 -25.64 -26.54
CA ARG Q 339 -42.89 -25.94 -25.25
C ARG Q 339 -43.76 -24.78 -24.79
N ASN Q 340 -44.24 -24.85 -23.55
CA ASN Q 340 -45.04 -23.77 -23.00
C ASN Q 340 -44.61 -23.49 -21.56
N LYS Q 341 -44.78 -22.23 -21.17
CA LYS Q 341 -44.36 -21.79 -19.84
C LYS Q 341 -45.31 -22.31 -18.77
N TYR Q 342 -46.61 -22.22 -19.02
CA TYR Q 342 -47.62 -22.41 -17.99
C TYR Q 342 -48.18 -23.83 -18.03
N VAL Q 343 -47.34 -24.80 -17.66
CA VAL Q 343 -47.70 -26.21 -17.74
C VAL Q 343 -47.63 -26.86 -16.36
N ASN Q 344 -48.08 -28.11 -16.31
CA ASN Q 344 -48.01 -29.03 -15.17
C ASN Q 344 -46.87 -30.01 -15.40
N ASN Q 345 -46.31 -30.55 -14.31
CA ASN Q 345 -45.32 -31.61 -14.43
C ASN Q 345 -45.47 -32.68 -13.35
N ASN Q 346 -46.65 -32.76 -12.71
CA ASN Q 346 -47.06 -33.63 -11.60
C ASN Q 346 -46.37 -33.27 -10.28
N ARG Q 347 -45.44 -32.32 -10.31
CA ARG Q 347 -44.80 -31.80 -9.11
C ARG Q 347 -45.34 -30.47 -8.62
N LEU Q 348 -46.55 -30.14 -9.06
CA LEU Q 348 -47.13 -28.79 -9.03
C LEU Q 348 -48.12 -28.73 -7.88
N GLY Q 349 -47.80 -27.94 -6.88
CA GLY Q 349 -48.68 -27.78 -5.74
C GLY Q 349 -47.86 -27.56 -4.49
N TYR Q 350 -48.53 -27.62 -3.35
CA TYR Q 350 -47.89 -27.35 -2.08
C TYR Q 350 -47.34 -28.64 -1.50
N TYR Q 351 -46.30 -28.53 -0.67
CA TYR Q 351 -45.57 -29.68 -0.17
C TYR Q 351 -45.49 -29.66 1.35
N ALA Q 352 -45.12 -30.79 1.94
CA ALA Q 352 -44.77 -30.80 3.35
C ALA Q 352 -43.48 -30.02 3.54
N THR Q 353 -43.59 -28.83 4.08
CA THR Q 353 -42.50 -27.87 4.11
C THR Q 353 -41.98 -27.69 5.53
N LEU Q 354 -40.66 -27.72 5.69
CA LEU Q 354 -40.04 -27.63 7.00
C LEU Q 354 -38.82 -26.72 6.95
N SER Q 355 -38.55 -25.99 8.04
CA SER Q 355 -37.38 -25.12 8.16
C SER Q 355 -36.65 -25.38 9.48
N SER Q 356 -35.41 -24.91 9.56
CA SER Q 356 -34.59 -25.02 10.76
C SER Q 356 -33.57 -23.89 10.95
N PHE Q 357 -33.35 -23.51 12.21
CA PHE Q 357 -32.44 -22.40 12.51
C PHE Q 357 -31.54 -22.68 13.71
N GLN Q 358 -30.22 -22.62 13.48
CA GLN Q 358 -29.19 -22.60 14.53
C GLN Q 358 -29.23 -23.83 15.44
N GLY Q 359 -29.63 -24.96 14.88
CA GLY Q 359 -29.81 -26.16 15.68
C GLY Q 359 -31.24 -26.50 15.98
N GLY Q 360 -32.20 -25.70 15.51
CA GLY Q 360 -33.60 -25.98 15.73
C GLY Q 360 -34.03 -27.23 14.99
N THR Q 361 -34.53 -28.23 15.70
CA THR Q 361 -34.82 -29.54 15.15
C THR Q 361 -36.33 -29.72 14.96
N ALA Q 362 -36.72 -30.28 13.82
CA ALA Q 362 -38.11 -30.64 13.56
C ALA Q 362 -38.14 -31.94 12.75
N SER Q 363 -38.99 -32.88 13.16
CA SER Q 363 -39.13 -34.16 12.50
C SER Q 363 -40.55 -34.34 11.95
N ILE Q 364 -40.66 -34.90 10.76
CA ILE Q 364 -41.93 -35.05 10.07
C ILE Q 364 -42.45 -36.47 10.27
N ILE Q 365 -43.73 -36.58 10.63
CA ILE Q 365 -44.41 -37.85 10.88
C ILE Q 365 -45.39 -38.13 9.75
N THR Q 366 -45.40 -39.39 9.27
CA THR Q 366 -45.93 -39.76 7.97
C THR Q 366 -47.19 -40.60 8.01
N GLU Q 367 -47.25 -41.61 8.87
CA GLU Q 367 -48.24 -42.67 8.78
C GLU Q 367 -49.21 -42.57 9.95
N ALA Q 368 -50.40 -43.15 9.80
CA ALA Q 368 -51.40 -43.14 10.86
C ALA Q 368 -50.91 -43.84 12.12
N MET Q 369 -50.05 -44.85 11.99
CA MET Q 369 -49.59 -45.59 13.17
C MET Q 369 -48.66 -44.76 14.04
N GLU Q 370 -47.99 -43.76 13.47
CA GLU Q 370 -47.14 -42.86 14.22
C GLU Q 370 -47.83 -41.52 14.50
N LEU Q 371 -49.13 -41.45 14.23
CA LEU Q 371 -49.96 -40.35 14.67
C LEU Q 371 -50.75 -40.54 15.96
N LYS Q 372 -50.66 -39.56 16.83
CA LYS Q 372 -51.40 -39.53 18.09
C LYS Q 372 -52.72 -38.77 18.18
N PHE Q 373 -52.85 -37.66 17.47
CA PHE Q 373 -54.06 -36.85 17.47
C PHE Q 373 -54.53 -36.83 16.03
N LEU Q 374 -55.31 -37.85 15.66
CA LEU Q 374 -55.79 -38.02 14.31
C LEU Q 374 -57.28 -37.75 14.27
N PRO Q 375 -57.74 -36.71 13.57
CA PRO Q 375 -59.17 -36.42 13.52
C PRO Q 375 -59.88 -37.38 12.59
N LYS Q 376 -61.19 -37.46 12.74
CA LYS Q 376 -61.98 -38.49 12.09
C LYS Q 376 -62.72 -37.88 10.91
N ASP Q 377 -62.03 -37.81 9.78
CA ASP Q 377 -62.64 -37.47 8.50
C ASP Q 377 -62.33 -38.60 7.53
N VAL Q 378 -63.27 -38.85 6.63
CA VAL Q 378 -63.07 -39.89 5.63
C VAL Q 378 -62.28 -39.34 4.43
N ASP Q 379 -62.21 -38.02 4.31
CA ASP Q 379 -61.46 -37.37 3.25
C ASP Q 379 -59.99 -37.27 3.57
N ILE Q 380 -59.61 -37.43 4.83
CA ILE Q 380 -58.22 -37.38 5.23
C ILE Q 380 -57.50 -38.63 4.77
N LYS Q 381 -56.39 -38.43 4.08
CA LYS Q 381 -55.51 -39.52 3.70
C LYS Q 381 -54.14 -39.17 4.24
N THR Q 382 -53.40 -40.19 4.67
CA THR Q 382 -52.11 -39.97 5.30
C THR Q 382 -51.09 -39.44 4.30
N LEU Q 383 -49.99 -38.94 4.82
CA LEU Q 383 -48.95 -38.35 3.98
C LEU Q 383 -48.32 -39.40 3.07
N ASN Q 384 -48.18 -40.63 3.56
CA ASN Q 384 -47.67 -41.73 2.75
C ASN Q 384 -48.60 -42.10 1.60
N ASP Q 385 -49.90 -41.78 1.74
CA ASP Q 385 -50.89 -42.24 0.77
C ASP Q 385 -50.71 -41.56 -0.57
N ILE Q 386 -50.68 -40.23 -0.58
CA ILE Q 386 -50.52 -39.49 -1.83
C ILE Q 386 -49.11 -39.66 -2.39
N TYR Q 387 -48.14 -39.96 -1.52
CA TYR Q 387 -46.83 -40.42 -1.94
C TYR Q 387 -46.92 -41.65 -2.84
N ASN Q 388 -47.77 -42.60 -2.46
CA ASN Q 388 -48.04 -43.75 -3.32
C ASN Q 388 -48.79 -43.32 -4.58
N GLU Q 389 -49.67 -42.33 -4.45
CA GLU Q 389 -50.31 -41.79 -5.64
C GLU Q 389 -49.32 -40.99 -6.48
N GLN Q 390 -48.26 -40.46 -5.85
CA GLN Q 390 -47.15 -39.92 -6.63
C GLN Q 390 -46.36 -41.04 -7.30
N ILE Q 391 -46.16 -42.15 -6.58
CA ILE Q 391 -45.62 -43.37 -7.19
C ILE Q 391 -46.54 -43.87 -8.30
N ALA Q 392 -47.85 -43.77 -8.08
CA ALA Q 392 -48.82 -44.16 -9.12
C ALA Q 392 -48.72 -43.25 -10.33
N SER Q 393 -48.57 -41.95 -10.11
CA SER Q 393 -48.63 -41.00 -11.22
C SER Q 393 -47.35 -41.00 -12.05
N ASP Q 394 -46.21 -41.23 -11.40
CA ASP Q 394 -44.90 -40.99 -12.00
C ASP Q 394 -44.65 -41.90 -13.21
N ILE Q 395 -44.88 -43.19 -13.03
CA ILE Q 395 -44.61 -44.14 -14.11
C ILE Q 395 -45.64 -44.00 -15.23
N VAL Q 396 -46.93 -43.91 -14.88
CA VAL Q 396 -47.97 -44.04 -15.89
C VAL Q 396 -48.13 -42.75 -16.70
N TRP Q 397 -47.80 -41.58 -16.12
CA TRP Q 397 -47.73 -40.38 -16.93
C TRP Q 397 -46.57 -40.47 -17.92
N ASP Q 398 -45.48 -41.11 -17.52
CA ASP Q 398 -44.33 -41.29 -18.39
C ASP Q 398 -44.51 -42.45 -19.34
N LEU Q 399 -45.37 -43.41 -18.99
CA LEU Q 399 -45.78 -44.43 -19.96
C LEU Q 399 -46.61 -43.82 -21.06
N ILE Q 400 -47.45 -42.84 -20.72
CA ILE Q 400 -48.22 -42.12 -21.72
C ILE Q 400 -47.30 -41.28 -22.59
N ASP Q 401 -46.26 -40.69 -22.01
CA ASP Q 401 -45.23 -40.01 -22.78
C ASP Q 401 -44.21 -40.97 -23.41
N GLU Q 402 -44.37 -42.29 -23.21
CA GLU Q 402 -43.46 -43.25 -23.80
C GLU Q 402 -43.85 -43.62 -25.22
N ILE Q 403 -45.14 -43.52 -25.55
CA ILE Q 403 -45.58 -43.67 -26.93
C ILE Q 403 -45.05 -42.52 -27.78
N SER R 85 -47.53 -34.41 -30.58
CA SER R 85 -48.45 -34.33 -29.44
C SER R 85 -49.88 -34.71 -29.85
N THR R 86 -50.01 -35.44 -30.96
CA THR R 86 -51.31 -35.91 -31.40
C THR R 86 -51.76 -37.13 -30.61
N THR R 87 -50.85 -38.09 -30.39
CA THR R 87 -51.15 -39.22 -29.51
C THR R 87 -51.33 -38.76 -28.07
N ARG R 88 -50.66 -37.67 -27.69
CA ARG R 88 -50.86 -37.10 -26.37
C ARG R 88 -52.26 -36.51 -26.21
N ARG R 89 -52.73 -35.79 -27.22
CA ARG R 89 -53.99 -35.05 -27.17
C ARG R 89 -55.19 -35.95 -26.89
N TYR R 90 -55.25 -37.08 -27.59
CA TYR R 90 -56.37 -38.02 -27.42
C TYR R 90 -56.41 -38.61 -26.00
N LEU R 91 -55.30 -39.23 -25.59
CA LEU R 91 -55.25 -39.97 -24.33
C LEU R 91 -55.44 -39.05 -23.13
N ASN R 92 -54.81 -37.88 -23.17
CA ASN R 92 -54.90 -36.94 -22.06
C ASN R 92 -56.26 -36.28 -21.97
N GLU R 93 -57.00 -36.21 -23.08
CA GLU R 93 -58.37 -35.70 -23.01
C GLU R 93 -59.30 -36.69 -22.34
N HIS R 94 -59.32 -37.93 -22.83
CA HIS R 94 -60.32 -38.91 -22.45
C HIS R 94 -59.84 -39.86 -21.36
N VAL R 95 -58.68 -40.49 -21.58
CA VAL R 95 -58.33 -41.69 -20.83
C VAL R 95 -57.79 -41.36 -19.44
N THR R 96 -56.93 -40.34 -19.33
CA THR R 96 -56.13 -40.02 -18.14
C THR R 96 -56.91 -39.82 -16.85
N LYS R 97 -58.14 -39.30 -16.95
CA LYS R 97 -58.91 -38.97 -15.76
C LYS R 97 -59.26 -40.21 -14.95
N HIS R 98 -59.84 -41.22 -15.61
CA HIS R 98 -60.18 -42.44 -14.89
C HIS R 98 -59.05 -43.46 -14.87
N LEU R 99 -58.09 -43.34 -15.79
CA LEU R 99 -56.92 -44.22 -15.75
C LEU R 99 -56.06 -43.94 -14.52
N LEU R 100 -55.81 -42.66 -14.22
CA LEU R 100 -55.08 -42.30 -13.01
C LEU R 100 -55.88 -42.60 -11.75
N GLU R 101 -57.21 -42.52 -11.83
CA GLU R 101 -58.04 -42.83 -10.67
C GLU R 101 -58.01 -44.31 -10.33
N GLY R 102 -57.98 -45.17 -11.36
CA GLY R 102 -57.72 -46.57 -11.14
C GLY R 102 -56.28 -46.88 -10.81
N MET R 103 -55.35 -46.01 -11.17
CA MET R 103 -53.94 -46.25 -10.88
C MET R 103 -53.59 -45.82 -9.45
N LYS R 104 -54.17 -44.72 -8.98
CA LYS R 104 -54.00 -44.38 -7.57
C LYS R 104 -54.93 -45.16 -6.67
N LEU R 105 -55.79 -46.01 -7.24
CA LEU R 105 -56.57 -46.95 -6.43
C LEU R 105 -55.70 -48.07 -5.89
N ILE R 106 -54.91 -48.72 -6.76
CA ILE R 106 -54.02 -49.79 -6.33
C ILE R 106 -52.82 -49.28 -5.54
N ALA R 107 -52.54 -47.98 -5.61
CA ALA R 107 -51.47 -47.42 -4.80
C ALA R 107 -51.86 -47.30 -3.34
N ARG R 108 -53.16 -47.28 -3.05
CA ARG R 108 -53.62 -47.23 -1.66
C ARG R 108 -53.37 -48.56 -0.96
N GLU R 109 -53.89 -49.65 -1.53
CA GLU R 109 -53.63 -50.97 -1.00
C GLU R 109 -53.81 -51.98 -2.13
N LYS R 110 -52.92 -52.97 -2.18
CA LYS R 110 -52.94 -53.92 -3.27
C LYS R 110 -53.71 -55.19 -2.92
N PRO R 111 -54.46 -55.71 -3.88
CA PRO R 111 -54.81 -57.14 -3.86
C PRO R 111 -53.75 -57.92 -4.63
N GLU R 112 -53.71 -59.24 -4.37
CA GLU R 112 -52.70 -60.07 -5.00
C GLU R 112 -52.93 -60.29 -6.49
N ASP R 113 -54.07 -59.88 -7.04
CA ASP R 113 -54.27 -59.77 -8.48
C ASP R 113 -54.77 -58.35 -8.73
N PRO R 114 -53.87 -57.37 -8.83
CA PRO R 114 -54.31 -55.98 -8.98
C PRO R 114 -54.78 -55.66 -10.39
N LEU R 115 -54.17 -56.34 -11.38
CA LEU R 115 -54.49 -56.13 -12.79
C LEU R 115 -55.95 -56.40 -13.12
N ARG R 116 -56.57 -57.34 -12.40
CA ARG R 116 -57.99 -57.59 -12.57
C ARG R 116 -58.82 -56.40 -12.09
N VAL R 117 -58.44 -55.81 -10.96
CA VAL R 117 -59.18 -54.66 -10.43
C VAL R 117 -58.92 -53.43 -11.28
N LEU R 118 -57.73 -53.33 -11.90
CA LEU R 118 -57.51 -52.35 -12.95
C LEU R 118 -58.46 -52.56 -14.12
N GLY R 119 -58.66 -53.82 -14.51
CA GLY R 119 -59.70 -54.09 -15.49
C GLY R 119 -61.10 -53.78 -14.97
N GLN R 120 -61.34 -54.04 -13.69
CA GLN R 120 -62.67 -53.88 -13.12
C GLN R 120 -63.06 -52.41 -13.03
N PHE R 121 -62.10 -51.55 -12.70
CA PHE R 121 -62.40 -50.12 -12.58
C PHE R 121 -62.69 -49.48 -13.94
N LEU R 122 -62.06 -49.97 -15.02
CA LEU R 122 -62.28 -49.38 -16.32
C LEU R 122 -63.65 -49.72 -16.90
N ILE R 123 -64.26 -50.82 -16.45
CA ILE R 123 -65.60 -51.15 -16.90
C ILE R 123 -66.64 -50.27 -16.21
N ASP R 124 -66.39 -49.92 -14.94
CA ASP R 124 -67.38 -49.20 -14.13
C ASP R 124 -67.56 -47.76 -14.61
N ALA R 125 -66.51 -47.15 -15.15
CA ALA R 125 -66.62 -45.79 -15.67
C ALA R 125 -67.46 -45.75 -16.95
N SER R 126 -67.33 -46.77 -17.79
CA SER R 126 -68.12 -46.85 -19.01
C SER R 126 -69.56 -47.28 -18.71
N PRO S 78 -35.58 -58.77 -9.32
CA PRO S 78 -35.80 -58.77 -10.77
C PRO S 78 -35.98 -57.37 -11.33
N VAL S 79 -37.04 -57.17 -12.11
CA VAL S 79 -37.28 -55.88 -12.75
C VAL S 79 -38.08 -54.97 -11.84
N ALA S 80 -38.34 -55.41 -10.61
CA ALA S 80 -38.85 -54.50 -9.59
C ALA S 80 -37.78 -53.50 -9.18
N MET S 81 -36.55 -53.99 -8.98
CA MET S 81 -35.45 -53.14 -8.58
C MET S 81 -34.92 -52.30 -9.74
N ILE S 82 -35.16 -52.72 -11.00
CA ILE S 82 -34.59 -52.00 -12.13
C ILE S 82 -35.31 -50.68 -12.36
N GLY S 83 -36.51 -50.53 -11.79
CA GLY S 83 -37.21 -49.26 -11.82
C GLY S 83 -37.00 -48.49 -10.55
N GLY S 84 -35.83 -48.66 -9.95
CA GLY S 84 -35.49 -48.00 -8.71
C GLY S 84 -35.84 -48.83 -7.52
N SER S 85 -35.81 -48.20 -6.35
CA SER S 85 -36.01 -48.92 -5.09
C SER S 85 -36.91 -48.14 -4.14
N THR S 86 -38.22 -48.30 -4.33
CA THR S 86 -39.20 -48.14 -3.26
C THR S 86 -40.07 -49.39 -3.33
N THR S 87 -40.48 -49.89 -2.16
CA THR S 87 -41.25 -51.13 -2.10
C THR S 87 -42.64 -50.96 -2.74
N ARG S 88 -43.18 -49.74 -2.73
CA ARG S 88 -44.44 -49.48 -3.40
C ARG S 88 -44.29 -49.38 -4.91
N ARG S 89 -43.05 -49.36 -5.43
CA ARG S 89 -42.74 -49.59 -6.83
C ARG S 89 -42.50 -51.07 -7.13
N TYR S 90 -43.14 -51.97 -6.36
CA TYR S 90 -43.42 -53.33 -6.81
C TYR S 90 -44.20 -53.38 -8.12
N LEU S 91 -44.94 -52.30 -8.44
CA LEU S 91 -45.70 -52.17 -9.67
C LEU S 91 -44.86 -52.43 -10.91
N ASN S 92 -43.58 -52.02 -10.86
CA ASN S 92 -42.64 -52.28 -11.93
C ASN S 92 -42.51 -53.78 -12.21
N GLU S 93 -42.53 -54.59 -11.15
CA GLU S 93 -42.69 -56.02 -11.33
C GLU S 93 -44.13 -56.38 -11.64
N HIS S 94 -45.08 -55.73 -10.98
CA HIS S 94 -46.40 -56.35 -10.85
C HIS S 94 -47.36 -55.98 -11.97
N VAL S 95 -47.49 -54.71 -12.32
CA VAL S 95 -48.57 -54.23 -13.17
C VAL S 95 -48.08 -53.65 -14.49
N THR S 96 -46.87 -53.06 -14.51
CA THR S 96 -46.51 -52.08 -15.52
C THR S 96 -46.32 -52.69 -16.91
N LYS S 97 -45.57 -53.80 -16.99
CA LYS S 97 -45.21 -54.37 -18.28
C LYS S 97 -46.43 -54.84 -19.07
N HIS S 98 -47.38 -55.45 -18.37
CA HIS S 98 -48.55 -55.98 -19.06
C HIS S 98 -49.53 -54.86 -19.44
N LEU S 99 -49.59 -53.78 -18.65
CA LEU S 99 -50.45 -52.67 -19.02
C LEU S 99 -49.87 -51.90 -20.20
N LEU S 100 -48.54 -51.70 -20.22
CA LEU S 100 -47.91 -51.00 -21.33
C LEU S 100 -47.99 -51.82 -22.60
N GLU S 101 -47.86 -53.15 -22.48
CA GLU S 101 -48.13 -54.00 -23.63
C GLU S 101 -49.61 -53.97 -24.01
N GLY S 102 -50.49 -53.73 -23.03
CA GLY S 102 -51.88 -53.47 -23.38
C GLY S 102 -52.08 -52.10 -23.98
N MET S 103 -51.35 -51.09 -23.46
CA MET S 103 -51.54 -49.72 -23.93
C MET S 103 -50.86 -49.47 -25.27
N LYS S 104 -49.72 -50.13 -25.55
CA LYS S 104 -48.98 -49.81 -26.76
C LYS S 104 -49.60 -50.41 -28.02
N LEU S 105 -50.57 -51.29 -27.89
CA LEU S 105 -51.35 -51.69 -29.06
C LEU S 105 -52.40 -50.64 -29.39
N ILE S 106 -52.96 -50.03 -28.36
CA ILE S 106 -53.93 -48.95 -28.50
C ILE S 106 -53.27 -47.70 -29.06
N ASP S 113 -60.03 -44.90 -29.52
CA ASP S 113 -60.24 -46.25 -29.03
C ASP S 113 -60.77 -46.19 -27.60
N PRO S 114 -62.00 -46.66 -27.39
CA PRO S 114 -62.65 -46.52 -26.08
C PRO S 114 -61.96 -47.32 -24.98
N LEU S 115 -62.43 -47.06 -23.77
CA LEU S 115 -61.89 -47.63 -22.53
C LEU S 115 -62.31 -49.07 -22.29
N ARG S 116 -63.21 -49.62 -23.10
CA ARG S 116 -63.68 -50.98 -22.89
C ARG S 116 -62.66 -52.01 -23.37
N VAL S 117 -61.96 -51.72 -24.48
CA VAL S 117 -60.92 -52.63 -24.96
C VAL S 117 -59.73 -52.62 -23.99
N LEU S 118 -59.43 -51.44 -23.42
CA LEU S 118 -58.45 -51.36 -22.34
C LEU S 118 -59.01 -51.92 -21.03
N GLY S 119 -60.34 -52.01 -20.91
CA GLY S 119 -60.90 -52.71 -19.78
C GLY S 119 -60.57 -54.19 -19.77
N GLN S 120 -60.46 -54.80 -20.95
CA GLN S 120 -60.11 -56.21 -21.08
C GLN S 120 -58.61 -56.41 -21.19
N PHE S 121 -57.88 -55.45 -21.75
CA PHE S 121 -56.44 -55.58 -21.96
C PHE S 121 -55.64 -55.54 -20.66
N LEU S 122 -56.27 -55.23 -19.53
CA LEU S 122 -55.66 -55.41 -18.22
C LEU S 122 -56.13 -56.70 -17.54
N ILE S 123 -57.05 -57.44 -18.15
CA ILE S 123 -57.53 -58.72 -17.62
C ILE S 123 -56.71 -59.88 -18.19
N ASP S 124 -56.21 -59.75 -19.42
CA ASP S 124 -55.58 -60.82 -20.17
C ASP S 124 -54.29 -61.35 -19.54
N ALA S 125 -53.67 -60.62 -18.63
CA ALA S 125 -52.43 -61.08 -18.03
C ALA S 125 -52.66 -62.14 -16.95
N SER S 126 -53.84 -62.15 -16.32
CA SER S 126 -54.17 -63.17 -15.33
C SER S 126 -54.98 -64.28 -15.96
#